data_4MO0
# 
_entry.id   4MO0 
# 
_audit_conform.dict_name       mmcif_pdbx.dic 
_audit_conform.dict_version    5.399 
_audit_conform.dict_location   http://mmcif.pdb.org/dictionaries/ascii/mmcif_pdbx.dic 
# 
loop_
_database_2.database_id 
_database_2.database_code 
_database_2.pdbx_database_accession 
_database_2.pdbx_DOI 
PDB   4MO0         pdb_00004mo0 10.2210/pdb4mo0/pdb 
RCSB  RCSB082150   ?            ?                   
WWPDB D_1000082150 ?            ?                   
# 
loop_
_pdbx_audit_revision_history.ordinal 
_pdbx_audit_revision_history.data_content_type 
_pdbx_audit_revision_history.major_revision 
_pdbx_audit_revision_history.minor_revision 
_pdbx_audit_revision_history.revision_date 
1 'Structure model' 1 0 2014-09-17 
2 'Structure model' 1 1 2024-11-27 
# 
_pdbx_audit_revision_details.ordinal             1 
_pdbx_audit_revision_details.revision_ordinal    1 
_pdbx_audit_revision_details.data_content_type   'Structure model' 
_pdbx_audit_revision_details.provider            repository 
_pdbx_audit_revision_details.type                'Initial release' 
_pdbx_audit_revision_details.description         ? 
_pdbx_audit_revision_details.details             ? 
# 
loop_
_pdbx_audit_revision_group.ordinal 
_pdbx_audit_revision_group.revision_ordinal 
_pdbx_audit_revision_group.data_content_type 
_pdbx_audit_revision_group.group 
1 2 'Structure model' 'Data collection'     
2 2 'Structure model' 'Database references' 
3 2 'Structure model' 'Structure summary'   
# 
loop_
_pdbx_audit_revision_category.ordinal 
_pdbx_audit_revision_category.revision_ordinal 
_pdbx_audit_revision_category.data_content_type 
_pdbx_audit_revision_category.category 
1 2 'Structure model' chem_comp_atom            
2 2 'Structure model' chem_comp_bond            
3 2 'Structure model' database_2                
4 2 'Structure model' pdbx_entry_details        
5 2 'Structure model' pdbx_modification_feature 
# 
loop_
_pdbx_audit_revision_item.ordinal 
_pdbx_audit_revision_item.revision_ordinal 
_pdbx_audit_revision_item.data_content_type 
_pdbx_audit_revision_item.item 
1 2 'Structure model' '_database_2.pdbx_DOI'                
2 2 'Structure model' '_database_2.pdbx_database_accession' 
# 
_pdbx_database_status.status_code                     REL 
_pdbx_database_status.entry_id                        4MO0 
_pdbx_database_status.recvd_initial_deposition_date   2013-09-11 
_pdbx_database_status.deposit_site                    RCSB 
_pdbx_database_status.process_site                    RCSB 
_pdbx_database_status.status_code_sf                  REL 
_pdbx_database_status.status_code_mr                  ? 
_pdbx_database_status.SG_entry                        ? 
_pdbx_database_status.status_code_cs                  ? 
_pdbx_database_status.methods_development_category    ? 
_pdbx_database_status.pdb_format_compatible           Y 
_pdbx_database_status.status_code_nmr_data            ? 
# 
_pdbx_database_related.db_name        PDB 
_pdbx_database_related.db_id          4MNO 
_pdbx_database_related.details        . 
_pdbx_database_related.content_type   unspecified 
# 
loop_
_audit_author.name 
_audit_author.pdbx_ordinal 
'Schmitt, E.'  1 
'Mechulam, Y.' 2 
# 
_citation.id                        primary 
_citation.title                     'Crystal structure of aIF1 from Methanocaldococcus jannaschii' 
_citation.journal_abbrev            'To be Published' 
_citation.journal_volume            ? 
_citation.page_first                ? 
_citation.page_last                 ? 
_citation.year                      ? 
_citation.journal_id_ASTM           ? 
_citation.country                   ? 
_citation.journal_id_ISSN           ? 
_citation.journal_id_CSD            0353 
_citation.book_publisher            ? 
_citation.pdbx_database_id_PubMed   ? 
_citation.pdbx_database_id_DOI      ? 
# 
loop_
_citation_author.citation_id 
_citation_author.name 
_citation_author.ordinal 
_citation_author.identifier_ORCID 
primary 'Coureux, P.-D.'  1 ? 
primary 'Schmitt, E.'     2 ? 
primary 'Monestier, A.'   3 ? 
primary 'Larquet, E.'     4 ? 
primary 'Cladiere, L.'    5 ? 
primary 'Menetret, J.-F.' 6 ? 
primary 'Klaholz, B.'     7 ? 
primary 'Mechulam, Y.'    8 ? 
# 
loop_
_entity.id 
_entity.type 
_entity.src_method 
_entity.pdbx_description 
_entity.formula_weight 
_entity.pdbx_number_of_molecules 
_entity.pdbx_ec 
_entity.pdbx_mutation 
_entity.pdbx_fragment 
_entity.details 
1 polymer man 'Protein translation factor SUI1 homolog' 11621.787 1  ? ? ? ? 
2 water   nat water                                     18.015    38 ? ? ? ? 
# 
_entity_name_com.entity_id   1 
_entity_name_com.name        aIF1 
# 
_entity_poly.entity_id                      1 
_entity_poly.type                           'polypeptide(L)' 
_entity_poly.nstd_linkage                   no 
_entity_poly.nstd_monomer                   no 
_entity_poly.pdbx_seq_one_letter_code       
;MPEICPRCGLPKELCVCEEIAKEEQKIKIYVTKRRFGKLMTIIEGFDTSVIDLKELAKKLKDICACGGTVKDNTIELQGD
HRKKVAEELVKMGFSRDSIEIR
;
_entity_poly.pdbx_seq_one_letter_code_can   
;MPEICPRCGLPKELCVCEEIAKEEQKIKIYVTKRRFGKLMTIIEGFDTSVIDLKELAKKLKDICACGGTVKDNTIELQGD
HRKKVAEELVKMGFSRDSIEIR
;
_entity_poly.pdbx_strand_id                 A 
_entity_poly.pdbx_target_identifier         ? 
# 
_pdbx_entity_nonpoly.entity_id   2 
_pdbx_entity_nonpoly.name        water 
_pdbx_entity_nonpoly.comp_id     HOH 
# 
loop_
_entity_poly_seq.entity_id 
_entity_poly_seq.num 
_entity_poly_seq.mon_id 
_entity_poly_seq.hetero 
1 1   MET n 
1 2   PRO n 
1 3   GLU n 
1 4   ILE n 
1 5   CYS n 
1 6   PRO n 
1 7   ARG n 
1 8   CYS n 
1 9   GLY n 
1 10  LEU n 
1 11  PRO n 
1 12  LYS n 
1 13  GLU n 
1 14  LEU n 
1 15  CYS n 
1 16  VAL n 
1 17  CYS n 
1 18  GLU n 
1 19  GLU n 
1 20  ILE n 
1 21  ALA n 
1 22  LYS n 
1 23  GLU n 
1 24  GLU n 
1 25  GLN n 
1 26  LYS n 
1 27  ILE n 
1 28  LYS n 
1 29  ILE n 
1 30  TYR n 
1 31  VAL n 
1 32  THR n 
1 33  LYS n 
1 34  ARG n 
1 35  ARG n 
1 36  PHE n 
1 37  GLY n 
1 38  LYS n 
1 39  LEU n 
1 40  MET n 
1 41  THR n 
1 42  ILE n 
1 43  ILE n 
1 44  GLU n 
1 45  GLY n 
1 46  PHE n 
1 47  ASP n 
1 48  THR n 
1 49  SER n 
1 50  VAL n 
1 51  ILE n 
1 52  ASP n 
1 53  LEU n 
1 54  LYS n 
1 55  GLU n 
1 56  LEU n 
1 57  ALA n 
1 58  LYS n 
1 59  LYS n 
1 60  LEU n 
1 61  LYS n 
1 62  ASP n 
1 63  ILE n 
1 64  CYS n 
1 65  ALA n 
1 66  CYS n 
1 67  GLY n 
1 68  GLY n 
1 69  THR n 
1 70  VAL n 
1 71  LYS n 
1 72  ASP n 
1 73  ASN n 
1 74  THR n 
1 75  ILE n 
1 76  GLU n 
1 77  LEU n 
1 78  GLN n 
1 79  GLY n 
1 80  ASP n 
1 81  HIS n 
1 82  ARG n 
1 83  LYS n 
1 84  LYS n 
1 85  VAL n 
1 86  ALA n 
1 87  GLU n 
1 88  GLU n 
1 89  LEU n 
1 90  VAL n 
1 91  LYS n 
1 92  MET n 
1 93  GLY n 
1 94  PHE n 
1 95  SER n 
1 96  ARG n 
1 97  ASP n 
1 98  SER n 
1 99  ILE n 
1 100 GLU n 
1 101 ILE n 
1 102 ARG n 
# 
_entity_src_gen.entity_id                          1 
_entity_src_gen.pdbx_src_id                        1 
_entity_src_gen.pdbx_alt_source_flag               sample 
_entity_src_gen.pdbx_seq_type                      ? 
_entity_src_gen.pdbx_beg_seq_num                   ? 
_entity_src_gen.pdbx_end_seq_num                   ? 
_entity_src_gen.gene_src_common_name               ? 
_entity_src_gen.gene_src_genus                     ? 
_entity_src_gen.pdbx_gene_src_gene                 'MJ0463, sui1' 
_entity_src_gen.gene_src_species                   ? 
_entity_src_gen.gene_src_strain                    ? 
_entity_src_gen.gene_src_tissue                    ? 
_entity_src_gen.gene_src_tissue_fraction           ? 
_entity_src_gen.gene_src_details                   ? 
_entity_src_gen.pdbx_gene_src_fragment             ? 
_entity_src_gen.pdbx_gene_src_scientific_name      'Methanocaldococcus jannaschii' 
_entity_src_gen.pdbx_gene_src_ncbi_taxonomy_id     2190 
_entity_src_gen.pdbx_gene_src_variant              ? 
_entity_src_gen.pdbx_gene_src_cell_line            ? 
_entity_src_gen.pdbx_gene_src_atcc                 ? 
_entity_src_gen.pdbx_gene_src_organ                ? 
_entity_src_gen.pdbx_gene_src_organelle            ? 
_entity_src_gen.pdbx_gene_src_cell                 ? 
_entity_src_gen.pdbx_gene_src_cellular_location    ? 
_entity_src_gen.host_org_common_name               ? 
_entity_src_gen.pdbx_host_org_scientific_name      'Escherichia coli' 
_entity_src_gen.pdbx_host_org_ncbi_taxonomy_id     511693 
_entity_src_gen.host_org_genus                     ? 
_entity_src_gen.pdbx_host_org_gene                 ? 
_entity_src_gen.pdbx_host_org_organ                ? 
_entity_src_gen.host_org_species                   ? 
_entity_src_gen.pdbx_host_org_tissue               ? 
_entity_src_gen.pdbx_host_org_tissue_fraction      ? 
_entity_src_gen.pdbx_host_org_strain               'BL21 Rosetta' 
_entity_src_gen.pdbx_host_org_variant              ? 
_entity_src_gen.pdbx_host_org_cell_line            ? 
_entity_src_gen.pdbx_host_org_atcc                 ? 
_entity_src_gen.pdbx_host_org_culture_collection   ? 
_entity_src_gen.pdbx_host_org_cell                 ? 
_entity_src_gen.pdbx_host_org_organelle            ? 
_entity_src_gen.pdbx_host_org_cellular_location    ? 
_entity_src_gen.pdbx_host_org_vector_type          plasmid 
_entity_src_gen.pdbx_host_org_vector               ? 
_entity_src_gen.host_org_details                   ? 
_entity_src_gen.expression_system_id               ? 
_entity_src_gen.plasmid_name                       pet15blpa 
_entity_src_gen.plasmid_details                    ? 
_entity_src_gen.pdbx_description                   ? 
# 
loop_
_chem_comp.id 
_chem_comp.type 
_chem_comp.mon_nstd_flag 
_chem_comp.name 
_chem_comp.pdbx_synonyms 
_chem_comp.formula 
_chem_comp.formula_weight 
ALA 'L-peptide linking' y ALANINE         ? 'C3 H7 N O2'     89.093  
ARG 'L-peptide linking' y ARGININE        ? 'C6 H15 N4 O2 1' 175.209 
ASN 'L-peptide linking' y ASPARAGINE      ? 'C4 H8 N2 O3'    132.118 
ASP 'L-peptide linking' y 'ASPARTIC ACID' ? 'C4 H7 N O4'     133.103 
CYS 'L-peptide linking' y CYSTEINE        ? 'C3 H7 N O2 S'   121.158 
GLN 'L-peptide linking' y GLUTAMINE       ? 'C5 H10 N2 O3'   146.144 
GLU 'L-peptide linking' y 'GLUTAMIC ACID' ? 'C5 H9 N O4'     147.129 
GLY 'peptide linking'   y GLYCINE         ? 'C2 H5 N O2'     75.067  
HIS 'L-peptide linking' y HISTIDINE       ? 'C6 H10 N3 O2 1' 156.162 
HOH non-polymer         . WATER           ? 'H2 O'           18.015  
ILE 'L-peptide linking' y ISOLEUCINE      ? 'C6 H13 N O2'    131.173 
LEU 'L-peptide linking' y LEUCINE         ? 'C6 H13 N O2'    131.173 
LYS 'L-peptide linking' y LYSINE          ? 'C6 H15 N2 O2 1' 147.195 
MET 'L-peptide linking' y METHIONINE      ? 'C5 H11 N O2 S'  149.211 
PHE 'L-peptide linking' y PHENYLALANINE   ? 'C9 H11 N O2'    165.189 
PRO 'L-peptide linking' y PROLINE         ? 'C5 H9 N O2'     115.130 
SER 'L-peptide linking' y SERINE          ? 'C3 H7 N O3'     105.093 
THR 'L-peptide linking' y THREONINE       ? 'C4 H9 N O3'     119.119 
TYR 'L-peptide linking' y TYROSINE        ? 'C9 H11 N O3'    181.189 
VAL 'L-peptide linking' y VALINE          ? 'C5 H11 N O2'    117.146 
# 
loop_
_pdbx_poly_seq_scheme.asym_id 
_pdbx_poly_seq_scheme.entity_id 
_pdbx_poly_seq_scheme.seq_id 
_pdbx_poly_seq_scheme.mon_id 
_pdbx_poly_seq_scheme.ndb_seq_num 
_pdbx_poly_seq_scheme.pdb_seq_num 
_pdbx_poly_seq_scheme.auth_seq_num 
_pdbx_poly_seq_scheme.pdb_mon_id 
_pdbx_poly_seq_scheme.auth_mon_id 
_pdbx_poly_seq_scheme.pdb_strand_id 
_pdbx_poly_seq_scheme.pdb_ins_code 
_pdbx_poly_seq_scheme.hetero 
A 1 1   MET 1   1   ?   ?   ?   A . n 
A 1 2   PRO 2   2   ?   ?   ?   A . n 
A 1 3   GLU 3   3   ?   ?   ?   A . n 
A 1 4   ILE 4   4   ?   ?   ?   A . n 
A 1 5   CYS 5   5   ?   ?   ?   A . n 
A 1 6   PRO 6   6   ?   ?   ?   A . n 
A 1 7   ARG 7   7   ?   ?   ?   A . n 
A 1 8   CYS 8   8   ?   ?   ?   A . n 
A 1 9   GLY 9   9   ?   ?   ?   A . n 
A 1 10  LEU 10  10  ?   ?   ?   A . n 
A 1 11  PRO 11  11  ?   ?   ?   A . n 
A 1 12  LYS 12  12  ?   ?   ?   A . n 
A 1 13  GLU 13  13  ?   ?   ?   A . n 
A 1 14  LEU 14  14  ?   ?   ?   A . n 
A 1 15  CYS 15  15  ?   ?   ?   A . n 
A 1 16  VAL 16  16  ?   ?   ?   A . n 
A 1 17  CYS 17  17  ?   ?   ?   A . n 
A 1 18  GLU 18  18  ?   ?   ?   A . n 
A 1 19  GLU 19  19  ?   ?   ?   A . n 
A 1 20  ILE 20  20  ?   ?   ?   A . n 
A 1 21  ALA 21  21  ?   ?   ?   A . n 
A 1 22  LYS 22  22  ?   ?   ?   A . n 
A 1 23  GLU 23  23  ?   ?   ?   A . n 
A 1 24  GLU 24  24  24  GLU ALA A . n 
A 1 25  GLN 25  25  25  GLN GLN A . n 
A 1 26  LYS 26  26  26  LYS LYS A . n 
A 1 27  ILE 27  27  27  ILE ILE A . n 
A 1 28  LYS 28  28  28  LYS LYS A . n 
A 1 29  ILE 29  29  29  ILE ILE A . n 
A 1 30  TYR 30  30  30  TYR TYR A . n 
A 1 31  VAL 31  31  31  VAL VAL A . n 
A 1 32  THR 32  32  32  THR THR A . n 
A 1 33  LYS 33  33  33  LYS LYS A . n 
A 1 34  ARG 34  34  34  ARG ARG A . n 
A 1 35  ARG 35  35  35  ARG ARG A . n 
A 1 36  PHE 36  36  36  PHE PHE A . n 
A 1 37  GLY 37  37  37  GLY GLY A . n 
A 1 38  LYS 38  38  38  LYS LYS A . n 
A 1 39  LEU 39  39  39  LEU LEU A . n 
A 1 40  MET 40  40  40  MET MET A . n 
A 1 41  THR 41  41  41  THR THR A . n 
A 1 42  ILE 42  42  42  ILE ILE A . n 
A 1 43  ILE 43  43  43  ILE ILE A . n 
A 1 44  GLU 44  44  44  GLU GLU A . n 
A 1 45  GLY 45  45  45  GLY GLY A . n 
A 1 46  PHE 46  46  46  PHE PHE A . n 
A 1 47  ASP 47  47  47  ASP ASP A . n 
A 1 48  THR 48  48  48  THR THR A . n 
A 1 49  SER 49  49  49  SER SER A . n 
A 1 50  VAL 50  50  50  VAL VAL A . n 
A 1 51  ILE 51  51  51  ILE ILE A . n 
A 1 52  ASP 52  52  52  ASP ASP A . n 
A 1 53  LEU 53  53  53  LEU LEU A . n 
A 1 54  LYS 54  54  54  LYS LYS A . n 
A 1 55  GLU 55  55  55  GLU GLU A . n 
A 1 56  LEU 56  56  56  LEU LEU A . n 
A 1 57  ALA 57  57  57  ALA ALA A . n 
A 1 58  LYS 58  58  58  LYS LYS A . n 
A 1 59  LYS 59  59  59  LYS LYS A . n 
A 1 60  LEU 60  60  60  LEU LEU A . n 
A 1 61  LYS 61  61  61  LYS LYS A . n 
A 1 62  ASP 62  62  62  ASP ASP A . n 
A 1 63  ILE 63  63  63  ILE ILE A . n 
A 1 64  CYS 64  64  64  CYS CYS A . n 
A 1 65  ALA 65  65  65  ALA ALA A . n 
A 1 66  CYS 66  66  66  CYS CYS A . n 
A 1 67  GLY 67  67  67  GLY GLY A . n 
A 1 68  GLY 68  68  68  GLY GLY A . n 
A 1 69  THR 69  69  69  THR THR A . n 
A 1 70  VAL 70  70  70  VAL VAL A . n 
A 1 71  LYS 71  71  71  LYS LYS A . n 
A 1 72  ASP 72  72  72  ASP ASP A . n 
A 1 73  ASN 73  73  73  ASN ASN A . n 
A 1 74  THR 74  74  74  THR THR A . n 
A 1 75  ILE 75  75  75  ILE ILE A . n 
A 1 76  GLU 76  76  76  GLU GLU A . n 
A 1 77  LEU 77  77  77  LEU LEU A . n 
A 1 78  GLN 78  78  78  GLN GLN A . n 
A 1 79  GLY 79  79  79  GLY GLY A . n 
A 1 80  ASP 80  80  80  ASP ASP A . n 
A 1 81  HIS 81  81  81  HIS HIS A . n 
A 1 82  ARG 82  82  82  ARG ARG A . n 
A 1 83  LYS 83  83  83  LYS LYS A . n 
A 1 84  LYS 84  84  84  LYS LYS A . n 
A 1 85  VAL 85  85  85  VAL VAL A . n 
A 1 86  ALA 86  86  86  ALA ALA A . n 
A 1 87  GLU 87  87  87  GLU GLU A . n 
A 1 88  GLU 88  88  88  GLU GLU A . n 
A 1 89  LEU 89  89  89  LEU LEU A . n 
A 1 90  VAL 90  90  90  VAL VAL A . n 
A 1 91  LYS 91  91  91  LYS LYS A . n 
A 1 92  MET 92  92  92  MET MET A . n 
A 1 93  GLY 93  93  93  GLY GLY A . n 
A 1 94  PHE 94  94  94  PHE PHE A . n 
A 1 95  SER 95  95  95  SER SER A . n 
A 1 96  ARG 96  96  96  ARG ARG A . n 
A 1 97  ASP 97  97  97  ASP ASP A . n 
A 1 98  SER 98  98  98  SER SER A . n 
A 1 99  ILE 99  99  99  ILE ILE A . n 
A 1 100 GLU 100 100 100 GLU GLU A . n 
A 1 101 ILE 101 101 101 ILE ILE A . n 
A 1 102 ARG 102 102 102 ARG ARG A . n 
# 
loop_
_pdbx_nonpoly_scheme.asym_id 
_pdbx_nonpoly_scheme.entity_id 
_pdbx_nonpoly_scheme.mon_id 
_pdbx_nonpoly_scheme.ndb_seq_num 
_pdbx_nonpoly_scheme.pdb_seq_num 
_pdbx_nonpoly_scheme.auth_seq_num 
_pdbx_nonpoly_scheme.pdb_mon_id 
_pdbx_nonpoly_scheme.auth_mon_id 
_pdbx_nonpoly_scheme.pdb_strand_id 
_pdbx_nonpoly_scheme.pdb_ins_code 
B 2 HOH 1  201 103 HOH HOH A . 
B 2 HOH 2  202 104 HOH HOH A . 
B 2 HOH 3  203 105 HOH HOH A . 
B 2 HOH 4  204 106 HOH HOH A . 
B 2 HOH 5  205 107 HOH HOH A . 
B 2 HOH 6  206 108 HOH HOH A . 
B 2 HOH 7  207 109 HOH HOH A . 
B 2 HOH 8  208 110 HOH HOH A . 
B 2 HOH 9  209 111 HOH HOH A . 
B 2 HOH 10 210 112 HOH HOH A . 
B 2 HOH 11 211 113 HOH HOH A . 
B 2 HOH 12 212 114 HOH HOH A . 
B 2 HOH 13 213 115 HOH HOH A . 
B 2 HOH 14 214 116 HOH HOH A . 
B 2 HOH 15 215 117 HOH HOH A . 
B 2 HOH 16 216 118 HOH HOH A . 
B 2 HOH 17 217 119 HOH HOH A . 
B 2 HOH 18 218 120 HOH HOH A . 
B 2 HOH 19 219 121 HOH HOH A . 
B 2 HOH 20 220 122 HOH HOH A . 
B 2 HOH 21 221 123 HOH HOH A . 
B 2 HOH 22 222 124 HOH HOH A . 
B 2 HOH 23 223 125 HOH HOH A . 
B 2 HOH 24 224 126 HOH HOH A . 
B 2 HOH 25 225 127 HOH HOH A . 
B 2 HOH 26 226 128 HOH HOH A . 
B 2 HOH 27 227 129 HOH HOH A . 
B 2 HOH 28 228 130 HOH HOH A . 
B 2 HOH 29 229 131 HOH HOH A . 
B 2 HOH 30 230 132 HOH HOH A . 
B 2 HOH 31 231 133 HOH HOH A . 
B 2 HOH 32 232 134 HOH HOH A . 
B 2 HOH 33 233 135 HOH HOH A . 
B 2 HOH 34 234 136 HOH HOH A . 
B 2 HOH 35 235 137 HOH HOH A . 
B 2 HOH 36 236 138 HOH HOH A . 
B 2 HOH 37 237 139 HOH HOH A . 
B 2 HOH 38 238 140 HOH HOH A . 
# 
loop_
_pdbx_unobs_or_zero_occ_atoms.id 
_pdbx_unobs_or_zero_occ_atoms.PDB_model_num 
_pdbx_unobs_or_zero_occ_atoms.polymer_flag 
_pdbx_unobs_or_zero_occ_atoms.occupancy_flag 
_pdbx_unobs_or_zero_occ_atoms.auth_asym_id 
_pdbx_unobs_or_zero_occ_atoms.auth_comp_id 
_pdbx_unobs_or_zero_occ_atoms.auth_seq_id 
_pdbx_unobs_or_zero_occ_atoms.PDB_ins_code 
_pdbx_unobs_or_zero_occ_atoms.auth_atom_id 
_pdbx_unobs_or_zero_occ_atoms.label_alt_id 
_pdbx_unobs_or_zero_occ_atoms.label_asym_id 
_pdbx_unobs_or_zero_occ_atoms.label_comp_id 
_pdbx_unobs_or_zero_occ_atoms.label_seq_id 
_pdbx_unobs_or_zero_occ_atoms.label_atom_id 
1 1 Y 1 A GLU 24 ? CG  ? A GLU 24 CG  
2 1 Y 1 A GLU 24 ? CD  ? A GLU 24 CD  
3 1 Y 1 A GLU 24 ? OE1 ? A GLU 24 OE1 
4 1 Y 1 A GLU 24 ? OE2 ? A GLU 24 OE2 
# 
loop_
_software.name 
_software.classification 
_software.version 
_software.citation_id 
_software.pdbx_ordinal 
ADSC   'data collection' Quantum                      ? 1 
SOLVE  phasing           .                            ? 2 
PHENIX refinement        '(phenix.refine: 1.7.2_869)' ? 3 
XDS    'data reduction'  .                            ? 4 
XSCALE 'data scaling'    .                            ? 5 
# 
_cell.entry_id           4MO0 
_cell.length_a           51.440 
_cell.length_b           51.440 
_cell.length_c           146.060 
_cell.angle_alpha        90.00 
_cell.angle_beta         90.00 
_cell.angle_gamma        120.00 
_cell.Z_PDB              12 
_cell.pdbx_unique_axis   ? 
_cell.length_a_esd       ? 
_cell.length_b_esd       ? 
_cell.length_c_esd       ? 
_cell.angle_alpha_esd    ? 
_cell.angle_beta_esd     ? 
_cell.angle_gamma_esd    ? 
# 
_symmetry.entry_id                         4MO0 
_symmetry.space_group_name_H-M             'P 61 2 2' 
_symmetry.pdbx_full_space_group_name_H-M   ? 
_symmetry.cell_setting                     ? 
_symmetry.Int_Tables_number                178 
_symmetry.space_group_name_Hall            ? 
# 
_exptl.entry_id          4MO0 
_exptl.method            'X-RAY DIFFRACTION' 
_exptl.crystals_number   1 
# 
_exptl_crystal.id                    1 
_exptl_crystal.density_meas          ? 
_exptl_crystal.density_Matthews      2.40 
_exptl_crystal.density_percent_sol   48.75 
_exptl_crystal.description           ? 
_exptl_crystal.F_000                 ? 
_exptl_crystal.preparation           ? 
# 
_exptl_crystal_grow.crystal_id      1 
_exptl_crystal_grow.method          'VAPOR DIFFUSION, HANGING DROP' 
_exptl_crystal_grow.temp            297 
_exptl_crystal_grow.temp_details    ? 
_exptl_crystal_grow.pH              7.5 
_exptl_crystal_grow.pdbx_details    '25% PEG3350, 0.1 M HEPES, pH 7.5, VAPOR DIFFUSION, HANGING DROP, temperature 297K' 
_exptl_crystal_grow.pdbx_pH_range   ? 
# 
_diffrn.id                     1 
_diffrn.ambient_temp           100 
_diffrn.ambient_temp_details   ? 
_diffrn.crystal_id             1 
# 
_diffrn_detector.diffrn_id              1 
_diffrn_detector.detector               CCD 
_diffrn_detector.type                   'ADSC QUANTUM 315r' 
_diffrn_detector.pdbx_collection_date   2010-09-16 
_diffrn_detector.details                ? 
# 
_diffrn_radiation.diffrn_id                        1 
_diffrn_radiation.wavelength_id                    1 
_diffrn_radiation.pdbx_monochromatic_or_laue_m_l   M 
_diffrn_radiation.monochromator                    'channel cut Si(111)' 
_diffrn_radiation.pdbx_diffrn_protocol             'SINGLE WAVELENGTH' 
_diffrn_radiation.pdbx_scattering_type             x-ray 
# 
_diffrn_radiation_wavelength.id           1 
_diffrn_radiation_wavelength.wavelength   0.98011 
_diffrn_radiation_wavelength.wt           1.0 
# 
_diffrn_source.diffrn_id                   1 
_diffrn_source.source                      SYNCHROTRON 
_diffrn_source.type                        'SOLEIL BEAMLINE PROXIMA 1' 
_diffrn_source.pdbx_synchrotron_site       SOLEIL 
_diffrn_source.pdbx_synchrotron_beamline   'PROXIMA 1' 
_diffrn_source.pdbx_wavelength             ? 
_diffrn_source.pdbx_wavelength_list        0.98011 
# 
_reflns.entry_id                     4MO0 
_reflns.observed_criterion_sigma_I   0 
_reflns.observed_criterion_sigma_F   0 
_reflns.d_resolution_low             32.9 
_reflns.d_resolution_high            2.1 
_reflns.number_obs                   7272 
_reflns.number_all                   7257 
_reflns.percent_possible_obs         99.8 
_reflns.pdbx_Rmerge_I_obs            0.063 
_reflns.pdbx_Rsym_value              0.032 
_reflns.pdbx_netI_over_sigmaI        ? 
_reflns.B_iso_Wilson_estimate        38.7 
_reflns.pdbx_redundancy              18.7 
_reflns.R_free_details               ? 
_reflns.limit_h_max                  ? 
_reflns.limit_h_min                  ? 
_reflns.limit_k_max                  ? 
_reflns.limit_k_min                  ? 
_reflns.limit_l_max                  ? 
_reflns.limit_l_min                  ? 
_reflns.observed_criterion_F_max     ? 
_reflns.observed_criterion_F_min     ? 
_reflns.pdbx_chi_squared             ? 
_reflns.pdbx_scaling_rejects         ? 
_reflns.pdbx_ordinal                 1 
_reflns.pdbx_diffrn_id               1 
# 
_reflns_shell.d_res_high             2.1 
_reflns_shell.d_res_low              2.2 
_reflns_shell.percent_possible_all   99.9 
_reflns_shell.Rmerge_I_obs           0.595 
_reflns_shell.pdbx_Rsym_value        0.578 
_reflns_shell.meanI_over_sigI_obs    5.5 
_reflns_shell.pdbx_redundancy        17.9 
_reflns_shell.percent_possible_obs   ? 
_reflns_shell.number_unique_all      905 
_reflns_shell.number_measured_all    ? 
_reflns_shell.number_measured_obs    ? 
_reflns_shell.number_unique_obs      ? 
_reflns_shell.pdbx_chi_squared       ? 
_reflns_shell.pdbx_ordinal           1 
_reflns_shell.pdbx_diffrn_id         1 
# 
_refine.entry_id                                 4MO0 
_refine.ls_number_reflns_obs                     7214 
_refine.ls_number_reflns_all                     7257 
_refine.pdbx_ls_sigma_I                          ? 
_refine.pdbx_ls_sigma_F                          1.38 
_refine.pdbx_data_cutoff_high_absF               ? 
_refine.pdbx_data_cutoff_low_absF                ? 
_refine.pdbx_data_cutoff_high_rms_absF           ? 
_refine.ls_d_res_low                             32.866 
_refine.ls_d_res_high                            2.100 
_refine.ls_percent_reflns_obs                    99.24 
_refine.ls_R_factor_obs                          0.2203 
_refine.ls_R_factor_all                          ? 
_refine.ls_R_factor_R_work                       0.2200 
_refine.ls_R_factor_R_free                       0.2279 
_refine.ls_R_factor_R_free_error                 ? 
_refine.ls_R_factor_R_free_error_details         ? 
_refine.ls_percent_reflns_R_free                 4.70 
_refine.ls_number_reflns_R_free                  339 
_refine.ls_number_parameters                     ? 
_refine.ls_number_restraints                     ? 
_refine.occupancy_min                            ? 
_refine.occupancy_max                            ? 
_refine.correlation_coeff_Fo_to_Fc               ? 
_refine.correlation_coeff_Fo_to_Fc_free          ? 
_refine.B_iso_mean                               46.54 
_refine.aniso_B[1][1]                            3.8036 
_refine.aniso_B[2][2]                            3.8036 
_refine.aniso_B[3][3]                            -7.6071 
_refine.aniso_B[1][2]                            -0.0000 
_refine.aniso_B[1][3]                            -0.0000 
_refine.aniso_B[2][3]                            -0.0000 
_refine.solvent_model_details                    'FLAT BULK SOLVENT MODEL' 
_refine.solvent_model_param_ksol                 0.370 
_refine.solvent_model_param_bsol                 49.946 
_refine.pdbx_solvent_vdw_probe_radii             1.10 
_refine.pdbx_solvent_ion_probe_radii             ? 
_refine.pdbx_solvent_shrinkage_radii             0.86 
_refine.pdbx_ls_cross_valid_method               ? 
_refine.details                                  ? 
_refine.pdbx_starting_model                      ? 
_refine.pdbx_method_to_determine_struct          SIRAS 
_refine.pdbx_isotropic_thermal_model             ? 
_refine.pdbx_stereochemistry_target_values       ML 
_refine.pdbx_stereochem_target_val_spec_case     ? 
_refine.pdbx_R_Free_selection_details            RANDOM 
_refine.pdbx_overall_ESU_R                       ? 
_refine.pdbx_overall_ESU_R_Free                  ? 
_refine.overall_SU_ML                            0.44 
_refine.pdbx_overall_phase_error                 23.22 
_refine.overall_SU_B                             ? 
_refine.overall_SU_R_Cruickshank_DPI             ? 
_refine.ls_redundancy_reflns_obs                 ? 
_refine.B_iso_min                                ? 
_refine.B_iso_max                                ? 
_refine.overall_SU_R_free                        ? 
_refine.ls_wR_factor_R_free                      ? 
_refine.ls_wR_factor_R_work                      ? 
_refine.overall_FOM_free_R_set                   ? 
_refine.overall_FOM_work_R_set                   ? 
_refine.pdbx_diffrn_id                           1 
_refine.pdbx_refine_id                           'X-RAY DIFFRACTION' 
_refine.pdbx_TLS_residual_ADP_flag               ? 
_refine.pdbx_overall_SU_R_free_Cruickshank_DPI   ? 
_refine.pdbx_overall_SU_R_Blow_DPI               ? 
_refine.pdbx_overall_SU_R_free_Blow_DPI          ? 
# 
_refine_hist.pdbx_refine_id                   'X-RAY DIFFRACTION' 
_refine_hist.cycle_id                         LAST 
_refine_hist.pdbx_number_atoms_protein        627 
_refine_hist.pdbx_number_atoms_nucleic_acid   0 
_refine_hist.pdbx_number_atoms_ligand         0 
_refine_hist.number_atoms_solvent             38 
_refine_hist.number_atoms_total               665 
_refine_hist.d_res_high                       2.100 
_refine_hist.d_res_low                        32.866 
# 
loop_
_refine_ls_restr.type 
_refine_ls_restr.dev_ideal 
_refine_ls_restr.dev_ideal_target 
_refine_ls_restr.weight 
_refine_ls_restr.number 
_refine_ls_restr.pdbx_restraint_function 
_refine_ls_restr.pdbx_refine_id 
f_bond_d           0.008  ? ? 632 ? 'X-RAY DIFFRACTION' 
f_angle_d          1.073  ? ? 838 ? 'X-RAY DIFFRACTION' 
f_dihedral_angle_d 18.412 ? ? 252 ? 'X-RAY DIFFRACTION' 
f_chiral_restr     0.069  ? ? 98  ? 'X-RAY DIFFRACTION' 
f_plane_restr      0.003  ? ? 104 ? 'X-RAY DIFFRACTION' 
# 
loop_
_refine_ls_shell.pdbx_total_number_of_bins_used 
_refine_ls_shell.d_res_high 
_refine_ls_shell.d_res_low 
_refine_ls_shell.number_reflns_R_work 
_refine_ls_shell.R_factor_R_work 
_refine_ls_shell.percent_reflns_obs 
_refine_ls_shell.R_factor_R_free 
_refine_ls_shell.R_factor_R_free_error 
_refine_ls_shell.percent_reflns_R_free 
_refine_ls_shell.number_reflns_R_free 
_refine_ls_shell.number_reflns_all 
_refine_ls_shell.R_factor_all 
_refine_ls_shell.number_reflns_obs 
_refine_ls_shell.redundancy_reflns_obs 
_refine_ls_shell.pdbx_refine_id 
. 2.100  2.6458  3333 0.2341 100.00 0.2589 . . 176 . . . . 'X-RAY DIFFRACTION' 
. 2.6458 32.8703 3542 0.2164 99.00  0.2196 . . 163 . . . . 'X-RAY DIFFRACTION' 
# 
_struct.entry_id                  4MO0 
_struct.title                     'Crystal structure of aIF1 from Methanocaldococcus jannaschii' 
_struct.pdbx_model_details        ? 
_struct.pdbx_CASP_flag            ? 
_struct.pdbx_model_type_details   ? 
# 
_struct_keywords.entry_id        4MO0 
_struct_keywords.pdbx_keywords   TRANSLATION 
_struct_keywords.text            'alpha-beta domain, TRANSLATION' 
# 
loop_
_struct_asym.id 
_struct_asym.pdbx_blank_PDB_chainid_flag 
_struct_asym.pdbx_modified 
_struct_asym.entity_id 
_struct_asym.details 
A N N 1 ? 
B N N 2 ? 
# 
_struct_ref.id                         1 
_struct_ref.db_name                    UNP 
_struct_ref.db_code                    SUI1_METJA 
_struct_ref.pdbx_db_accession          Q57902 
_struct_ref.entity_id                  1 
_struct_ref.pdbx_seq_one_letter_code   
;MPEICPRCGLPKELCVCEEIAKEEQKIKIYVTKRRFGKLMTIIEGFDTSVIDLKELAKKLKDICACGGTVKDNTIELQGD
HRKKVAEELVKMGFSRDSIEIR
;
_struct_ref.pdbx_align_begin           2 
_struct_ref.pdbx_db_isoform            ? 
# 
_struct_ref_seq.align_id                      1 
_struct_ref_seq.ref_id                        1 
_struct_ref_seq.pdbx_PDB_id_code              4MO0 
_struct_ref_seq.pdbx_strand_id                A 
_struct_ref_seq.seq_align_beg                 1 
_struct_ref_seq.pdbx_seq_align_beg_ins_code   ? 
_struct_ref_seq.seq_align_end                 102 
_struct_ref_seq.pdbx_seq_align_end_ins_code   ? 
_struct_ref_seq.pdbx_db_accession             Q57902 
_struct_ref_seq.db_align_beg                  2 
_struct_ref_seq.pdbx_db_align_beg_ins_code    ? 
_struct_ref_seq.db_align_end                  103 
_struct_ref_seq.pdbx_db_align_end_ins_code    ? 
_struct_ref_seq.pdbx_auth_seq_align_beg       1 
_struct_ref_seq.pdbx_auth_seq_align_end       102 
# 
_pdbx_struct_assembly.id                   1 
_pdbx_struct_assembly.details              author_defined_assembly 
_pdbx_struct_assembly.method_details       ? 
_pdbx_struct_assembly.oligomeric_details   monomeric 
_pdbx_struct_assembly.oligomeric_count     1 
# 
_pdbx_struct_assembly_gen.assembly_id       1 
_pdbx_struct_assembly_gen.oper_expression   1 
_pdbx_struct_assembly_gen.asym_id_list      A,B 
# 
_pdbx_struct_oper_list.id                   1 
_pdbx_struct_oper_list.type                 'identity operation' 
_pdbx_struct_oper_list.name                 1_555 
_pdbx_struct_oper_list.symmetry_operation   x,y,z 
_pdbx_struct_oper_list.matrix[1][1]         1.0000000000 
_pdbx_struct_oper_list.matrix[1][2]         0.0000000000 
_pdbx_struct_oper_list.matrix[1][3]         0.0000000000 
_pdbx_struct_oper_list.vector[1]            0.0000000000 
_pdbx_struct_oper_list.matrix[2][1]         0.0000000000 
_pdbx_struct_oper_list.matrix[2][2]         1.0000000000 
_pdbx_struct_oper_list.matrix[2][3]         0.0000000000 
_pdbx_struct_oper_list.vector[2]            0.0000000000 
_pdbx_struct_oper_list.matrix[3][1]         0.0000000000 
_pdbx_struct_oper_list.matrix[3][2]         0.0000000000 
_pdbx_struct_oper_list.matrix[3][3]         1.0000000000 
_pdbx_struct_oper_list.vector[3]            0.0000000000 
# 
_struct_biol.id        1 
_struct_biol.details   ? 
# 
loop_
_struct_conf.conf_type_id 
_struct_conf.id 
_struct_conf.pdbx_PDB_helix_id 
_struct_conf.beg_label_comp_id 
_struct_conf.beg_label_asym_id 
_struct_conf.beg_label_seq_id 
_struct_conf.pdbx_beg_PDB_ins_code 
_struct_conf.end_label_comp_id 
_struct_conf.end_label_asym_id 
_struct_conf.end_label_seq_id 
_struct_conf.pdbx_end_PDB_ins_code 
_struct_conf.beg_auth_comp_id 
_struct_conf.beg_auth_asym_id 
_struct_conf.beg_auth_seq_id 
_struct_conf.end_auth_comp_id 
_struct_conf.end_auth_asym_id 
_struct_conf.end_auth_seq_id 
_struct_conf.pdbx_PDB_helix_class 
_struct_conf.details 
_struct_conf.pdbx_PDB_helix_length 
HELX_P HELX_P1 1 ASP A 52 ? ALA A 65 ? ASP A 52 ALA A 65 1 ? 14 
HELX_P HELX_P2 2 HIS A 81 ? MET A 92 ? HIS A 81 MET A 92 1 ? 12 
HELX_P HELX_P3 3 SER A 95 ? ASP A 97 ? SER A 95 ASP A 97 5 ? 3  
# 
_struct_conf_type.id          HELX_P 
_struct_conf_type.criteria    ? 
_struct_conf_type.reference   ? 
# 
_struct_conn.id                            disulf1 
_struct_conn.conn_type_id                  disulf 
_struct_conn.pdbx_leaving_atom_flag        ? 
_struct_conn.pdbx_PDB_id                   ? 
_struct_conn.ptnr1_label_asym_id           A 
_struct_conn.ptnr1_label_comp_id           CYS 
_struct_conn.ptnr1_label_seq_id            64 
_struct_conn.ptnr1_label_atom_id           SG 
_struct_conn.pdbx_ptnr1_label_alt_id       ? 
_struct_conn.pdbx_ptnr1_PDB_ins_code       ? 
_struct_conn.pdbx_ptnr1_standard_comp_id   ? 
_struct_conn.ptnr1_symmetry                1_555 
_struct_conn.ptnr2_label_asym_id           A 
_struct_conn.ptnr2_label_comp_id           CYS 
_struct_conn.ptnr2_label_seq_id            66 
_struct_conn.ptnr2_label_atom_id           SG 
_struct_conn.pdbx_ptnr2_label_alt_id       ? 
_struct_conn.pdbx_ptnr2_PDB_ins_code       ? 
_struct_conn.ptnr1_auth_asym_id            A 
_struct_conn.ptnr1_auth_comp_id            CYS 
_struct_conn.ptnr1_auth_seq_id             64 
_struct_conn.ptnr2_auth_asym_id            A 
_struct_conn.ptnr2_auth_comp_id            CYS 
_struct_conn.ptnr2_auth_seq_id             66 
_struct_conn.ptnr2_symmetry                1_555 
_struct_conn.pdbx_ptnr3_label_atom_id      ? 
_struct_conn.pdbx_ptnr3_label_seq_id       ? 
_struct_conn.pdbx_ptnr3_label_comp_id      ? 
_struct_conn.pdbx_ptnr3_label_asym_id      ? 
_struct_conn.pdbx_ptnr3_label_alt_id       ? 
_struct_conn.pdbx_ptnr3_PDB_ins_code       ? 
_struct_conn.details                       ? 
_struct_conn.pdbx_dist_value               2.031 
_struct_conn.pdbx_value_order              ? 
_struct_conn.pdbx_role                     ? 
# 
_struct_conn_type.id          disulf 
_struct_conn_type.criteria    ? 
_struct_conn_type.reference   ? 
# 
_pdbx_modification_feature.ordinal                            1 
_pdbx_modification_feature.label_comp_id                      CYS 
_pdbx_modification_feature.label_asym_id                      A 
_pdbx_modification_feature.label_seq_id                       64 
_pdbx_modification_feature.label_alt_id                       ? 
_pdbx_modification_feature.modified_residue_label_comp_id     CYS 
_pdbx_modification_feature.modified_residue_label_asym_id     A 
_pdbx_modification_feature.modified_residue_label_seq_id      66 
_pdbx_modification_feature.modified_residue_label_alt_id      ? 
_pdbx_modification_feature.auth_comp_id                       CYS 
_pdbx_modification_feature.auth_asym_id                       A 
_pdbx_modification_feature.auth_seq_id                        64 
_pdbx_modification_feature.PDB_ins_code                       ? 
_pdbx_modification_feature.symmetry                           1_555 
_pdbx_modification_feature.modified_residue_auth_comp_id      CYS 
_pdbx_modification_feature.modified_residue_auth_asym_id      A 
_pdbx_modification_feature.modified_residue_auth_seq_id       66 
_pdbx_modification_feature.modified_residue_PDB_ins_code      ? 
_pdbx_modification_feature.modified_residue_symmetry          1_555 
_pdbx_modification_feature.comp_id_linking_atom               SG 
_pdbx_modification_feature.modified_residue_id_linking_atom   SG 
_pdbx_modification_feature.modified_residue_id                . 
_pdbx_modification_feature.ref_pcm_id                         . 
_pdbx_modification_feature.ref_comp_id                        . 
_pdbx_modification_feature.type                               None 
_pdbx_modification_feature.category                           'Disulfide bridge' 
# 
_struct_sheet.id               A 
_struct_sheet.type             ? 
_struct_sheet.number_strands   5 
_struct_sheet.details          ? 
# 
loop_
_struct_sheet_order.sheet_id 
_struct_sheet_order.range_id_1 
_struct_sheet_order.range_id_2 
_struct_sheet_order.offset 
_struct_sheet_order.sense 
A 1 2 ? anti-parallel 
A 2 3 ? anti-parallel 
A 3 4 ? anti-parallel 
A 4 5 ? parallel      
# 
loop_
_struct_sheet_range.sheet_id 
_struct_sheet_range.id 
_struct_sheet_range.beg_label_comp_id 
_struct_sheet_range.beg_label_asym_id 
_struct_sheet_range.beg_label_seq_id 
_struct_sheet_range.pdbx_beg_PDB_ins_code 
_struct_sheet_range.end_label_comp_id 
_struct_sheet_range.end_label_asym_id 
_struct_sheet_range.end_label_seq_id 
_struct_sheet_range.pdbx_end_PDB_ins_code 
_struct_sheet_range.beg_auth_comp_id 
_struct_sheet_range.beg_auth_asym_id 
_struct_sheet_range.beg_auth_seq_id 
_struct_sheet_range.end_auth_comp_id 
_struct_sheet_range.end_auth_asym_id 
_struct_sheet_range.end_auth_seq_id 
A 1 GLY A 68 ? LYS A 71  ? GLY A 68 LYS A 71  
A 2 THR A 74 ? GLN A 78  ? THR A 74 GLN A 78  
A 3 LEU A 39 ? GLU A 44  ? LEU A 39 GLU A 44  
A 4 ILE A 27 ? LYS A 33  ? ILE A 27 LYS A 33  
A 5 ILE A 99 ? ILE A 101 ? ILE A 99 ILE A 101 
# 
loop_
_pdbx_struct_sheet_hbond.sheet_id 
_pdbx_struct_sheet_hbond.range_id_1 
_pdbx_struct_sheet_hbond.range_id_2 
_pdbx_struct_sheet_hbond.range_1_label_atom_id 
_pdbx_struct_sheet_hbond.range_1_label_comp_id 
_pdbx_struct_sheet_hbond.range_1_label_asym_id 
_pdbx_struct_sheet_hbond.range_1_label_seq_id 
_pdbx_struct_sheet_hbond.range_1_PDB_ins_code 
_pdbx_struct_sheet_hbond.range_1_auth_atom_id 
_pdbx_struct_sheet_hbond.range_1_auth_comp_id 
_pdbx_struct_sheet_hbond.range_1_auth_asym_id 
_pdbx_struct_sheet_hbond.range_1_auth_seq_id 
_pdbx_struct_sheet_hbond.range_2_label_atom_id 
_pdbx_struct_sheet_hbond.range_2_label_comp_id 
_pdbx_struct_sheet_hbond.range_2_label_asym_id 
_pdbx_struct_sheet_hbond.range_2_label_seq_id 
_pdbx_struct_sheet_hbond.range_2_PDB_ins_code 
_pdbx_struct_sheet_hbond.range_2_auth_atom_id 
_pdbx_struct_sheet_hbond.range_2_auth_comp_id 
_pdbx_struct_sheet_hbond.range_2_auth_asym_id 
_pdbx_struct_sheet_hbond.range_2_auth_seq_id 
A 1 2 N THR A 69 ? N THR A 69 O GLU A 76  ? O GLU A 76  
A 2 3 O LEU A 77 ? O LEU A 77 N THR A 41  ? N THR A 41  
A 3 4 O MET A 40 ? O MET A 40 N THR A 32  ? N THR A 32  
A 4 5 N ILE A 29 ? N ILE A 29 O GLU A 100 ? O GLU A 100 
# 
_pdbx_entry_details.entry_id                   4MO0 
_pdbx_entry_details.compound_details           ? 
_pdbx_entry_details.source_details             ? 
_pdbx_entry_details.nonpolymer_details         ? 
_pdbx_entry_details.sequence_details           ? 
_pdbx_entry_details.has_ligand_of_interest     ? 
_pdbx_entry_details.has_protein_modification   Y 
# 
_pdbx_validate_close_contact.id               1 
_pdbx_validate_close_contact.PDB_model_num    1 
_pdbx_validate_close_contact.auth_atom_id_1   O 
_pdbx_validate_close_contact.auth_asym_id_1   A 
_pdbx_validate_close_contact.auth_comp_id_1   HOH 
_pdbx_validate_close_contact.auth_seq_id_1    203 
_pdbx_validate_close_contact.PDB_ins_code_1   ? 
_pdbx_validate_close_contact.label_alt_id_1   ? 
_pdbx_validate_close_contact.auth_atom_id_2   O 
_pdbx_validate_close_contact.auth_asym_id_2   A 
_pdbx_validate_close_contact.auth_comp_id_2   HOH 
_pdbx_validate_close_contact.auth_seq_id_2    214 
_pdbx_validate_close_contact.PDB_ins_code_2   ? 
_pdbx_validate_close_contact.label_alt_id_2   ? 
_pdbx_validate_close_contact.dist             2.18 
# 
_pdbx_validate_torsion.id              1 
_pdbx_validate_torsion.PDB_model_num   1 
_pdbx_validate_torsion.auth_comp_id    ASP 
_pdbx_validate_torsion.auth_asym_id    A 
_pdbx_validate_torsion.auth_seq_id     72 
_pdbx_validate_torsion.PDB_ins_code    ? 
_pdbx_validate_torsion.label_alt_id    ? 
_pdbx_validate_torsion.phi             53.80 
_pdbx_validate_torsion.psi             -119.44 
# 
_pdbx_struct_special_symmetry.id              1 
_pdbx_struct_special_symmetry.PDB_model_num   1 
_pdbx_struct_special_symmetry.auth_asym_id    A 
_pdbx_struct_special_symmetry.auth_comp_id    HOH 
_pdbx_struct_special_symmetry.auth_seq_id     206 
_pdbx_struct_special_symmetry.PDB_ins_code    ? 
_pdbx_struct_special_symmetry.label_asym_id   B 
_pdbx_struct_special_symmetry.label_comp_id   HOH 
_pdbx_struct_special_symmetry.label_seq_id    . 
# 
_pdbx_refine_tls.pdbx_refine_id   'X-RAY DIFFRACTION' 
_pdbx_refine_tls.id               1 
_pdbx_refine_tls.details          ? 
_pdbx_refine_tls.method           refined 
_pdbx_refine_tls.origin_x         0.2344 
_pdbx_refine_tls.origin_y         0.3936 
_pdbx_refine_tls.origin_z         -0.0539 
_pdbx_refine_tls.T[1][1]          0.3294 
_pdbx_refine_tls.T[2][2]          0.2476 
_pdbx_refine_tls.T[3][3]          0.2253 
_pdbx_refine_tls.T[1][2]          -0.1022 
_pdbx_refine_tls.T[1][3]          0.0612 
_pdbx_refine_tls.T[2][3]          -0.0331 
_pdbx_refine_tls.L[1][1]          1.3272 
_pdbx_refine_tls.L[2][2]          4.2260 
_pdbx_refine_tls.L[3][3]          5.1173 
_pdbx_refine_tls.L[1][2]          -0.1482 
_pdbx_refine_tls.L[1][3]          0.7222 
_pdbx_refine_tls.L[2][3]          2.3041 
_pdbx_refine_tls.S[1][1]          0.0948 
_pdbx_refine_tls.S[1][2]          -0.0696 
_pdbx_refine_tls.S[1][3]          -0.0404 
_pdbx_refine_tls.S[2][1]          0.1564 
_pdbx_refine_tls.S[2][2]          -0.1045 
_pdbx_refine_tls.S[2][3]          0.0571 
_pdbx_refine_tls.S[3][1]          0.0219 
_pdbx_refine_tls.S[3][2]          0.0573 
_pdbx_refine_tls.S[3][3]          0.0416 
# 
_pdbx_refine_tls_group.pdbx_refine_id      'X-RAY DIFFRACTION' 
_pdbx_refine_tls_group.id                  1 
_pdbx_refine_tls_group.refine_tls_id       1 
_pdbx_refine_tls_group.beg_auth_asym_id    ? 
_pdbx_refine_tls_group.beg_auth_seq_id     ? 
_pdbx_refine_tls_group.beg_label_asym_id   ? 
_pdbx_refine_tls_group.beg_label_seq_id    ? 
_pdbx_refine_tls_group.end_auth_asym_id    ? 
_pdbx_refine_tls_group.end_auth_seq_id     ? 
_pdbx_refine_tls_group.end_label_asym_id   ? 
_pdbx_refine_tls_group.end_label_seq_id    ? 
_pdbx_refine_tls_group.selection           ? 
_pdbx_refine_tls_group.selection_details   all 
# 
loop_
_pdbx_unobs_or_zero_occ_residues.id 
_pdbx_unobs_or_zero_occ_residues.PDB_model_num 
_pdbx_unobs_or_zero_occ_residues.polymer_flag 
_pdbx_unobs_or_zero_occ_residues.occupancy_flag 
_pdbx_unobs_or_zero_occ_residues.auth_asym_id 
_pdbx_unobs_or_zero_occ_residues.auth_comp_id 
_pdbx_unobs_or_zero_occ_residues.auth_seq_id 
_pdbx_unobs_or_zero_occ_residues.PDB_ins_code 
_pdbx_unobs_or_zero_occ_residues.label_asym_id 
_pdbx_unobs_or_zero_occ_residues.label_comp_id 
_pdbx_unobs_or_zero_occ_residues.label_seq_id 
1  1 Y 1 A MET 1  ? A MET 1  
2  1 Y 1 A PRO 2  ? A PRO 2  
3  1 Y 1 A GLU 3  ? A GLU 3  
4  1 Y 1 A ILE 4  ? A ILE 4  
5  1 Y 1 A CYS 5  ? A CYS 5  
6  1 Y 1 A PRO 6  ? A PRO 6  
7  1 Y 1 A ARG 7  ? A ARG 7  
8  1 Y 1 A CYS 8  ? A CYS 8  
9  1 Y 1 A GLY 9  ? A GLY 9  
10 1 Y 1 A LEU 10 ? A LEU 10 
11 1 Y 1 A PRO 11 ? A PRO 11 
12 1 Y 1 A LYS 12 ? A LYS 12 
13 1 Y 1 A GLU 13 ? A GLU 13 
14 1 Y 1 A LEU 14 ? A LEU 14 
15 1 Y 1 A CYS 15 ? A CYS 15 
16 1 Y 1 A VAL 16 ? A VAL 16 
17 1 Y 1 A CYS 17 ? A CYS 17 
18 1 Y 1 A GLU 18 ? A GLU 18 
19 1 Y 1 A GLU 19 ? A GLU 19 
20 1 Y 1 A ILE 20 ? A ILE 20 
21 1 Y 1 A ALA 21 ? A ALA 21 
22 1 Y 1 A LYS 22 ? A LYS 22 
23 1 Y 1 A GLU 23 ? A GLU 23 
# 
loop_
_chem_comp_atom.comp_id 
_chem_comp_atom.atom_id 
_chem_comp_atom.type_symbol 
_chem_comp_atom.pdbx_aromatic_flag 
_chem_comp_atom.pdbx_stereo_config 
_chem_comp_atom.pdbx_ordinal 
ALA N    N N N 1   
ALA CA   C N S 2   
ALA C    C N N 3   
ALA O    O N N 4   
ALA CB   C N N 5   
ALA OXT  O N N 6   
ALA H    H N N 7   
ALA H2   H N N 8   
ALA HA   H N N 9   
ALA HB1  H N N 10  
ALA HB2  H N N 11  
ALA HB3  H N N 12  
ALA HXT  H N N 13  
ARG N    N N N 14  
ARG CA   C N S 15  
ARG C    C N N 16  
ARG O    O N N 17  
ARG CB   C N N 18  
ARG CG   C N N 19  
ARG CD   C N N 20  
ARG NE   N N N 21  
ARG CZ   C N N 22  
ARG NH1  N N N 23  
ARG NH2  N N N 24  
ARG OXT  O N N 25  
ARG H    H N N 26  
ARG H2   H N N 27  
ARG HA   H N N 28  
ARG HB2  H N N 29  
ARG HB3  H N N 30  
ARG HG2  H N N 31  
ARG HG3  H N N 32  
ARG HD2  H N N 33  
ARG HD3  H N N 34  
ARG HE   H N N 35  
ARG HH11 H N N 36  
ARG HH12 H N N 37  
ARG HH21 H N N 38  
ARG HH22 H N N 39  
ARG HXT  H N N 40  
ASN N    N N N 41  
ASN CA   C N S 42  
ASN C    C N N 43  
ASN O    O N N 44  
ASN CB   C N N 45  
ASN CG   C N N 46  
ASN OD1  O N N 47  
ASN ND2  N N N 48  
ASN OXT  O N N 49  
ASN H    H N N 50  
ASN H2   H N N 51  
ASN HA   H N N 52  
ASN HB2  H N N 53  
ASN HB3  H N N 54  
ASN HD21 H N N 55  
ASN HD22 H N N 56  
ASN HXT  H N N 57  
ASP N    N N N 58  
ASP CA   C N S 59  
ASP C    C N N 60  
ASP O    O N N 61  
ASP CB   C N N 62  
ASP CG   C N N 63  
ASP OD1  O N N 64  
ASP OD2  O N N 65  
ASP OXT  O N N 66  
ASP H    H N N 67  
ASP H2   H N N 68  
ASP HA   H N N 69  
ASP HB2  H N N 70  
ASP HB3  H N N 71  
ASP HD2  H N N 72  
ASP HXT  H N N 73  
CYS N    N N N 74  
CYS CA   C N R 75  
CYS C    C N N 76  
CYS O    O N N 77  
CYS CB   C N N 78  
CYS SG   S N N 79  
CYS OXT  O N N 80  
CYS H    H N N 81  
CYS H2   H N N 82  
CYS HA   H N N 83  
CYS HB2  H N N 84  
CYS HB3  H N N 85  
CYS HG   H N N 86  
CYS HXT  H N N 87  
GLN N    N N N 88  
GLN CA   C N S 89  
GLN C    C N N 90  
GLN O    O N N 91  
GLN CB   C N N 92  
GLN CG   C N N 93  
GLN CD   C N N 94  
GLN OE1  O N N 95  
GLN NE2  N N N 96  
GLN OXT  O N N 97  
GLN H    H N N 98  
GLN H2   H N N 99  
GLN HA   H N N 100 
GLN HB2  H N N 101 
GLN HB3  H N N 102 
GLN HG2  H N N 103 
GLN HG3  H N N 104 
GLN HE21 H N N 105 
GLN HE22 H N N 106 
GLN HXT  H N N 107 
GLU N    N N N 108 
GLU CA   C N S 109 
GLU C    C N N 110 
GLU O    O N N 111 
GLU CB   C N N 112 
GLU CG   C N N 113 
GLU CD   C N N 114 
GLU OE1  O N N 115 
GLU OE2  O N N 116 
GLU OXT  O N N 117 
GLU H    H N N 118 
GLU H2   H N N 119 
GLU HA   H N N 120 
GLU HB2  H N N 121 
GLU HB3  H N N 122 
GLU HG2  H N N 123 
GLU HG3  H N N 124 
GLU HE2  H N N 125 
GLU HXT  H N N 126 
GLY N    N N N 127 
GLY CA   C N N 128 
GLY C    C N N 129 
GLY O    O N N 130 
GLY OXT  O N N 131 
GLY H    H N N 132 
GLY H2   H N N 133 
GLY HA2  H N N 134 
GLY HA3  H N N 135 
GLY HXT  H N N 136 
HIS N    N N N 137 
HIS CA   C N S 138 
HIS C    C N N 139 
HIS O    O N N 140 
HIS CB   C N N 141 
HIS CG   C Y N 142 
HIS ND1  N Y N 143 
HIS CD2  C Y N 144 
HIS CE1  C Y N 145 
HIS NE2  N Y N 146 
HIS OXT  O N N 147 
HIS H    H N N 148 
HIS H2   H N N 149 
HIS HA   H N N 150 
HIS HB2  H N N 151 
HIS HB3  H N N 152 
HIS HD1  H N N 153 
HIS HD2  H N N 154 
HIS HE1  H N N 155 
HIS HE2  H N N 156 
HIS HXT  H N N 157 
HOH O    O N N 158 
HOH H1   H N N 159 
HOH H2   H N N 160 
ILE N    N N N 161 
ILE CA   C N S 162 
ILE C    C N N 163 
ILE O    O N N 164 
ILE CB   C N S 165 
ILE CG1  C N N 166 
ILE CG2  C N N 167 
ILE CD1  C N N 168 
ILE OXT  O N N 169 
ILE H    H N N 170 
ILE H2   H N N 171 
ILE HA   H N N 172 
ILE HB   H N N 173 
ILE HG12 H N N 174 
ILE HG13 H N N 175 
ILE HG21 H N N 176 
ILE HG22 H N N 177 
ILE HG23 H N N 178 
ILE HD11 H N N 179 
ILE HD12 H N N 180 
ILE HD13 H N N 181 
ILE HXT  H N N 182 
LEU N    N N N 183 
LEU CA   C N S 184 
LEU C    C N N 185 
LEU O    O N N 186 
LEU CB   C N N 187 
LEU CG   C N N 188 
LEU CD1  C N N 189 
LEU CD2  C N N 190 
LEU OXT  O N N 191 
LEU H    H N N 192 
LEU H2   H N N 193 
LEU HA   H N N 194 
LEU HB2  H N N 195 
LEU HB3  H N N 196 
LEU HG   H N N 197 
LEU HD11 H N N 198 
LEU HD12 H N N 199 
LEU HD13 H N N 200 
LEU HD21 H N N 201 
LEU HD22 H N N 202 
LEU HD23 H N N 203 
LEU HXT  H N N 204 
LYS N    N N N 205 
LYS CA   C N S 206 
LYS C    C N N 207 
LYS O    O N N 208 
LYS CB   C N N 209 
LYS CG   C N N 210 
LYS CD   C N N 211 
LYS CE   C N N 212 
LYS NZ   N N N 213 
LYS OXT  O N N 214 
LYS H    H N N 215 
LYS H2   H N N 216 
LYS HA   H N N 217 
LYS HB2  H N N 218 
LYS HB3  H N N 219 
LYS HG2  H N N 220 
LYS HG3  H N N 221 
LYS HD2  H N N 222 
LYS HD3  H N N 223 
LYS HE2  H N N 224 
LYS HE3  H N N 225 
LYS HZ1  H N N 226 
LYS HZ2  H N N 227 
LYS HZ3  H N N 228 
LYS HXT  H N N 229 
MET N    N N N 230 
MET CA   C N S 231 
MET C    C N N 232 
MET O    O N N 233 
MET CB   C N N 234 
MET CG   C N N 235 
MET SD   S N N 236 
MET CE   C N N 237 
MET OXT  O N N 238 
MET H    H N N 239 
MET H2   H N N 240 
MET HA   H N N 241 
MET HB2  H N N 242 
MET HB3  H N N 243 
MET HG2  H N N 244 
MET HG3  H N N 245 
MET HE1  H N N 246 
MET HE2  H N N 247 
MET HE3  H N N 248 
MET HXT  H N N 249 
PHE N    N N N 250 
PHE CA   C N S 251 
PHE C    C N N 252 
PHE O    O N N 253 
PHE CB   C N N 254 
PHE CG   C Y N 255 
PHE CD1  C Y N 256 
PHE CD2  C Y N 257 
PHE CE1  C Y N 258 
PHE CE2  C Y N 259 
PHE CZ   C Y N 260 
PHE OXT  O N N 261 
PHE H    H N N 262 
PHE H2   H N N 263 
PHE HA   H N N 264 
PHE HB2  H N N 265 
PHE HB3  H N N 266 
PHE HD1  H N N 267 
PHE HD2  H N N 268 
PHE HE1  H N N 269 
PHE HE2  H N N 270 
PHE HZ   H N N 271 
PHE HXT  H N N 272 
PRO N    N N N 273 
PRO CA   C N S 274 
PRO C    C N N 275 
PRO O    O N N 276 
PRO CB   C N N 277 
PRO CG   C N N 278 
PRO CD   C N N 279 
PRO OXT  O N N 280 
PRO H    H N N 281 
PRO HA   H N N 282 
PRO HB2  H N N 283 
PRO HB3  H N N 284 
PRO HG2  H N N 285 
PRO HG3  H N N 286 
PRO HD2  H N N 287 
PRO HD3  H N N 288 
PRO HXT  H N N 289 
SER N    N N N 290 
SER CA   C N S 291 
SER C    C N N 292 
SER O    O N N 293 
SER CB   C N N 294 
SER OG   O N N 295 
SER OXT  O N N 296 
SER H    H N N 297 
SER H2   H N N 298 
SER HA   H N N 299 
SER HB2  H N N 300 
SER HB3  H N N 301 
SER HG   H N N 302 
SER HXT  H N N 303 
THR N    N N N 304 
THR CA   C N S 305 
THR C    C N N 306 
THR O    O N N 307 
THR CB   C N R 308 
THR OG1  O N N 309 
THR CG2  C N N 310 
THR OXT  O N N 311 
THR H    H N N 312 
THR H2   H N N 313 
THR HA   H N N 314 
THR HB   H N N 315 
THR HG1  H N N 316 
THR HG21 H N N 317 
THR HG22 H N N 318 
THR HG23 H N N 319 
THR HXT  H N N 320 
TYR N    N N N 321 
TYR CA   C N S 322 
TYR C    C N N 323 
TYR O    O N N 324 
TYR CB   C N N 325 
TYR CG   C Y N 326 
TYR CD1  C Y N 327 
TYR CD2  C Y N 328 
TYR CE1  C Y N 329 
TYR CE2  C Y N 330 
TYR CZ   C Y N 331 
TYR OH   O N N 332 
TYR OXT  O N N 333 
TYR H    H N N 334 
TYR H2   H N N 335 
TYR HA   H N N 336 
TYR HB2  H N N 337 
TYR HB3  H N N 338 
TYR HD1  H N N 339 
TYR HD2  H N N 340 
TYR HE1  H N N 341 
TYR HE2  H N N 342 
TYR HH   H N N 343 
TYR HXT  H N N 344 
VAL N    N N N 345 
VAL CA   C N S 346 
VAL C    C N N 347 
VAL O    O N N 348 
VAL CB   C N N 349 
VAL CG1  C N N 350 
VAL CG2  C N N 351 
VAL OXT  O N N 352 
VAL H    H N N 353 
VAL H2   H N N 354 
VAL HA   H N N 355 
VAL HB   H N N 356 
VAL HG11 H N N 357 
VAL HG12 H N N 358 
VAL HG13 H N N 359 
VAL HG21 H N N 360 
VAL HG22 H N N 361 
VAL HG23 H N N 362 
VAL HXT  H N N 363 
# 
loop_
_chem_comp_bond.comp_id 
_chem_comp_bond.atom_id_1 
_chem_comp_bond.atom_id_2 
_chem_comp_bond.value_order 
_chem_comp_bond.pdbx_aromatic_flag 
_chem_comp_bond.pdbx_stereo_config 
_chem_comp_bond.pdbx_ordinal 
ALA N   CA   sing N N 1   
ALA N   H    sing N N 2   
ALA N   H2   sing N N 3   
ALA CA  C    sing N N 4   
ALA CA  CB   sing N N 5   
ALA CA  HA   sing N N 6   
ALA C   O    doub N N 7   
ALA C   OXT  sing N N 8   
ALA CB  HB1  sing N N 9   
ALA CB  HB2  sing N N 10  
ALA CB  HB3  sing N N 11  
ALA OXT HXT  sing N N 12  
ARG N   CA   sing N N 13  
ARG N   H    sing N N 14  
ARG N   H2   sing N N 15  
ARG CA  C    sing N N 16  
ARG CA  CB   sing N N 17  
ARG CA  HA   sing N N 18  
ARG C   O    doub N N 19  
ARG C   OXT  sing N N 20  
ARG CB  CG   sing N N 21  
ARG CB  HB2  sing N N 22  
ARG CB  HB3  sing N N 23  
ARG CG  CD   sing N N 24  
ARG CG  HG2  sing N N 25  
ARG CG  HG3  sing N N 26  
ARG CD  NE   sing N N 27  
ARG CD  HD2  sing N N 28  
ARG CD  HD3  sing N N 29  
ARG NE  CZ   sing N N 30  
ARG NE  HE   sing N N 31  
ARG CZ  NH1  sing N N 32  
ARG CZ  NH2  doub N N 33  
ARG NH1 HH11 sing N N 34  
ARG NH1 HH12 sing N N 35  
ARG NH2 HH21 sing N N 36  
ARG NH2 HH22 sing N N 37  
ARG OXT HXT  sing N N 38  
ASN N   CA   sing N N 39  
ASN N   H    sing N N 40  
ASN N   H2   sing N N 41  
ASN CA  C    sing N N 42  
ASN CA  CB   sing N N 43  
ASN CA  HA   sing N N 44  
ASN C   O    doub N N 45  
ASN C   OXT  sing N N 46  
ASN CB  CG   sing N N 47  
ASN CB  HB2  sing N N 48  
ASN CB  HB3  sing N N 49  
ASN CG  OD1  doub N N 50  
ASN CG  ND2  sing N N 51  
ASN ND2 HD21 sing N N 52  
ASN ND2 HD22 sing N N 53  
ASN OXT HXT  sing N N 54  
ASP N   CA   sing N N 55  
ASP N   H    sing N N 56  
ASP N   H2   sing N N 57  
ASP CA  C    sing N N 58  
ASP CA  CB   sing N N 59  
ASP CA  HA   sing N N 60  
ASP C   O    doub N N 61  
ASP C   OXT  sing N N 62  
ASP CB  CG   sing N N 63  
ASP CB  HB2  sing N N 64  
ASP CB  HB3  sing N N 65  
ASP CG  OD1  doub N N 66  
ASP CG  OD2  sing N N 67  
ASP OD2 HD2  sing N N 68  
ASP OXT HXT  sing N N 69  
CYS N   CA   sing N N 70  
CYS N   H    sing N N 71  
CYS N   H2   sing N N 72  
CYS CA  C    sing N N 73  
CYS CA  CB   sing N N 74  
CYS CA  HA   sing N N 75  
CYS C   O    doub N N 76  
CYS C   OXT  sing N N 77  
CYS CB  SG   sing N N 78  
CYS CB  HB2  sing N N 79  
CYS CB  HB3  sing N N 80  
CYS SG  HG   sing N N 81  
CYS OXT HXT  sing N N 82  
GLN N   CA   sing N N 83  
GLN N   H    sing N N 84  
GLN N   H2   sing N N 85  
GLN CA  C    sing N N 86  
GLN CA  CB   sing N N 87  
GLN CA  HA   sing N N 88  
GLN C   O    doub N N 89  
GLN C   OXT  sing N N 90  
GLN CB  CG   sing N N 91  
GLN CB  HB2  sing N N 92  
GLN CB  HB3  sing N N 93  
GLN CG  CD   sing N N 94  
GLN CG  HG2  sing N N 95  
GLN CG  HG3  sing N N 96  
GLN CD  OE1  doub N N 97  
GLN CD  NE2  sing N N 98  
GLN NE2 HE21 sing N N 99  
GLN NE2 HE22 sing N N 100 
GLN OXT HXT  sing N N 101 
GLU N   CA   sing N N 102 
GLU N   H    sing N N 103 
GLU N   H2   sing N N 104 
GLU CA  C    sing N N 105 
GLU CA  CB   sing N N 106 
GLU CA  HA   sing N N 107 
GLU C   O    doub N N 108 
GLU C   OXT  sing N N 109 
GLU CB  CG   sing N N 110 
GLU CB  HB2  sing N N 111 
GLU CB  HB3  sing N N 112 
GLU CG  CD   sing N N 113 
GLU CG  HG2  sing N N 114 
GLU CG  HG3  sing N N 115 
GLU CD  OE1  doub N N 116 
GLU CD  OE2  sing N N 117 
GLU OE2 HE2  sing N N 118 
GLU OXT HXT  sing N N 119 
GLY N   CA   sing N N 120 
GLY N   H    sing N N 121 
GLY N   H2   sing N N 122 
GLY CA  C    sing N N 123 
GLY CA  HA2  sing N N 124 
GLY CA  HA3  sing N N 125 
GLY C   O    doub N N 126 
GLY C   OXT  sing N N 127 
GLY OXT HXT  sing N N 128 
HIS N   CA   sing N N 129 
HIS N   H    sing N N 130 
HIS N   H2   sing N N 131 
HIS CA  C    sing N N 132 
HIS CA  CB   sing N N 133 
HIS CA  HA   sing N N 134 
HIS C   O    doub N N 135 
HIS C   OXT  sing N N 136 
HIS CB  CG   sing N N 137 
HIS CB  HB2  sing N N 138 
HIS CB  HB3  sing N N 139 
HIS CG  ND1  sing Y N 140 
HIS CG  CD2  doub Y N 141 
HIS ND1 CE1  doub Y N 142 
HIS ND1 HD1  sing N N 143 
HIS CD2 NE2  sing Y N 144 
HIS CD2 HD2  sing N N 145 
HIS CE1 NE2  sing Y N 146 
HIS CE1 HE1  sing N N 147 
HIS NE2 HE2  sing N N 148 
HIS OXT HXT  sing N N 149 
HOH O   H1   sing N N 150 
HOH O   H2   sing N N 151 
ILE N   CA   sing N N 152 
ILE N   H    sing N N 153 
ILE N   H2   sing N N 154 
ILE CA  C    sing N N 155 
ILE CA  CB   sing N N 156 
ILE CA  HA   sing N N 157 
ILE C   O    doub N N 158 
ILE C   OXT  sing N N 159 
ILE CB  CG1  sing N N 160 
ILE CB  CG2  sing N N 161 
ILE CB  HB   sing N N 162 
ILE CG1 CD1  sing N N 163 
ILE CG1 HG12 sing N N 164 
ILE CG1 HG13 sing N N 165 
ILE CG2 HG21 sing N N 166 
ILE CG2 HG22 sing N N 167 
ILE CG2 HG23 sing N N 168 
ILE CD1 HD11 sing N N 169 
ILE CD1 HD12 sing N N 170 
ILE CD1 HD13 sing N N 171 
ILE OXT HXT  sing N N 172 
LEU N   CA   sing N N 173 
LEU N   H    sing N N 174 
LEU N   H2   sing N N 175 
LEU CA  C    sing N N 176 
LEU CA  CB   sing N N 177 
LEU CA  HA   sing N N 178 
LEU C   O    doub N N 179 
LEU C   OXT  sing N N 180 
LEU CB  CG   sing N N 181 
LEU CB  HB2  sing N N 182 
LEU CB  HB3  sing N N 183 
LEU CG  CD1  sing N N 184 
LEU CG  CD2  sing N N 185 
LEU CG  HG   sing N N 186 
LEU CD1 HD11 sing N N 187 
LEU CD1 HD12 sing N N 188 
LEU CD1 HD13 sing N N 189 
LEU CD2 HD21 sing N N 190 
LEU CD2 HD22 sing N N 191 
LEU CD2 HD23 sing N N 192 
LEU OXT HXT  sing N N 193 
LYS N   CA   sing N N 194 
LYS N   H    sing N N 195 
LYS N   H2   sing N N 196 
LYS CA  C    sing N N 197 
LYS CA  CB   sing N N 198 
LYS CA  HA   sing N N 199 
LYS C   O    doub N N 200 
LYS C   OXT  sing N N 201 
LYS CB  CG   sing N N 202 
LYS CB  HB2  sing N N 203 
LYS CB  HB3  sing N N 204 
LYS CG  CD   sing N N 205 
LYS CG  HG2  sing N N 206 
LYS CG  HG3  sing N N 207 
LYS CD  CE   sing N N 208 
LYS CD  HD2  sing N N 209 
LYS CD  HD3  sing N N 210 
LYS CE  NZ   sing N N 211 
LYS CE  HE2  sing N N 212 
LYS CE  HE3  sing N N 213 
LYS NZ  HZ1  sing N N 214 
LYS NZ  HZ2  sing N N 215 
LYS NZ  HZ3  sing N N 216 
LYS OXT HXT  sing N N 217 
MET N   CA   sing N N 218 
MET N   H    sing N N 219 
MET N   H2   sing N N 220 
MET CA  C    sing N N 221 
MET CA  CB   sing N N 222 
MET CA  HA   sing N N 223 
MET C   O    doub N N 224 
MET C   OXT  sing N N 225 
MET CB  CG   sing N N 226 
MET CB  HB2  sing N N 227 
MET CB  HB3  sing N N 228 
MET CG  SD   sing N N 229 
MET CG  HG2  sing N N 230 
MET CG  HG3  sing N N 231 
MET SD  CE   sing N N 232 
MET CE  HE1  sing N N 233 
MET CE  HE2  sing N N 234 
MET CE  HE3  sing N N 235 
MET OXT HXT  sing N N 236 
PHE N   CA   sing N N 237 
PHE N   H    sing N N 238 
PHE N   H2   sing N N 239 
PHE CA  C    sing N N 240 
PHE CA  CB   sing N N 241 
PHE CA  HA   sing N N 242 
PHE C   O    doub N N 243 
PHE C   OXT  sing N N 244 
PHE CB  CG   sing N N 245 
PHE CB  HB2  sing N N 246 
PHE CB  HB3  sing N N 247 
PHE CG  CD1  doub Y N 248 
PHE CG  CD2  sing Y N 249 
PHE CD1 CE1  sing Y N 250 
PHE CD1 HD1  sing N N 251 
PHE CD2 CE2  doub Y N 252 
PHE CD2 HD2  sing N N 253 
PHE CE1 CZ   doub Y N 254 
PHE CE1 HE1  sing N N 255 
PHE CE2 CZ   sing Y N 256 
PHE CE2 HE2  sing N N 257 
PHE CZ  HZ   sing N N 258 
PHE OXT HXT  sing N N 259 
PRO N   CA   sing N N 260 
PRO N   CD   sing N N 261 
PRO N   H    sing N N 262 
PRO CA  C    sing N N 263 
PRO CA  CB   sing N N 264 
PRO CA  HA   sing N N 265 
PRO C   O    doub N N 266 
PRO C   OXT  sing N N 267 
PRO CB  CG   sing N N 268 
PRO CB  HB2  sing N N 269 
PRO CB  HB3  sing N N 270 
PRO CG  CD   sing N N 271 
PRO CG  HG2  sing N N 272 
PRO CG  HG3  sing N N 273 
PRO CD  HD2  sing N N 274 
PRO CD  HD3  sing N N 275 
PRO OXT HXT  sing N N 276 
SER N   CA   sing N N 277 
SER N   H    sing N N 278 
SER N   H2   sing N N 279 
SER CA  C    sing N N 280 
SER CA  CB   sing N N 281 
SER CA  HA   sing N N 282 
SER C   O    doub N N 283 
SER C   OXT  sing N N 284 
SER CB  OG   sing N N 285 
SER CB  HB2  sing N N 286 
SER CB  HB3  sing N N 287 
SER OG  HG   sing N N 288 
SER OXT HXT  sing N N 289 
THR N   CA   sing N N 290 
THR N   H    sing N N 291 
THR N   H2   sing N N 292 
THR CA  C    sing N N 293 
THR CA  CB   sing N N 294 
THR CA  HA   sing N N 295 
THR C   O    doub N N 296 
THR C   OXT  sing N N 297 
THR CB  OG1  sing N N 298 
THR CB  CG2  sing N N 299 
THR CB  HB   sing N N 300 
THR OG1 HG1  sing N N 301 
THR CG2 HG21 sing N N 302 
THR CG2 HG22 sing N N 303 
THR CG2 HG23 sing N N 304 
THR OXT HXT  sing N N 305 
TYR N   CA   sing N N 306 
TYR N   H    sing N N 307 
TYR N   H2   sing N N 308 
TYR CA  C    sing N N 309 
TYR CA  CB   sing N N 310 
TYR CA  HA   sing N N 311 
TYR C   O    doub N N 312 
TYR C   OXT  sing N N 313 
TYR CB  CG   sing N N 314 
TYR CB  HB2  sing N N 315 
TYR CB  HB3  sing N N 316 
TYR CG  CD1  doub Y N 317 
TYR CG  CD2  sing Y N 318 
TYR CD1 CE1  sing Y N 319 
TYR CD1 HD1  sing N N 320 
TYR CD2 CE2  doub Y N 321 
TYR CD2 HD2  sing N N 322 
TYR CE1 CZ   doub Y N 323 
TYR CE1 HE1  sing N N 324 
TYR CE2 CZ   sing Y N 325 
TYR CE2 HE2  sing N N 326 
TYR CZ  OH   sing N N 327 
TYR OH  HH   sing N N 328 
TYR OXT HXT  sing N N 329 
VAL N   CA   sing N N 330 
VAL N   H    sing N N 331 
VAL N   H2   sing N N 332 
VAL CA  C    sing N N 333 
VAL CA  CB   sing N N 334 
VAL CA  HA   sing N N 335 
VAL C   O    doub N N 336 
VAL C   OXT  sing N N 337 
VAL CB  CG1  sing N N 338 
VAL CB  CG2  sing N N 339 
VAL CB  HB   sing N N 340 
VAL CG1 HG11 sing N N 341 
VAL CG1 HG12 sing N N 342 
VAL CG1 HG13 sing N N 343 
VAL CG2 HG21 sing N N 344 
VAL CG2 HG22 sing N N 345 
VAL CG2 HG23 sing N N 346 
VAL OXT HXT  sing N N 347 
# 
_atom_sites.entry_id                    4MO0 
_atom_sites.fract_transf_matrix[1][1]   0.01987936 
_atom_sites.fract_transf_matrix[1][2]   0.00123315 
_atom_sites.fract_transf_matrix[1][3]   -0.01035287 
_atom_sites.fract_transf_matrix[2][1]   0.01883059 
_atom_sites.fract_transf_matrix[2][2]   0.00198404 
_atom_sites.fract_transf_matrix[2][3]   0.01205757 
_atom_sites.fract_transf_matrix[3][1]   0.00055558 
_atom_sites.fract_transf_matrix[3][2]   -0.00681968 
_atom_sites.fract_transf_matrix[3][3]   0.00025450 
_atom_sites.fract_transf_vector[1]      0.189403 
_atom_sites.fract_transf_vector[2]      0.325042 
_atom_sites.fract_transf_vector[3]      0.046797 
# 
loop_
_atom_type.symbol 
C 
N 
O 
S 
# 
loop_
_atom_site.group_PDB 
_atom_site.id 
_atom_site.type_symbol 
_atom_site.label_atom_id 
_atom_site.label_alt_id 
_atom_site.label_comp_id 
_atom_site.label_asym_id 
_atom_site.label_entity_id 
_atom_site.label_seq_id 
_atom_site.pdbx_PDB_ins_code 
_atom_site.Cartn_x 
_atom_site.Cartn_y 
_atom_site.Cartn_z 
_atom_site.occupancy 
_atom_site.B_iso_or_equiv 
_atom_site.pdbx_formal_charge 
_atom_site.auth_seq_id 
_atom_site.auth_comp_id 
_atom_site.auth_asym_id 
_atom_site.auth_atom_id 
_atom_site.pdbx_PDB_model_num 
ATOM   1   N N   . GLU A 1 24  ? -3.611  3.661   -17.844 1.00 92.85 ? 24  GLU A N   1 
ATOM   2   C CA  . GLU A 1 24  ? -2.415  3.847   -17.032 1.00 87.81 ? 24  GLU A CA  1 
ATOM   3   C C   . GLU A 1 24  ? -2.747  3.892   -15.541 1.00 82.15 ? 24  GLU A C   1 
ATOM   4   O O   . GLU A 1 24  ? -3.138  4.934   -15.014 1.00 84.15 ? 24  GLU A O   1 
ATOM   5   C CB  . GLU A 1 24  ? -1.681  5.115   -17.453 1.00 85.90 ? 24  GLU A CB  1 
ATOM   6   N N   . GLN A 1 25  ? -2.600  2.753   -14.866 1.00 67.53 ? 25  GLN A N   1 
ATOM   7   C CA  . GLN A 1 25  ? -2.702  2.706   -13.409 1.00 62.29 ? 25  GLN A CA  1 
ATOM   8   C C   . GLN A 1 25  ? -1.354  3.141   -12.815 1.00 57.48 ? 25  GLN A C   1 
ATOM   9   O O   . GLN A 1 25  ? -0.302  2.668   -13.236 1.00 59.00 ? 25  GLN A O   1 
ATOM   10  C CB  . GLN A 1 25  ? -3.089  1.290   -12.948 1.00 57.92 ? 25  GLN A CB  1 
ATOM   11  C CG  . GLN A 1 25  ? -3.196  1.097   -11.432 1.00 53.95 ? 25  GLN A CG  1 
ATOM   12  C CD  . GLN A 1 25  ? -3.899  -0.216  -11.049 1.00 57.65 ? 25  GLN A CD  1 
ATOM   13  O OE1 . GLN A 1 25  ? -5.124  -0.257  -10.903 1.00 60.15 ? 25  GLN A OE1 1 
ATOM   14  N NE2 . GLN A 1 25  ? -3.124  -1.289  -10.884 1.00 51.86 ? 25  GLN A NE2 1 
ATOM   15  N N   . LYS A 1 26  ? -1.378  4.062   -11.861 1.00 43.91 ? 26  LYS A N   1 
ATOM   16  C CA  . LYS A 1 26  ? -0.134  4.540   -11.264 1.00 41.13 ? 26  LYS A CA  1 
ATOM   17  C C   . LYS A 1 26  ? -0.162  4.375   -9.758  1.00 37.04 ? 26  LYS A C   1 
ATOM   18  O O   . LYS A 1 26  ? -0.855  5.116   -9.057  1.00 37.41 ? 26  LYS A O   1 
ATOM   19  C CB  . LYS A 1 26  ? 0.101   6.011   -11.578 1.00 44.98 ? 26  LYS A CB  1 
ATOM   20  C CG  . LYS A 1 26  ? 0.409   6.359   -13.025 1.00 51.57 ? 26  LYS A CG  1 
ATOM   21  C CD  . LYS A 1 26  ? 0.997   7.793   -13.075 1.00 57.16 ? 26  LYS A CD  1 
ATOM   22  C CE  . LYS A 1 26  ? 0.601   8.568   -14.324 1.00 62.32 ? 26  LYS A CE  1 
ATOM   23  N NZ  . LYS A 1 26  ? 1.078   9.995   -14.249 1.00 65.50 ? 26  LYS A NZ  1 
ATOM   24  N N   . ILE A 1 27  ? 0.623   3.424   -9.272  1.00 33.54 ? 27  ILE A N   1 
ATOM   25  C CA  . ILE A 1 27  ? 0.669   3.075   -7.855  1.00 30.24 ? 27  ILE A CA  1 
ATOM   26  C C   . ILE A 1 27  ? 1.775   3.849   -7.163  1.00 29.77 ? 27  ILE A C   1 
ATOM   27  O O   . ILE A 1 27  ? 2.932   3.775   -7.577  1.00 30.16 ? 27  ILE A O   1 
ATOM   28  C CB  . ILE A 1 27  ? 0.950   1.571   -7.694  1.00 27.22 ? 27  ILE A CB  1 
ATOM   29  C CG1 . ILE A 1 27  ? -0.075  0.760   -8.489  1.00 29.47 ? 27  ILE A CG1 1 
ATOM   30  C CG2 . ILE A 1 27  ? 0.916   1.177   -6.240  1.00 26.14 ? 27  ILE A CG2 1 
ATOM   31  C CD1 . ILE A 1 27  ? -1.488  1.043   -8.060  1.00 30.57 ? 27  ILE A CD1 1 
ATOM   32  N N   . LYS A 1 28  ? 1.417   4.583   -6.109  1.00 31.43 ? 28  LYS A N   1 
ATOM   33  C CA  . LYS A 1 28  ? 2.375   5.350   -5.338  1.00 31.77 ? 28  LYS A CA  1 
ATOM   34  C C   . LYS A 1 28  ? 2.501   4.744   -3.968  1.00 29.26 ? 28  LYS A C   1 
ATOM   35  O O   . LYS A 1 28  ? 1.507   4.446   -3.319  1.00 30.84 ? 28  LYS A O   1 
ATOM   36  C CB  . LYS A 1 28  ? 1.928   6.805   -5.210  1.00 35.70 ? 28  LYS A CB  1 
ATOM   37  C CG  . LYS A 1 28  ? 1.684   7.477   -6.553  1.00 38.37 ? 28  LYS A CG  1 
ATOM   38  C CD  . LYS A 1 28  ? 2.930   7.451   -7.412  1.00 39.64 ? 28  LYS A CD  1 
ATOM   39  C CE  . LYS A 1 28  ? 2.697   8.199   -8.725  1.00 43.01 ? 28  LYS A CE  1 
ATOM   40  N NZ  . LYS A 1 28  ? 3.835   8.071   -9.674  1.00 42.86 ? 28  LYS A NZ  1 
ATOM   41  N N   . ILE A 1 29  ? 3.734   4.557   -3.525  1.00 31.03 ? 29  ILE A N   1 
ATOM   42  C CA  . ILE A 1 29  ? 3.990   3.996   -2.207  1.00 32.35 ? 29  ILE A CA  1 
ATOM   43  C C   . ILE A 1 29  ? 4.961   4.938   -1.502  1.00 35.23 ? 29  ILE A C   1 
ATOM   44  O O   . ILE A 1 29  ? 6.046   5.245   -2.007  1.00 35.04 ? 29  ILE A O   1 
ATOM   45  C CB  . ILE A 1 29  ? 4.579   2.580   -2.291  1.00 32.12 ? 29  ILE A CB  1 
ATOM   46  C CG1 . ILE A 1 29  ? 3.612   1.647   -3.007  1.00 28.43 ? 29  ILE A CG1 1 
ATOM   47  C CG2 . ILE A 1 29  ? 4.858   2.018   -0.900  1.00 33.27 ? 29  ILE A CG2 1 
ATOM   48  C CD1 . ILE A 1 29  ? 4.204   0.293   -3.263  1.00 32.02 ? 29  ILE A CD1 1 
ATOM   49  N N   . TYR A 1 30  ? 4.553   5.430   -0.346  1.00 38.29 ? 30  TYR A N   1 
ATOM   50  C CA  . TYR A 1 30  ? 5.384   6.373   0.373   1.00 39.52 ? 30  TYR A CA  1 
ATOM   51  C C   . TYR A 1 30  ? 5.112   6.331   1.854   1.00 41.51 ? 30  TYR A C   1 
ATOM   52  O O   . TYR A 1 30  ? 4.179   5.687   2.321   1.00 39.90 ? 30  TYR A O   1 
ATOM   53  C CB  . TYR A 1 30  ? 5.174   7.790   -0.154  1.00 38.78 ? 30  TYR A CB  1 
ATOM   54  C CG  . TYR A 1 30  ? 3.749   8.293   -0.075  1.00 37.81 ? 30  TYR A CG  1 
ATOM   55  C CD1 . TYR A 1 30  ? 2.872   8.088   -1.113  1.00 37.87 ? 30  TYR A CD1 1 
ATOM   56  C CD2 . TYR A 1 30  ? 3.299   9.011   1.026   1.00 40.28 ? 30  TYR A CD2 1 
ATOM   57  C CE1 . TYR A 1 30  ? 1.587   8.564   -1.068  1.00 39.80 ? 30  TYR A CE1 1 
ATOM   58  C CE2 . TYR A 1 30  ? 2.002   9.493   1.084   1.00 39.92 ? 30  TYR A CE2 1 
ATOM   59  C CZ  . TYR A 1 30  ? 1.156   9.262   0.027   1.00 42.54 ? 30  TYR A CZ  1 
ATOM   60  O OH  . TYR A 1 30  ? -0.134  9.728   0.056   1.00 45.85 ? 30  TYR A OH  1 
ATOM   61  N N   . VAL A 1 31  ? 5.937   7.041   2.595   1.00 38.48 ? 31  VAL A N   1 
ATOM   62  C CA  . VAL A 1 31  ? 5.854   6.992   4.026   1.00 38.16 ? 31  VAL A CA  1 
ATOM   63  C C   . VAL A 1 31  ? 5.425   8.369   4.507   1.00 39.87 ? 31  VAL A C   1 
ATOM   64  O O   . VAL A 1 31  ? 5.785   9.391   3.915   1.00 40.59 ? 31  VAL A O   1 
ATOM   65  C CB  . VAL A 1 31  ? 7.202   6.538   4.586   1.00 41.78 ? 31  VAL A CB  1 
ATOM   66  C CG1 . VAL A 1 31  ? 7.864   7.625   5.394   1.00 47.79 ? 31  VAL A CG1 1 
ATOM   67  C CG2 . VAL A 1 31  ? 7.044   5.250   5.356   1.00 39.26 ? 31  VAL A CG2 1 
ATOM   68  N N   . THR A 1 32  ? 4.628   8.385   5.565   1.00 50.89 ? 32  THR A N   1 
ATOM   69  C CA  . THR A 1 32  ? 4.097   9.623   6.103   1.00 51.24 ? 32  THR A CA  1 
ATOM   70  C C   . THR A 1 32  ? 4.038   9.545   7.629   1.00 52.96 ? 32  THR A C   1 
ATOM   71  O O   . THR A 1 32  ? 3.923   8.466   8.198   1.00 52.70 ? 32  THR A O   1 
ATOM   72  C CB  . THR A 1 32  ? 2.696   9.919   5.516   1.00 51.33 ? 32  THR A CB  1 
ATOM   73  O OG1 . THR A 1 32  ? 2.659   11.273  5.065   1.00 57.91 ? 32  THR A OG1 1 
ATOM   74  C CG2 . THR A 1 32  ? 1.593   9.699   6.542   1.00 56.25 ? 32  THR A CG2 1 
ATOM   75  N N   . LYS A 1 33  ? 4.162   10.691  8.289   1.00 48.92 ? 33  LYS A N   1 
ATOM   76  C CA  . LYS A 1 33  ? 3.956   10.753  9.726   1.00 49.01 ? 33  LYS A CA  1 
ATOM   77  C C   . LYS A 1 33  ? 3.124   11.980  10.003  1.00 48.45 ? 33  LYS A C   1 
ATOM   78  O O   . LYS A 1 33  ? 3.601   13.104  9.887   1.00 50.63 ? 33  LYS A O   1 
ATOM   79  C CB  . LYS A 1 33  ? 5.283   10.813  10.497  1.00 50.70 ? 33  LYS A CB  1 
ATOM   80  C CG  . LYS A 1 33  ? 5.093   10.917  12.006  1.00 52.03 ? 33  LYS A CG  1 
ATOM   81  C CD  . LYS A 1 33  ? 6.387   11.226  12.768  1.00 57.14 ? 33  LYS A CD  1 
ATOM   82  C CE  . LYS A 1 33  ? 6.068   11.801  14.158  1.00 60.54 ? 33  LYS A CE  1 
ATOM   83  N NZ  . LYS A 1 33  ? 7.237   11.921  15.091  1.00 62.64 ? 33  LYS A NZ  1 
ATOM   84  N N   . ARG A 1 34  ? 1.863   11.772  10.342  1.00 58.21 ? 34  ARG A N   1 
ATOM   85  C CA  . ARG A 1 34  ? 1.008   12.901  10.635  1.00 59.56 ? 34  ARG A CA  1 
ATOM   86  C C   . ARG A 1 34  ? 1.427   13.555  11.953  1.00 60.21 ? 34  ARG A C   1 
ATOM   87  O O   . ARG A 1 34  ? 2.157   12.970  12.747  1.00 58.86 ? 34  ARG A O   1 
ATOM   88  C CB  . ARG A 1 34  ? -0.457  12.477  10.675  1.00 60.33 ? 34  ARG A CB  1 
ATOM   89  C CG  . ARG A 1 34  ? -0.950  11.825  9.387   1.00 65.18 ? 34  ARG A CG  1 
ATOM   90  C CD  . ARG A 1 34  ? -2.454  11.588  9.451   1.00 67.59 ? 34  ARG A CD  1 
ATOM   91  N NE  . ARG A 1 34  ? -2.866  10.400  8.707   1.00 69.98 ? 34  ARG A NE  1 
ATOM   92  C CZ  . ARG A 1 34  ? -3.478  9.342   9.243   1.00 70.18 ? 34  ARG A CZ  1 
ATOM   93  N NH1 . ARG A 1 34  ? -3.768  9.306   10.542  1.00 72.41 ? 34  ARG A NH1 1 
ATOM   94  N NH2 . ARG A 1 34  ? -3.811  8.320   8.472   1.00 66.46 ? 34  ARG A NH2 1 
ATOM   95  N N   . ARG A 1 35  ? 0.979   14.786  12.147  1.00 48.03 ? 35  ARG A N   1 
ATOM   96  C CA  . ARG A 1 35  ? 1.219   15.539  13.368  1.00 50.18 ? 35  ARG A CA  1 
ATOM   97  C C   . ARG A 1 35  ? 0.720   14.713  14.551  1.00 47.60 ? 35  ARG A C   1 
ATOM   98  O O   . ARG A 1 35  ? -0.448  14.321  14.587  1.00 47.08 ? 35  ARG A O   1 
ATOM   99  C CB  . ARG A 1 35  ? 0.457   16.856  13.279  1.00 51.20 ? 35  ARG A CB  1 
ATOM   100 C CG  . ARG A 1 35  ? 0.825   17.902  14.309  1.00 53.96 ? 35  ARG A CG  1 
ATOM   101 C CD  . ARG A 1 35  ? -0.260  18.975  14.355  1.00 57.49 ? 35  ARG A CD  1 
ATOM   102 N NE  . ARG A 1 35  ? -0.046  19.926  15.435  1.00 61.48 ? 35  ARG A NE  1 
ATOM   103 C CZ  . ARG A 1 35  ? 0.727   20.993  15.318  1.00 64.43 ? 35  ARG A CZ  1 
ATOM   104 N NH1 . ARG A 1 35  ? 1.344   21.212  14.167  1.00 64.69 ? 35  ARG A NH1 1 
ATOM   105 N NH2 . ARG A 1 35  ? 0.889   21.822  16.338  1.00 64.76 ? 35  ARG A NH2 1 
ATOM   106 N N   . PHE A 1 36  ? 1.619   14.430  15.494  1.00 39.45 ? 36  PHE A N   1 
ATOM   107 C CA  . PHE A 1 36  ? 1.322   13.614  16.685  1.00 39.04 ? 36  PHE A CA  1 
ATOM   108 C C   . PHE A 1 36  ? 1.050   12.149  16.356  1.00 36.30 ? 36  PHE A C   1 
ATOM   109 O O   . PHE A 1 36  ? 0.518   11.408  17.180  1.00 36.61 ? 36  PHE A O   1 
ATOM   110 C CB  . PHE A 1 36  ? 0.162   14.192  17.497  1.00 39.91 ? 36  PHE A CB  1 
ATOM   111 C CG  . PHE A 1 36  ? 0.334   15.632  17.857  1.00 42.08 ? 36  PHE A CG  1 
ATOM   112 C CD1 . PHE A 1 36  ? 1.516   16.081  18.420  1.00 43.20 ? 36  PHE A CD1 1 
ATOM   113 C CD2 . PHE A 1 36  ? -0.680  16.543  17.627  1.00 40.92 ? 36  PHE A CD2 1 
ATOM   114 C CE1 . PHE A 1 36  ? 1.680   17.413  18.752  1.00 45.57 ? 36  PHE A CE1 1 
ATOM   115 C CE2 . PHE A 1 36  ? -0.523  17.869  17.952  1.00 45.04 ? 36  PHE A CE2 1 
ATOM   116 C CZ  . PHE A 1 36  ? 0.658   18.308  18.521  1.00 46.18 ? 36  PHE A CZ  1 
ATOM   117 N N   . GLY A 1 37  ? 1.446   11.722  15.166  1.00 46.51 ? 37  GLY A N   1 
ATOM   118 C CA  . GLY A 1 37  ? 1.211   10.353  14.758  1.00 43.24 ? 37  GLY A CA  1 
ATOM   119 C C   . GLY A 1 37  ? 2.484   9.528   14.755  1.00 45.59 ? 37  GLY A C   1 
ATOM   120 O O   . GLY A 1 37  ? 3.531   10.002  15.194  1.00 45.86 ? 37  GLY A O   1 
ATOM   121 N N   . LYS A 1 38  ? 2.384   8.286   14.279  1.00 44.59 ? 38  LYS A N   1 
ATOM   122 C CA  . LYS A 1 38  ? 3.559   7.465   14.020  1.00 45.35 ? 38  LYS A CA  1 
ATOM   123 C C   . LYS A 1 38  ? 3.717   7.290   12.521  1.00 43.85 ? 38  LYS A C   1 
ATOM   124 O O   . LYS A 1 38  ? 2.802   7.574   11.756  1.00 42.24 ? 38  LYS A O   1 
ATOM   125 C CB  . LYS A 1 38  ? 3.442   6.100   14.694  1.00 50.98 ? 38  LYS A CB  1 
ATOM   126 C CG  . LYS A 1 38  ? 4.058   6.060   16.096  1.00 56.79 ? 38  LYS A CG  1 
ATOM   127 C CD  . LYS A 1 38  ? 4.563   4.658   16.450  1.00 58.52 ? 38  LYS A CD  1 
ATOM   128 C CE  . LYS A 1 38  ? 5.491   4.695   17.665  1.00 63.26 ? 38  LYS A CE  1 
ATOM   129 N NZ  . LYS A 1 38  ? 6.322   3.452   17.770  1.00 61.91 ? 38  LYS A NZ  1 
ATOM   130 N N   . LEU A 1 39  ? 4.880   6.820   12.103  1.00 46.13 ? 39  LEU A N   1 
ATOM   131 C CA  . LEU A 1 39  ? 5.153   6.587   10.697  1.00 46.33 ? 39  LEU A CA  1 
ATOM   132 C C   . LEU A 1 39  ? 4.167   5.588   10.077  1.00 43.57 ? 39  LEU A C   1 
ATOM   133 O O   . LEU A 1 39  ? 4.000   4.501   10.609  1.00 44.10 ? 39  LEU A O   1 
ATOM   134 C CB  . LEU A 1 39  ? 6.567   6.043   10.578  1.00 46.47 ? 39  LEU A CB  1 
ATOM   135 C CG  . LEU A 1 39  ? 7.215   6.161   9.215   1.00 46.50 ? 39  LEU A CG  1 
ATOM   136 C CD1 . LEU A 1 39  ? 7.643   7.584   8.991   1.00 48.78 ? 39  LEU A CD1 1 
ATOM   137 C CD2 . LEU A 1 39  ? 8.394   5.221   9.168   1.00 50.87 ? 39  LEU A CD2 1 
ATOM   138 N N   . MET A 1 40  ? 3.521   5.963   8.967   1.00 48.10 ? 40  MET A N   1 
ATOM   139 C CA  . MET A 1 40  ? 2.605   5.077   8.218   1.00 42.70 ? 40  MET A CA  1 
ATOM   140 C C   . MET A 1 40  ? 3.165   4.818   6.822   1.00 44.77 ? 40  MET A C   1 
ATOM   141 O O   . MET A 1 40  ? 3.870   5.667   6.276   1.00 43.51 ? 40  MET A O   1 
ATOM   142 C CB  . MET A 1 40  ? 1.244   5.749   8.001   1.00 43.19 ? 40  MET A CB  1 
ATOM   143 C CG  . MET A 1 40  ? 0.466   6.164   9.237   1.00 49.72 ? 40  MET A CG  1 
ATOM   144 S SD  . MET A 1 40  ? -0.311  4.775   10.085  1.00 56.71 ? 40  MET A SD  1 
ATOM   145 C CE  . MET A 1 40  ? 0.865   4.463   11.404  1.00 56.24 ? 40  MET A CE  1 
ATOM   146 N N   . THR A 1 41  ? 2.837   3.670   6.224   1.00 38.38 ? 41  THR A N   1 
ATOM   147 C CA  . THR A 1 41  ? 3.109   3.469   4.802   1.00 33.42 ? 41  THR A CA  1 
ATOM   148 C C   . THR A 1 41  ? 1.795   3.635   4.040   1.00 33.40 ? 41  THR A C   1 
ATOM   149 O O   . THR A 1 41  ? 0.792   3.000   4.371   1.00 32.92 ? 41  THR A O   1 
ATOM   150 C CB  . THR A 1 41  ? 3.758   2.092   4.496   1.00 36.68 ? 41  THR A CB  1 
ATOM   151 O OG1 . THR A 1 41  ? 5.041   2.011   5.127   1.00 36.42 ? 41  THR A OG1 1 
ATOM   152 C CG2 . THR A 1 41  ? 3.949   1.899   2.986   1.00 34.00 ? 41  THR A CG2 1 
ATOM   153 N N   . ILE A 1 42  ? 1.803   4.504   3.031   1.00 33.01 ? 42  ILE A N   1 
ATOM   154 C CA  . ILE A 1 42  ? 0.613   4.774   2.234   1.00 32.52 ? 42  ILE A CA  1 
ATOM   155 C C   . ILE A 1 42  ? 0.711   4.176   0.821   1.00 32.62 ? 42  ILE A C   1 
ATOM   156 O O   . ILE A 1 42  ? 1.722   4.325   0.139   1.00 33.41 ? 42  ILE A O   1 
ATOM   157 C CB  . ILE A 1 42  ? 0.388   6.274   2.067   1.00 35.02 ? 42  ILE A CB  1 
ATOM   158 C CG1 . ILE A 1 42  ? 0.573   7.018   3.405   1.00 39.71 ? 42  ILE A CG1 1 
ATOM   159 C CG2 . ILE A 1 42  ? -0.993  6.536   1.464   1.00 36.22 ? 42  ILE A CG2 1 
ATOM   160 C CD1 . ILE A 1 42  ? -0.472  6.704   4.424   1.00 39.36 ? 42  ILE A CD1 1 
ATOM   161 N N   . ILE A 1 43  ? -0.357  3.511   0.390   1.00 31.40 ? 43  ILE A N   1 
ATOM   162 C CA  . ILE A 1 43  ? -0.415  2.924   -0.940  1.00 30.35 ? 43  ILE A CA  1 
ATOM   163 C C   . ILE A 1 43  ? -1.650  3.439   -1.668  1.00 31.01 ? 43  ILE A C   1 
ATOM   164 O O   . ILE A 1 43  ? -2.764  3.229   -1.216  1.00 33.66 ? 43  ILE A O   1 
ATOM   165 C CB  . ILE A 1 43  ? -0.492  1.389   -0.862  1.00 30.44 ? 43  ILE A CB  1 
ATOM   166 C CG1 . ILE A 1 43  ? 0.665   0.849   -0.012  1.00 31.53 ? 43  ILE A CG1 1 
ATOM   167 C CG2 . ILE A 1 43  ? -0.447  0.784   -2.250  1.00 29.83 ? 43  ILE A CG2 1 
ATOM   168 C CD1 . ILE A 1 43  ? 0.204   0.088   1.205   1.00 31.13 ? 43  ILE A CD1 1 
ATOM   169 N N   . GLU A 1 44  ? -1.457  4.119   -2.790  1.00 32.36 ? 44  GLU A N   1 
ATOM   170 C CA  . GLU A 1 44  ? -2.596  4.664   -3.531  1.00 36.74 ? 44  GLU A CA  1 
ATOM   171 C C   . GLU A 1 44  ? -2.452  4.433   -5.026  1.00 35.11 ? 44  GLU A C   1 
ATOM   172 O O   . GLU A 1 44  ? -1.373  4.108   -5.514  1.00 35.86 ? 44  GLU A O   1 
ATOM   173 C CB  . GLU A 1 44  ? -2.747  6.169   -3.246  1.00 38.89 ? 44  GLU A CB  1 
ATOM   174 C CG  . GLU A 1 44  ? -1.443  6.900   -3.266  1.00 40.39 ? 44  GLU A CG  1 
ATOM   175 C CD  . GLU A 1 44  ? -1.588  8.403   -3.148  1.00 46.44 ? 44  GLU A CD  1 
ATOM   176 O OE1 . GLU A 1 44  ? -1.852  8.892   -2.026  1.00 49.49 ? 44  GLU A OE1 1 
ATOM   177 O OE2 . GLU A 1 44  ? -1.416  9.094   -4.179  1.00 46.61 ? 44  GLU A OE2 1 
ATOM   178 N N   . GLY A 1 45  ? -3.555  4.593   -5.748  1.00 31.83 ? 45  GLY A N   1 
ATOM   179 C CA  . GLY A 1 45  ? -3.513  4.598   -7.193  1.00 33.31 ? 45  GLY A CA  1 
ATOM   180 C C   . GLY A 1 45  ? -4.204  3.417   -7.821  1.00 34.56 ? 45  GLY A C   1 
ATOM   181 O O   . GLY A 1 45  ? -4.295  3.328   -9.042  1.00 36.24 ? 45  GLY A O   1 
ATOM   182 N N   . PHE A 1 46  ? -4.703  2.505   -6.997  1.00 38.62 ? 46  PHE A N   1 
ATOM   183 C CA  . PHE A 1 46  ? -5.431  1.358   -7.518  1.00 37.37 ? 46  PHE A CA  1 
ATOM   184 C C   . PHE A 1 46  ? -6.802  1.762   -8.045  1.00 44.05 ? 46  PHE A C   1 
ATOM   185 O O   . PHE A 1 46  ? -7.421  2.707   -7.543  1.00 45.34 ? 46  PHE A O   1 
ATOM   186 C CB  . PHE A 1 46  ? -5.601  0.297   -6.435  1.00 37.11 ? 46  PHE A CB  1 
ATOM   187 C CG  . PHE A 1 46  ? -4.348  -0.452  -6.127  1.00 35.13 ? 46  PHE A CG  1 
ATOM   188 C CD1 . PHE A 1 46  ? -3.834  -1.364  -7.037  1.00 36.57 ? 46  PHE A CD1 1 
ATOM   189 C CD2 . PHE A 1 46  ? -3.674  -0.242  -4.940  1.00 34.85 ? 46  PHE A CD2 1 
ATOM   190 C CE1 . PHE A 1 46  ? -2.661  -2.049  -6.759  1.00 34.27 ? 46  PHE A CE1 1 
ATOM   191 C CE2 . PHE A 1 46  ? -2.510  -0.929  -4.659  1.00 32.40 ? 46  PHE A CE2 1 
ATOM   192 C CZ  . PHE A 1 46  ? -2.006  -1.832  -5.570  1.00 33.35 ? 46  PHE A CZ  1 
ATOM   193 N N   . ASP A 1 47  ? -7.270  1.037   -9.059  1.00 43.26 ? 47  ASP A N   1 
ATOM   194 C CA  . ASP A 1 47  ? -8.618  1.214   -9.584  1.00 45.56 ? 47  ASP A CA  1 
ATOM   195 C C   . ASP A 1 47  ? -9.581  0.444   -8.692  1.00 47.41 ? 47  ASP A C   1 
ATOM   196 O O   . ASP A 1 47  ? -9.681  -0.784  -8.775  1.00 47.61 ? 47  ASP A O   1 
ATOM   197 C CB  . ASP A 1 47  ? -8.707  0.708   -11.030 1.00 48.48 ? 47  ASP A CB  1 
ATOM   198 C CG  . ASP A 1 47  ? -10.081 0.949   -11.661 1.00 51.75 ? 47  ASP A CG  1 
ATOM   199 O OD1 . ASP A 1 47  ? -11.067 1.151   -10.919 1.00 54.18 ? 47  ASP A OD1 1 
ATOM   200 O OD2 . ASP A 1 47  ? -10.178 0.929   -12.909 1.00 53.75 ? 47  ASP A OD2 1 
ATOM   201 N N   . THR A 1 48  ? -10.317 1.194   -7.885  1.00 49.22 ? 48  THR A N   1 
ATOM   202 C CA  . THR A 1 48  ? -11.140 0.666   -6.811  1.00 51.40 ? 48  THR A CA  1 
ATOM   203 C C   . THR A 1 48  ? -12.361 -0.087  -7.330  1.00 51.54 ? 48  THR A C   1 
ATOM   204 O O   . THR A 1 48  ? -12.964 -0.880  -6.606  1.00 53.36 ? 48  THR A O   1 
ATOM   205 C CB  . THR A 1 48  ? -11.571 1.828   -5.859  1.00 54.99 ? 48  THR A CB  1 
ATOM   206 O OG1 . THR A 1 48  ? -11.798 1.322   -4.540  1.00 57.50 ? 48  THR A OG1 1 
ATOM   207 C CG2 . THR A 1 48  ? -12.822 2.530   -6.367  1.00 58.62 ? 48  THR A CG2 1 
ATOM   208 N N   . SER A 1 49  ? -12.722 0.149   -8.588  1.00 44.21 ? 49  SER A N   1 
ATOM   209 C CA  . SER A 1 49  ? -13.829 -0.585  -9.197  1.00 46.58 ? 49  SER A CA  1 
ATOM   210 C C   . SER A 1 49  ? -13.427 -2.004  -9.622  1.00 44.26 ? 49  SER A C   1 
ATOM   211 O O   . SER A 1 49  ? -14.286 -2.871  -9.797  1.00 44.35 ? 49  SER A O   1 
ATOM   212 C CB  . SER A 1 49  ? -14.428 0.190   -10.385 1.00 47.16 ? 49  SER A CB  1 
ATOM   213 O OG  . SER A 1 49  ? -13.618 0.101   -11.548 1.00 51.10 ? 49  SER A OG  1 
ATOM   214 N N   . VAL A 1 50  ? -12.128 -2.239  -9.787  1.00 48.39 ? 50  VAL A N   1 
ATOM   215 C CA  . VAL A 1 50  ? -11.632 -3.560  -10.203 1.00 46.10 ? 50  VAL A CA  1 
ATOM   216 C C   . VAL A 1 50  ? -10.908 -4.277  -9.062  1.00 42.89 ? 50  VAL A C   1 
ATOM   217 O O   . VAL A 1 50  ? -10.998 -5.494  -8.923  1.00 45.81 ? 50  VAL A O   1 
ATOM   218 C CB  . VAL A 1 50  ? -10.680 -3.458  -11.420 1.00 45.51 ? 50  VAL A CB  1 
ATOM   219 C CG1 . VAL A 1 50  ? -10.128 -4.849  -11.805 1.00 45.02 ? 50  VAL A CG1 1 
ATOM   220 C CG2 . VAL A 1 50  ? -11.398 -2.831  -12.607 1.00 46.14 ? 50  VAL A CG2 1 
ATOM   221 N N   . ILE A 1 51  ? -10.198 -3.509  -8.245  1.00 44.44 ? 51  ILE A N   1 
ATOM   222 C CA  . ILE A 1 51  ? -9.369  -4.039  -7.168  1.00 40.05 ? 51  ILE A CA  1 
ATOM   223 C C   . ILE A 1 51  ? -10.025 -3.861  -5.792  1.00 43.55 ? 51  ILE A C   1 
ATOM   224 O O   . ILE A 1 51  ? -10.370 -2.752  -5.407  1.00 42.97 ? 51  ILE A O   1 
ATOM   225 C CB  . ILE A 1 51  ? -8.013  -3.318  -7.156  1.00 38.16 ? 51  ILE A CB  1 
ATOM   226 C CG1 . ILE A 1 51  ? -7.244  -3.656  -8.439  1.00 41.79 ? 51  ILE A CG1 1 
ATOM   227 C CG2 . ILE A 1 51  ? -7.211  -3.710  -5.924  1.00 35.83 ? 51  ILE A CG2 1 
ATOM   228 C CD1 . ILE A 1 51  ? -6.633  -2.449  -9.109  1.00 40.91 ? 51  ILE A CD1 1 
ATOM   229 N N   . ASP A 1 52  ? -10.197 -4.950  -5.051  1.00 48.88 ? 52  ASP A N   1 
ATOM   230 C CA  . ASP A 1 52  ? -10.753 -4.841  -3.709  1.00 51.50 ? 52  ASP A CA  1 
ATOM   231 C C   . ASP A 1 52  ? -9.681  -4.506  -2.680  1.00 46.86 ? 52  ASP A C   1 
ATOM   232 O O   . ASP A 1 52  ? -8.881  -5.365  -2.307  1.00 44.09 ? 52  ASP A O   1 
ATOM   233 C CB  . ASP A 1 52  ? -11.471 -6.120  -3.295  1.00 55.14 ? 52  ASP A CB  1 
ATOM   234 C CG  . ASP A 1 52  ? -12.091 -6.000  -1.917  1.00 57.29 ? 52  ASP A CG  1 
ATOM   235 O OD1 . ASP A 1 52  ? -11.353 -6.165  -0.920  1.00 55.92 ? 52  ASP A OD1 1 
ATOM   236 O OD2 . ASP A 1 52  ? -13.302 -5.706  -1.824  1.00 64.34 ? 52  ASP A OD2 1 
ATOM   237 N N   . LEU A 1 53  ? -9.692  -3.262  -2.205  1.00 41.55 ? 53  LEU A N   1 
ATOM   238 C CA  . LEU A 1 53  ? -8.662  -2.789  -1.284  1.00 38.33 ? 53  LEU A CA  1 
ATOM   239 C C   . LEU A 1 53  ? -8.729  -3.477  0.076   1.00 37.92 ? 53  LEU A C   1 
ATOM   240 O O   . LEU A 1 53  ? -7.708  -3.639  0.737   1.00 37.04 ? 53  LEU A O   1 
ATOM   241 C CB  . LEU A 1 53  ? -8.731  -1.271  -1.108  1.00 38.62 ? 53  LEU A CB  1 
ATOM   242 C CG  . LEU A 1 53  ? -8.331  -0.429  -2.316  1.00 37.55 ? 53  LEU A CG  1 
ATOM   243 C CD1 . LEU A 1 53  ? -8.400  1.053   -1.947  1.00 40.02 ? 53  LEU A CD1 1 
ATOM   244 C CD2 . LEU A 1 53  ? -6.939  -0.805  -2.819  1.00 32.46 ? 53  LEU A CD2 1 
ATOM   245 N N   . LYS A 1 54  ? -9.924  -3.872  0.495   1.00 43.79 ? 54  LYS A N   1 
ATOM   246 C CA  . LYS A 1 54  ? -10.070 -4.609  1.747   1.00 47.46 ? 54  LYS A CA  1 
ATOM   247 C C   . LYS A 1 54  ? -9.223  -5.900  1.738   1.00 43.15 ? 54  LYS A C   1 
ATOM   248 O O   . LYS A 1 54  ? -8.433  -6.139  2.642   1.00 42.99 ? 54  LYS A O   1 
ATOM   249 C CB  . LYS A 1 54  ? -11.548 -4.931  2.010   1.00 54.06 ? 54  LYS A CB  1 
ATOM   250 C CG  . LYS A 1 54  ? -12.498 -3.749  1.769   1.00 59.21 ? 54  LYS A CG  1 
ATOM   251 C CD  . LYS A 1 54  ? -13.966 -4.158  1.976   1.00 67.39 ? 54  LYS A CD  1 
ATOM   252 C CE  . LYS A 1 54  ? -14.911 -2.951  1.987   1.00 74.04 ? 54  LYS A CE  1 
ATOM   253 N NZ  . LYS A 1 54  ? -16.282 -3.313  2.471   1.00 78.55 ? 54  LYS A NZ  1 
ATOM   254 N N   . GLU A 1 55  ? -9.380  -6.717  0.703   1.00 46.43 ? 55  GLU A N   1 
ATOM   255 C CA  . GLU A 1 55  ? -8.604  -7.952  0.592   1.00 45.63 ? 55  GLU A CA  1 
ATOM   256 C C   . GLU A 1 55  ? -7.115  -7.696  0.347   1.00 41.65 ? 55  GLU A C   1 
ATOM   257 O O   . GLU A 1 55  ? -6.260  -8.378  0.913   1.00 41.50 ? 55  GLU A O   1 
ATOM   258 C CB  . GLU A 1 55  ? -9.173  -8.849  -0.503  1.00 45.82 ? 55  GLU A CB  1 
ATOM   259 C CG  . GLU A 1 55  ? -8.533  -10.231 -0.540  1.00 51.46 ? 55  GLU A CG  1 
ATOM   260 C CD  . GLU A 1 55  ? -8.853  -11.070 0.700   1.00 58.19 ? 55  GLU A CD  1 
ATOM   261 O OE1 . GLU A 1 55  ? -9.930  -10.852 1.321   1.00 58.38 ? 55  GLU A OE1 1 
ATOM   262 O OE2 . GLU A 1 55  ? -8.022  -11.946 1.052   1.00 59.06 ? 55  GLU A OE2 1 
ATOM   263 N N   . LEU A 1 56  ? -6.805  -6.707  -0.487  1.00 42.42 ? 56  LEU A N   1 
ATOM   264 C CA  . LEU A 1 56  ? -5.414  -6.322  -0.706  1.00 39.43 ? 56  LEU A CA  1 
ATOM   265 C C   . LEU A 1 56  ? -4.753  -5.938  0.611   1.00 38.18 ? 56  LEU A C   1 
ATOM   266 O O   . LEU A 1 56  ? -3.672  -6.424  0.942   1.00 39.14 ? 56  LEU A O   1 
ATOM   267 C CB  . LEU A 1 56  ? -5.319  -5.170  -1.707  1.00 37.35 ? 56  LEU A CB  1 
ATOM   268 C CG  . LEU A 1 56  ? -3.900  -4.861  -2.163  1.00 36.90 ? 56  LEU A CG  1 
ATOM   269 C CD1 . LEU A 1 56  ? -3.192  -6.119  -2.623  1.00 35.32 ? 56  LEU A CD1 1 
ATOM   270 C CD2 . LEU A 1 56  ? -3.924  -3.853  -3.289  1.00 35.29 ? 56  LEU A CD2 1 
ATOM   271 N N   . ALA A 1 57  ? -5.430  -5.093  1.379   1.00 33.28 ? 57  ALA A N   1 
ATOM   272 C CA  . ALA A 1 57  ? -4.931  -4.661  2.678   1.00 34.46 ? 57  ALA A CA  1 
ATOM   273 C C   . ALA A 1 57  ? -4.700  -5.830  3.620   1.00 37.00 ? 57  ALA A C   1 
ATOM   274 O O   . ALA A 1 57  ? -3.681  -5.892  4.302   1.00 38.63 ? 57  ALA A O   1 
ATOM   275 C CB  . ALA A 1 57  ? -5.908  -3.669  3.323   1.00 35.11 ? 57  ALA A CB  1 
ATOM   276 N N   . LYS A 1 58  ? -5.661  -6.743  3.684   1.00 42.33 ? 58  LYS A N   1 
ATOM   277 C CA  . LYS A 1 58  ? -5.495  -7.925  4.520   1.00 45.48 ? 58  LYS A CA  1 
ATOM   278 C C   . LYS A 1 58  ? -4.243  -8.711  4.122   1.00 44.27 ? 58  LYS A C   1 
ATOM   279 O O   . LYS A 1 58  ? -3.478  -9.140  4.982   1.00 46.49 ? 58  LYS A O   1 
ATOM   280 C CB  . LYS A 1 58  ? -6.739  -8.810  4.481   1.00 49.54 ? 58  LYS A CB  1 
ATOM   281 C CG  . LYS A 1 58  ? -6.588  -10.116 5.246   1.00 54.35 ? 58  LYS A CG  1 
ATOM   282 C CD  . LYS A 1 58  ? -7.946  -10.688 5.618   1.00 61.87 ? 58  LYS A CD  1 
ATOM   283 C CE  . LYS A 1 58  ? -8.087  -12.130 5.186   1.00 63.94 ? 58  LYS A CE  1 
ATOM   284 N NZ  . LYS A 1 58  ? -9.365  -12.678 5.710   1.00 70.35 ? 58  LYS A NZ  1 
ATOM   285 N N   . LYS A 1 59  ? -4.025  -8.869  2.822   1.00 41.87 ? 59  LYS A N   1 
ATOM   286 C CA  . LYS A 1 59  ? -2.847  -9.568  2.328   1.00 40.81 ? 59  LYS A CA  1 
ATOM   287 C C   . LYS A 1 59  ? -1.583  -8.798  2.675   1.00 43.25 ? 59  LYS A C   1 
ATOM   288 O O   . LYS A 1 59  ? -0.596  -9.376  3.112   1.00 45.04 ? 59  LYS A O   1 
ATOM   289 C CB  . LYS A 1 59  ? -2.948  -9.761  0.817   1.00 41.61 ? 59  LYS A CB  1 
ATOM   290 C CG  . LYS A 1 59  ? -3.888  -10.902 0.412   1.00 46.96 ? 59  LYS A CG  1 
ATOM   291 C CD  . LYS A 1 59  ? -4.115  -10.920 -1.092  1.00 46.39 ? 59  LYS A CD  1 
ATOM   292 C CE  . LYS A 1 59  ? -4.405  -12.327 -1.593  1.00 53.82 ? 59  LYS A CE  1 
ATOM   293 N NZ  . LYS A 1 59  ? -5.299  -13.088 -0.669  1.00 56.62 ? 59  LYS A NZ  1 
ATOM   294 N N   . LEU A 1 60  ? -1.613  -7.489  2.487   1.00 38.37 ? 60  LEU A N   1 
ATOM   295 C CA  . LEU A 1 60  ? -0.443  -6.683  2.788   1.00 40.79 ? 60  LEU A CA  1 
ATOM   296 C C   . LEU A 1 60  ? -0.118  -6.694  4.283   1.00 41.98 ? 60  LEU A C   1 
ATOM   297 O O   . LEU A 1 60  ? 1.052   -6.736  4.667   1.00 43.13 ? 60  LEU A O   1 
ATOM   298 C CB  . LEU A 1 60  ? -0.629  -5.252  2.293   1.00 34.97 ? 60  LEU A CB  1 
ATOM   299 C CG  . LEU A 1 60  ? -0.674  -5.119  0.765   1.00 33.18 ? 60  LEU A CG  1 
ATOM   300 C CD1 . LEU A 1 60  ? -0.750  -3.658  0.362   1.00 31.64 ? 60  LEU A CD1 1 
ATOM   301 C CD2 . LEU A 1 60  ? 0.530   -5.789  0.113   1.00 33.43 ? 60  LEU A CD2 1 
ATOM   302 N N   . LYS A 1 61  ? -1.153  -6.667  5.118   1.00 39.86 ? 61  LYS A N   1 
ATOM   303 C CA  . LYS A 1 61  ? -0.976  -6.705  6.563   1.00 44.15 ? 61  LYS A CA  1 
ATOM   304 C C   . LYS A 1 61  ? -0.295  -7.980  7.036   1.00 48.85 ? 61  LYS A C   1 
ATOM   305 O O   . LYS A 1 61  ? 0.405   -7.982  8.043   1.00 51.38 ? 61  LYS A O   1 
ATOM   306 C CB  . LYS A 1 61  ? -2.313  -6.544  7.275   1.00 44.28 ? 61  LYS A CB  1 
ATOM   307 C CG  . LYS A 1 61  ? -2.786  -5.123  7.283   1.00 45.05 ? 61  LYS A CG  1 
ATOM   308 C CD  . LYS A 1 61  ? -3.750  -4.879  8.413   1.00 49.52 ? 61  LYS A CD  1 
ATOM   309 C CE  . LYS A 1 61  ? -5.138  -5.318  8.054   1.00 50.65 ? 61  LYS A CE  1 
ATOM   310 N NZ  . LYS A 1 61  ? -6.046  -5.091  9.216   1.00 55.45 ? 61  LYS A NZ  1 
ATOM   311 N N   . ASP A 1 62  ? -0.509  -9.067  6.307   1.00 53.34 ? 62  ASP A N   1 
ATOM   312 C CA  . ASP A 1 62  ? 0.147   -10.317 6.635   1.00 57.66 ? 62  ASP A CA  1 
ATOM   313 C C   . ASP A 1 62  ? 1.618   -10.265 6.232   1.00 59.51 ? 62  ASP A C   1 
ATOM   314 O O   . ASP A 1 62  ? 2.472   -10.794 6.931   1.00 63.99 ? 62  ASP A O   1 
ATOM   315 C CB  . ASP A 1 62  ? -0.559  -11.482 5.954   1.00 59.79 ? 62  ASP A CB  1 
ATOM   316 C CG  . ASP A 1 62  ? -0.143  -12.815 6.520   1.00 66.64 ? 62  ASP A CG  1 
ATOM   317 O OD1 . ASP A 1 62  ? -0.395  -13.060 7.722   1.00 72.63 ? 62  ASP A OD1 1 
ATOM   318 O OD2 . ASP A 1 62  ? 0.435   -13.620 5.765   1.00 67.99 ? 62  ASP A OD2 1 
ATOM   319 N N   . ILE A 1 63  ? 1.908   -9.622  5.107   1.00 54.01 ? 63  ILE A N   1 
ATOM   320 C CA  . ILE A 1 63  ? 3.287   -9.461  4.640   1.00 54.55 ? 63  ILE A CA  1 
ATOM   321 C C   . ILE A 1 63  ? 4.125   -8.604  5.593   1.00 55.93 ? 63  ILE A C   1 
ATOM   322 O O   . ILE A 1 63  ? 5.283   -8.924  5.883   1.00 56.48 ? 63  ILE A O   1 
ATOM   323 C CB  . ILE A 1 63  ? 3.336   -8.848  3.213   1.00 53.40 ? 63  ILE A CB  1 
ATOM   324 C CG1 . ILE A 1 63  ? 3.342   -9.951  2.160   1.00 53.99 ? 63  ILE A CG1 1 
ATOM   325 C CG2 . ILE A 1 63  ? 4.570   -8.014  3.019   1.00 49.27 ? 63  ILE A CG2 1 
ATOM   326 C CD1 . ILE A 1 63  ? 2.009   -10.600 1.940   1.00 53.72 ? 63  ILE A CD1 1 
ATOM   327 N N   . CYS A 1 64  ? 3.527   -7.526  6.090   1.00 51.42 ? 64  CYS A N   1 
ATOM   328 C CA  . CYS A 1 64  ? 4.240   -6.589  6.946   1.00 52.42 ? 64  CYS A CA  1 
ATOM   329 C C   . CYS A 1 64  ? 4.090   -6.929  8.428   1.00 57.30 ? 64  CYS A C   1 
ATOM   330 O O   . CYS A 1 64  ? 4.874   -6.465  9.253   1.00 58.96 ? 64  CYS A O   1 
ATOM   331 C CB  . CYS A 1 64  ? 3.746   -5.166  6.686   1.00 48.22 ? 64  CYS A CB  1 
ATOM   332 S SG  . CYS A 1 64  ? 2.093   -4.829  7.368   1.00 51.93 ? 64  CYS A SG  1 
ATOM   333 N N   . ALA A 1 65  ? 3.090   -7.749  8.747   1.00 54.05 ? 65  ALA A N   1 
ATOM   334 C CA  . ALA A 1 65  ? 2.750   -8.098  10.126  1.00 56.07 ? 65  ALA A CA  1 
ATOM   335 C C   . ALA A 1 65  ? 2.545   -6.848  10.961  1.00 54.82 ? 65  ALA A C   1 
ATOM   336 O O   . ALA A 1 65  ? 3.105   -6.706  12.042  1.00 56.62 ? 65  ALA A O   1 
ATOM   337 C CB  . ALA A 1 65  ? 3.811   -8.997  10.743  1.00 58.24 ? 65  ALA A CB  1 
ATOM   338 N N   . CYS A 1 66  ? 1.741   -5.935  10.432  1.00 57.20 ? 66  CYS A N   1 
ATOM   339 C CA  . CYS A 1 66  ? 1.420   -4.693  11.113  1.00 51.99 ? 66  CYS A CA  1 
ATOM   340 C C   . CYS A 1 66  ? -0.066  -4.425  10.960  1.00 50.01 ? 66  CYS A C   1 
ATOM   341 O O   . CYS A 1 66  ? -0.747  -5.077  10.165  1.00 49.87 ? 66  CYS A O   1 
ATOM   342 C CB  . CYS A 1 66  ? 2.193   -3.545  10.479  1.00 52.46 ? 66  CYS A CB  1 
ATOM   343 S SG  . CYS A 1 66  ? 1.785   -3.338  8.712   1.00 50.24 ? 66  CYS A SG  1 
ATOM   344 N N   . GLY A 1 67  ? -0.564  -3.448  11.706  1.00 54.94 ? 67  GLY A N   1 
ATOM   345 C CA  . GLY A 1 67  ? -1.944  -3.027  11.579  1.00 53.62 ? 67  GLY A CA  1 
ATOM   346 C C   . GLY A 1 67  ? -2.106  -2.205  10.317  1.00 49.70 ? 67  GLY A C   1 
ATOM   347 O O   . GLY A 1 67  ? -1.120  -1.746  9.739   1.00 49.16 ? 67  GLY A O   1 
ATOM   348 N N   . GLY A 1 68  ? -3.347  -2.021  9.885   1.00 50.10 ? 68  GLY A N   1 
ATOM   349 C CA  . GLY A 1 68  ? -3.625  -1.233  8.704   1.00 46.52 ? 68  GLY A CA  1 
ATOM   350 C C   . GLY A 1 68  ? -5.108  -1.097  8.442   1.00 48.96 ? 68  GLY A C   1 
ATOM   351 O O   . GLY A 1 68  ? -5.915  -1.818  9.020   1.00 53.89 ? 68  GLY A O   1 
ATOM   352 N N   . THR A 1 69  ? -5.470  -0.157  7.575   1.00 48.57 ? 69  THR A N   1 
ATOM   353 C CA  . THR A 1 69  ? -6.864  0.018   7.187   1.00 50.11 ? 69  THR A CA  1 
ATOM   354 C C   . THR A 1 69  ? -6.945  0.529   5.767   1.00 46.52 ? 69  THR A C   1 
ATOM   355 O O   . THR A 1 69  ? -5.979  1.056   5.219   1.00 47.50 ? 69  THR A O   1 
ATOM   356 C CB  . THR A 1 69  ? -7.597  1.067   8.064   1.00 54.64 ? 69  THR A CB  1 
ATOM   357 O OG1 . THR A 1 69  ? -6.766  2.225   8.211   1.00 51.51 ? 69  THR A OG1 1 
ATOM   358 C CG2 . THR A 1 69  ? -7.942  0.515   9.429   1.00 60.87 ? 69  THR A CG2 1 
ATOM   359 N N   . VAL A 1 70  ? -8.118  0.373   5.176   1.00 43.16 ? 70  VAL A N   1 
ATOM   360 C CA  . VAL A 1 70  ? -8.429  1.065   3.945   1.00 42.62 ? 70  VAL A CA  1 
ATOM   361 C C   . VAL A 1 70  ? -8.923  2.444   4.339   1.00 45.86 ? 70  VAL A C   1 
ATOM   362 O O   . VAL A 1 70  ? -9.920  2.579   5.056   1.00 48.40 ? 70  VAL A O   1 
ATOM   363 C CB  . VAL A 1 70  ? -9.521  0.351   3.170   1.00 42.68 ? 70  VAL A CB  1 
ATOM   364 C CG1 . VAL A 1 70  ? -9.962  1.194   1.998   1.00 47.42 ? 70  VAL A CG1 1 
ATOM   365 C CG2 . VAL A 1 70  ? -9.018  -1.019  2.696   1.00 44.82 ? 70  VAL A CG2 1 
ATOM   366 N N   . LYS A 1 71  ? -8.212  3.466   3.893   1.00 54.84 ? 71  LYS A N   1 
ATOM   367 C CA  . LYS A 1 71  ? -8.593  4.836   4.192   1.00 55.97 ? 71  LYS A CA  1 
ATOM   368 C C   . LYS A 1 71  ? -8.959  5.487   2.866   1.00 57.62 ? 71  LYS A C   1 
ATOM   369 O O   . LYS A 1 71  ? -8.091  5.736   2.024   1.00 57.21 ? 71  LYS A O   1 
ATOM   370 C CB  . LYS A 1 71  ? -7.450  5.562   4.896   1.00 55.44 ? 71  LYS A CB  1 
ATOM   371 C CG  . LYS A 1 71  ? -7.852  6.332   6.161   1.00 63.60 ? 71  LYS A CG  1 
ATOM   372 C CD  . LYS A 1 71  ? -8.159  7.796   5.848   1.00 66.68 ? 71  LYS A CD  1 
ATOM   373 C CE  . LYS A 1 71  ? -7.656  8.728   6.953   1.00 70.85 ? 71  LYS A CE  1 
ATOM   374 N NZ  . LYS A 1 71  ? -6.805  9.835   6.409   1.00 67.79 ? 71  LYS A NZ  1 
ATOM   375 N N   . ASP A 1 72  ? -10.255 5.718   2.677   1.00 68.46 ? 72  ASP A N   1 
ATOM   376 C CA  . ASP A 1 72  ? -10.795 6.168   1.399   1.00 73.02 ? 72  ASP A CA  1 
ATOM   377 C C   . ASP A 1 72  ? -10.369 5.236   0.266   1.00 71.35 ? 72  ASP A C   1 
ATOM   378 O O   . ASP A 1 72  ? -10.696 4.052   0.291   1.00 71.63 ? 72  ASP A O   1 
ATOM   379 C CB  . ASP A 1 72  ? -10.404 7.619   1.125   1.00 74.55 ? 72  ASP A CB  1 
ATOM   380 C CG  . ASP A 1 72  ? -11.054 8.582   2.107   1.00 83.46 ? 72  ASP A CG  1 
ATOM   381 O OD1 . ASP A 1 72  ? -12.279 8.804   1.983   1.00 89.82 ? 72  ASP A OD1 1 
ATOM   382 O OD2 . ASP A 1 72  ? -10.352 9.109   3.002   1.00 80.29 ? 72  ASP A OD2 1 
ATOM   383 N N   . ASN A 1 73  ? -9.651  5.752   -0.723  1.00 54.65 ? 73  ASN A N   1 
ATOM   384 C CA  . ASN A 1 73  ? -9.185  4.889   -1.804  1.00 53.35 ? 73  ASN A CA  1 
ATOM   385 C C   . ASN A 1 73  ? -7.706  4.531   -1.676  1.00 48.80 ? 73  ASN A C   1 
ATOM   386 O O   . ASN A 1 73  ? -7.007  4.348   -2.671  1.00 47.32 ? 73  ASN A O   1 
ATOM   387 C CB  . ASN A 1 73  ? -9.470  5.511   -3.168  1.00 55.94 ? 73  ASN A CB  1 
ATOM   388 C CG  . ASN A 1 73  ? -10.887 5.265   -3.635  1.00 62.68 ? 73  ASN A CG  1 
ATOM   389 O OD1 . ASN A 1 73  ? -11.502 4.249   -3.302  1.00 64.66 ? 73  ASN A OD1 1 
ATOM   390 N ND2 . ASN A 1 73  ? -11.417 6.200   -4.414  1.00 66.14 ? 73  ASN A ND2 1 
ATOM   391 N N   . THR A 1 74  ? -7.239  4.441   -0.436  1.00 38.18 ? 74  THR A N   1 
ATOM   392 C CA  . THR A 1 74  ? -5.844  4.132   -0.148  1.00 35.01 ? 74  THR A CA  1 
ATOM   393 C C   . THR A 1 74  ? -5.760  3.049   0.926   1.00 34.79 ? 74  THR A C   1 
ATOM   394 O O   . THR A 1 74  ? -6.742  2.740   1.583   1.00 36.65 ? 74  THR A O   1 
ATOM   395 C CB  . THR A 1 74  ? -5.087  5.363   0.381   1.00 36.47 ? 74  THR A CB  1 
ATOM   396 O OG1 . THR A 1 74  ? -5.454  5.599   1.743   1.00 41.91 ? 74  THR A OG1 1 
ATOM   397 C CG2 . THR A 1 74  ? -5.409  6.612   -0.436  1.00 36.87 ? 74  THR A CG2 1 
ATOM   398 N N   . ILE A 1 75  ? -4.567  2.492   1.104   1.00 32.09 ? 75  ILE A N   1 
ATOM   399 C CA  . ILE A 1 75  ? -4.305  1.552   2.183   1.00 35.36 ? 75  ILE A CA  1 
ATOM   400 C C   . ILE A 1 75  ? -3.219  2.180   3.033   1.00 35.38 ? 75  ILE A C   1 
ATOM   401 O O   . ILE A 1 75  ? -2.248  2.704   2.500   1.00 34.41 ? 75  ILE A O   1 
ATOM   402 C CB  . ILE A 1 75  ? -3.823  0.184   1.632   1.00 32.93 ? 75  ILE A CB  1 
ATOM   403 C CG1 . ILE A 1 75  ? -4.911  -0.472  0.781   1.00 34.63 ? 75  ILE A CG1 1 
ATOM   404 C CG2 . ILE A 1 75  ? -3.414  -0.759  2.743   1.00 33.05 ? 75  ILE A CG2 1 
ATOM   405 C CD1 . ILE A 1 75  ? -4.391  -1.667  -0.037  1.00 36.20 ? 75  ILE A CD1 1 
ATOM   406 N N   . GLU A 1 76  ? -3.395  2.164   4.351   1.00 37.88 ? 76  GLU A N   1 
ATOM   407 C CA  . GLU A 1 76  ? -2.393  2.722   5.253   1.00 39.12 ? 76  GLU A CA  1 
ATOM   408 C C   . GLU A 1 76  ? -1.878  1.622   6.145   1.00 38.95 ? 76  GLU A C   1 
ATOM   409 O O   . GLU A 1 76  ? -2.655  0.940   6.781   1.00 44.80 ? 76  GLU A O   1 
ATOM   410 C CB  . GLU A 1 76  ? -3.002  3.817   6.133   1.00 40.71 ? 76  GLU A CB  1 
ATOM   411 C CG  . GLU A 1 76  ? -3.577  4.949   5.337   1.00 44.78 ? 76  GLU A CG  1 
ATOM   412 C CD  . GLU A 1 76  ? -3.891  6.175   6.191   1.00 50.86 ? 76  GLU A CD  1 
ATOM   413 O OE1 . GLU A 1 76  ? -3.950  6.058   7.436   1.00 50.68 ? 76  GLU A OE1 1 
ATOM   414 O OE2 . GLU A 1 76  ? -4.071  7.264   5.604   1.00 49.64 ? 76  GLU A OE2 1 
ATOM   415 N N   . LEU A 1 77  ? -0.566  1.455   6.188   1.00 35.24 ? 77  LEU A N   1 
ATOM   416 C CA  . LEU A 1 77  ? 0.048   0.411   6.993   1.00 38.17 ? 77  LEU A CA  1 
ATOM   417 C C   . LEU A 1 77  ? 0.940   1.080   8.033   1.00 44.17 ? 77  LEU A C   1 
ATOM   418 O O   . LEU A 1 77  ? 1.578   2.086   7.741   1.00 40.40 ? 77  LEU A O   1 
ATOM   419 C CB  . LEU A 1 77  ? 0.884   -0.498  6.106   1.00 36.76 ? 77  LEU A CB  1 
ATOM   420 C CG  . LEU A 1 77  ? 0.163   -1.245  4.977   1.00 38.14 ? 77  LEU A CG  1 
ATOM   421 C CD1 . LEU A 1 77  ? 1.173   -2.066  4.198   1.00 37.68 ? 77  LEU A CD1 1 
ATOM   422 C CD2 . LEU A 1 77  ? -0.936  -2.177  5.509   1.00 38.24 ? 77  LEU A CD2 1 
ATOM   423 N N   . GLN A 1 78  ? 0.988   0.522   9.239   1.00 46.65 ? 78  GLN A N   1 
ATOM   424 C CA  . GLN A 1 78  ? 1.806   1.082   10.307  1.00 48.92 ? 78  GLN A CA  1 
ATOM   425 C C   . GLN A 1 78  ? 3.274   0.677   10.165  1.00 48.52 ? 78  GLN A C   1 
ATOM   426 O O   . GLN A 1 78  ? 3.587   -0.493  9.949   1.00 49.91 ? 78  GLN A O   1 
ATOM   427 C CB  . GLN A 1 78  ? 1.232   0.671   11.669  1.00 53.57 ? 78  GLN A CB  1 
ATOM   428 C CG  . GLN A 1 78  ? -0.296  0.753   11.678  1.00 54.43 ? 78  GLN A CG  1 
ATOM   429 C CD  . GLN A 1 78  ? -0.906  0.893   13.064  1.00 62.59 ? 78  GLN A CD  1 
ATOM   430 O OE1 . GLN A 1 78  ? -1.188  -0.100  13.739  1.00 64.18 ? 78  GLN A OE1 1 
ATOM   431 N NE2 . GLN A 1 78  ? -1.135  2.139   13.485  1.00 66.47 ? 78  GLN A NE2 1 
ATOM   432 N N   . GLY A 1 79  ? 4.168   1.657   10.267  1.00 40.92 ? 79  GLY A N   1 
ATOM   433 C CA  . GLY A 1 79  ? 5.590   1.427   10.053  1.00 44.52 ? 79  GLY A CA  1 
ATOM   434 C C   . GLY A 1 79  ? 6.034   1.693   8.621   1.00 40.28 ? 79  GLY A C   1 
ATOM   435 O O   . GLY A 1 79  ? 5.232   2.072   7.784   1.00 38.91 ? 79  GLY A O   1 
ATOM   436 N N   . ASP A 1 80  ? 7.318   1.497   8.342   1.00 42.61 ? 80  ASP A N   1 
ATOM   437 C CA  . ASP A 1 80  ? 7.859   1.685   7.000   1.00 41.76 ? 80  ASP A CA  1 
ATOM   438 C C   . ASP A 1 80  ? 8.017   0.339   6.289   1.00 43.52 ? 80  ASP A C   1 
ATOM   439 O O   . ASP A 1 80  ? 8.951   -0.412  6.568   1.00 44.58 ? 80  ASP A O   1 
ATOM   440 C CB  . ASP A 1 80  ? 9.197   2.427   7.066   1.00 43.88 ? 80  ASP A CB  1 
ATOM   441 C CG  . ASP A 1 80  ? 9.875   2.562   5.706   1.00 46.82 ? 80  ASP A CG  1 
ATOM   442 O OD1 . ASP A 1 80  ? 9.294   2.140   4.696   1.00 43.36 ? 80  ASP A OD1 1 
ATOM   443 O OD2 . ASP A 1 80  ? 11.000  3.098   5.639   1.00 49.51 ? 80  ASP A OD2 1 
ATOM   444 N N   . HIS A 1 81  ? 7.115   0.056   5.351   1.00 42.39 ? 81  HIS A N   1 
ATOM   445 C CA  . HIS A 1 81  ? 7.160   -1.200  4.610   1.00 42.85 ? 81  HIS A CA  1 
ATOM   446 C C   . HIS A 1 81  ? 7.077   -0.958  3.117   1.00 41.17 ? 81  HIS A C   1 
ATOM   447 O O   . HIS A 1 81  ? 6.506   -1.762  2.389   1.00 40.61 ? 81  HIS A O   1 
ATOM   448 C CB  . HIS A 1 81  ? 6.015   -2.123  5.035   1.00 42.96 ? 81  HIS A CB  1 
ATOM   449 C CG  . HIS A 1 81  ? 5.866   -2.255  6.529   1.00 43.80 ? 81  HIS A CG  1 
ATOM   450 N ND1 . HIS A 1 81  ? 6.662   -3.089  7.274   1.00 47.25 ? 81  HIS A ND1 1 
ATOM   451 C CD2 . HIS A 1 81  ? 5.017   -1.660  7.386   1.00 44.20 ? 81  HIS A CD2 1 
ATOM   452 C CE1 . HIS A 1 81  ? 6.308   -3.003  8.549   1.00 47.87 ? 81  HIS A CE1 1 
ATOM   453 N NE2 . HIS A 1 81  ? 5.311   -2.137  8.645   1.00 47.76 ? 81  HIS A NE2 1 
ATOM   454 N N   . ARG A 1 82  ? 7.665   0.138   2.657   1.00 38.32 ? 82  ARG A N   1 
ATOM   455 C CA  . ARG A 1 82  ? 7.610   0.484   1.249   1.00 37.22 ? 82  ARG A CA  1 
ATOM   456 C C   . ARG A 1 82  ? 8.131   -0.598  0.322   1.00 38.08 ? 82  ARG A C   1 
ATOM   457 O O   . ARG A 1 82  ? 7.440   -0.957  -0.621  1.00 33.98 ? 82  ARG A O   1 
ATOM   458 C CB  . ARG A 1 82  ? 8.345   1.792   0.973   1.00 37.96 ? 82  ARG A CB  1 
ATOM   459 C CG  . ARG A 1 82  ? 7.631   2.988   1.572   1.00 37.70 ? 82  ARG A CG  1 
ATOM   460 C CD  . ARG A 1 82  ? 8.584   3.766   2.436   1.00 43.51 ? 82  ARG A CD  1 
ATOM   461 N NE  . ARG A 1 82  ? 9.284   4.771   1.702   1.00 43.72 ? 82  ARG A NE  1 
ATOM   462 C CZ  . ARG A 1 82  ? 10.410  5.354   2.110   1.00 50.62 ? 82  ARG A CZ  1 
ATOM   463 N NH1 . ARG A 1 82  ? 11.001  4.984   3.241   1.00 49.50 ? 82  ARG A NH1 1 
ATOM   464 N NH2 . ARG A 1 82  ? 10.963  6.293   1.361   1.00 49.74 ? 82  ARG A NH2 1 
ATOM   465 N N   . LYS A 1 83  ? 9.342   -1.096  0.571   1.00 38.07 ? 83  LYS A N   1 
ATOM   466 C CA  . LYS A 1 83  ? 9.932   -2.098  -0.322  1.00 40.15 ? 83  LYS A CA  1 
ATOM   467 C C   . LYS A 1 83  ? 9.186   -3.423  -0.280  1.00 40.47 ? 83  LYS A C   1 
ATOM   468 O O   . LYS A 1 83  ? 8.928   -4.019  -1.312  1.00 41.91 ? 83  LYS A O   1 
ATOM   469 C CB  . LYS A 1 83  ? 11.418  -2.310  -0.035  1.00 46.74 ? 83  LYS A CB  1 
ATOM   470 C CG  . LYS A 1 83  ? 12.255  -1.049  -0.245  1.00 52.47 ? 83  LYS A CG  1 
ATOM   471 C CD  . LYS A 1 83  ? 13.750  -1.353  -0.182  1.00 62.28 ? 83  LYS A CD  1 
ATOM   472 C CE  . LYS A 1 83  ? 14.550  -0.086  0.091   1.00 67.33 ? 83  LYS A CE  1 
ATOM   473 N NZ  . LYS A 1 83  ? 16.021  -0.332  0.003   1.00 73.75 ? 83  LYS A NZ  1 
ATOM   474 N N   . LYS A 1 84  ? 8.856   -3.864  0.928   1.00 42.23 ? 84  LYS A N   1 
ATOM   475 C CA  . LYS A 1 84  ? 8.046   -5.056  1.180   1.00 43.70 ? 84  LYS A CA  1 
ATOM   476 C C   . LYS A 1 84  ? 6.756   -5.064  0.362   1.00 38.85 ? 84  LYS A C   1 
ATOM   477 O O   . LYS A 1 84  ? 6.427   -6.041  -0.315  1.00 38.49 ? 84  LYS A O   1 
ATOM   478 C CB  . LYS A 1 84  ? 7.660   -5.081  2.666   1.00 43.56 ? 84  LYS A CB  1 
ATOM   479 C CG  . LYS A 1 84  ? 8.204   -6.235  3.481   1.00 51.27 ? 84  LYS A CG  1 
ATOM   480 C CD  . LYS A 1 84  ? 7.662   -6.168  4.911   1.00 49.50 ? 84  LYS A CD  1 
ATOM   481 C CE  . LYS A 1 84  ? 8.678   -5.584  5.887   1.00 52.77 ? 84  LYS A CE  1 
ATOM   482 N NZ  . LYS A 1 84  ? 8.974   -4.157  5.642   1.00 48.37 ? 84  LYS A NZ  1 
ATOM   483 N N   . VAL A 1 85  ? 6.016   -3.964  0.464   1.00 38.87 ? 85  VAL A N   1 
ATOM   484 C CA  . VAL A 1 85  ? 4.741   -3.802  -0.226  1.00 35.64 ? 85  VAL A CA  1 
ATOM   485 C C   . VAL A 1 85  ? 4.933   -3.812  -1.734  1.00 35.61 ? 85  VAL A C   1 
ATOM   486 O O   . VAL A 1 85  ? 4.259   -4.554  -2.434  1.00 34.36 ? 85  VAL A O   1 
ATOM   487 C CB  . VAL A 1 85  ? 4.008   -2.507  0.251   1.00 34.82 ? 85  VAL A CB  1 
ATOM   488 C CG1 . VAL A 1 85  ? 2.771   -2.231  -0.596  1.00 31.04 ? 85  VAL A CG1 1 
ATOM   489 C CG2 . VAL A 1 85  ? 3.611   -2.655  1.713   1.00 35.08 ? 85  VAL A CG2 1 
ATOM   490 N N   . ALA A 1 86  ? 5.856   -2.989  -2.234  1.00 30.81 ? 86  ALA A N   1 
ATOM   491 C CA  . ALA A 1 86  ? 6.148   -2.945  -3.669  1.00 31.75 ? 86  ALA A CA  1 
ATOM   492 C C   . ALA A 1 86  ? 6.462   -4.336  -4.227  1.00 33.83 ? 86  ALA A C   1 
ATOM   493 O O   . ALA A 1 86  ? 5.904   -4.753  -5.249  1.00 32.75 ? 86  ALA A O   1 
ATOM   494 C CB  . ALA A 1 86  ? 7.306   -2.022  -3.931  1.00 31.68 ? 86  ALA A CB  1 
ATOM   495 N N   . GLU A 1 87  ? 7.375   -5.041  -3.560  1.00 34.86 ? 87  GLU A N   1 
ATOM   496 C CA  . GLU A 1 87  ? 7.753   -6.389  -3.987  1.00 39.42 ? 87  GLU A CA  1 
ATOM   497 C C   . GLU A 1 87  ? 6.572   -7.355  -3.950  1.00 37.47 ? 87  GLU A C   1 
ATOM   498 O O   . GLU A 1 87  ? 6.433   -8.185  -4.838  1.00 39.09 ? 87  GLU A O   1 
ATOM   499 C CB  . GLU A 1 87  ? 8.910   -6.941  -3.140  1.00 42.75 ? 87  GLU A CB  1 
ATOM   500 C CG  . GLU A 1 87  ? 10.219  -6.192  -3.302  1.00 48.37 ? 87  GLU A CG  1 
ATOM   501 C CD  . GLU A 1 87  ? 10.814  -6.316  -4.701  1.00 51.73 ? 87  GLU A CD  1 
ATOM   502 O OE1 . GLU A 1 87  ? 10.308  -7.121  -5.508  1.00 51.80 ? 87  GLU A OE1 1 
ATOM   503 O OE2 . GLU A 1 87  ? 11.803  -5.610  -4.997  1.00 53.02 ? 87  GLU A OE2 1 
ATOM   504 N N   . GLU A 1 88  ? 5.724   -7.252  -2.933  1.00 38.49 ? 88  GLU A N   1 
ATOM   505 C CA  . GLU A 1 88  ? 4.565   -8.136  -2.862  1.00 37.74 ? 88  GLU A CA  1 
ATOM   506 C C   . GLU A 1 88  ? 3.571   -7.849  -3.980  1.00 36.71 ? 88  GLU A C   1 
ATOM   507 O O   . GLU A 1 88  ? 3.014   -8.768  -4.566  1.00 35.69 ? 88  GLU A O   1 
ATOM   508 C CB  . GLU A 1 88  ? 3.866   -8.038  -1.518  1.00 39.98 ? 88  GLU A CB  1 
ATOM   509 C CG  . GLU A 1 88  ? 2.703   -9.011  -1.383  1.00 40.88 ? 88  GLU A CG  1 
ATOM   510 C CD  . GLU A 1 88  ? 3.160   -10.475 -1.407  1.00 47.25 ? 88  GLU A CD  1 
ATOM   511 O OE1 . GLU A 1 88  ? 4.340   -10.736 -1.061  1.00 50.33 ? 88  GLU A OE1 1 
ATOM   512 O OE2 . GLU A 1 88  ? 2.343   -11.360 -1.771  1.00 47.44 ? 88  GLU A OE2 1 
ATOM   513 N N   . LEU A 1 89  ? 3.368   -6.568  -4.283  1.00 33.89 ? 89  LEU A N   1 
ATOM   514 C CA  . LEU A 1 89  ? 2.480   -6.176  -5.370  1.00 33.12 ? 89  LEU A CA  1 
ATOM   515 C C   . LEU A 1 89  ? 2.939   -6.738  -6.713  1.00 34.28 ? 89  LEU A C   1 
ATOM   516 O O   . LEU A 1 89  ? 2.116   -7.139  -7.538  1.00 33.77 ? 89  LEU A O   1 
ATOM   517 C CB  . LEU A 1 89  ? 2.337   -4.661  -5.453  1.00 30.33 ? 89  LEU A CB  1 
ATOM   518 C CG  . LEU A 1 89  ? 1.626   -3.951  -4.294  1.00 28.89 ? 89  LEU A CG  1 
ATOM   519 C CD1 . LEU A 1 89  ? 1.643   -2.490  -4.580  1.00 28.87 ? 89  LEU A CD1 1 
ATOM   520 C CD2 . LEU A 1 89  ? 0.189   -4.430  -4.178  1.00 28.48 ? 89  LEU A CD2 1 
ATOM   521 N N   . VAL A 1 90  ? 4.247   -6.782  -6.924  1.00 29.33 ? 90  VAL A N   1 
ATOM   522 C CA  . VAL A 1 90  ? 4.781   -7.359  -8.151  1.00 31.45 ? 90  VAL A CA  1 
ATOM   523 C C   . VAL A 1 90  ? 4.504   -8.859  -8.157  1.00 33.69 ? 90  VAL A C   1 
ATOM   524 O O   . VAL A 1 90  ? 4.093   -9.420  -9.170  1.00 34.36 ? 90  VAL A O   1 
ATOM   525 C CB  . VAL A 1 90  ? 6.295   -7.080  -8.300  1.00 33.69 ? 90  VAL A CB  1 
ATOM   526 C CG1 . VAL A 1 90  ? 6.878   -7.841  -9.492  1.00 36.40 ? 90  VAL A CG1 1 
ATOM   527 C CG2 . VAL A 1 90  ? 6.549   -5.572  -8.455  1.00 31.64 ? 90  VAL A CG2 1 
ATOM   528 N N   . LYS A 1 91  ? 4.727   -9.498  -7.015  1.00 44.84 ? 91  LYS A N   1 
ATOM   529 C CA  . LYS A 1 91  ? 4.431   -10.912 -6.843  1.00 47.72 ? 91  LYS A CA  1 
ATOM   530 C C   . LYS A 1 91  ? 2.979   -11.204 -7.215  1.00 47.45 ? 91  LYS A C   1 
ATOM   531 O O   . LYS A 1 91  ? 2.688   -12.222 -7.848  1.00 49.03 ? 91  LYS A O   1 
ATOM   532 C CB  . LYS A 1 91  ? 4.707   -11.313 -5.398  1.00 51.11 ? 91  LYS A CB  1 
ATOM   533 C CG  . LYS A 1 91  ? 4.699   -12.806 -5.126  1.00 59.04 ? 91  LYS A CG  1 
ATOM   534 C CD  . LYS A 1 91  ? 5.094   -13.098 -3.678  1.00 60.67 ? 91  LYS A CD  1 
ATOM   535 C CE  . LYS A 1 91  ? 6.475   -12.510 -3.364  1.00 64.41 ? 91  LYS A CE  1 
ATOM   536 N NZ  . LYS A 1 91  ? 6.894   -12.739 -1.944  1.00 71.34 ? 91  LYS A NZ  1 
ATOM   537 N N   . MET A 1 92  ? 2.083   -10.284 -6.860  1.00 43.74 ? 92  MET A N   1 
ATOM   538 C CA  . MET A 1 92  ? 0.646   -10.445 -7.096  1.00 42.73 ? 92  MET A CA  1 
ATOM   539 C C   . MET A 1 92  ? 0.193   -10.147 -8.516  1.00 43.82 ? 92  MET A C   1 
ATOM   540 O O   . MET A 1 92  ? -1.001  -10.204 -8.787  1.00 46.44 ? 92  MET A O   1 
ATOM   541 C CB  . MET A 1 92  ? -0.162  -9.530  -6.170  1.00 41.52 ? 92  MET A CB  1 
ATOM   542 C CG  . MET A 1 92  ? 0.039   -9.781  -4.705  1.00 44.13 ? 92  MET A CG  1 
ATOM   543 S SD  . MET A 1 92  ? -0.997  -8.671  -3.749  1.00 43.14 ? 92  MET A SD  1 
ATOM   544 C CE  . MET A 1 92  ? -0.914  -9.437  -2.156  1.00 46.47 ? 92  MET A CE  1 
ATOM   545 N N   . GLY A 1 93  ? 1.113   -9.790  -9.408  1.00 37.88 ? 93  GLY A N   1 
ATOM   546 C CA  . GLY A 1 93  ? 0.755   -9.570  -10.803 1.00 37.08 ? 93  GLY A CA  1 
ATOM   547 C C   . GLY A 1 93  ? 0.638   -8.109  -11.242 1.00 37.90 ? 93  GLY A C   1 
ATOM   548 O O   . GLY A 1 93  ? 0.277   -7.825  -12.385 1.00 35.18 ? 93  GLY A O   1 
ATOM   549 N N   . PHE A 1 94  ? 0.943   -7.171  -10.349 1.00 36.39 ? 94  PHE A N   1 
ATOM   550 C CA  . PHE A 1 94  ? 0.922   -5.761  -10.728 1.00 33.59 ? 94  PHE A CA  1 
ATOM   551 C C   . PHE A 1 94  ? 2.238   -5.344  -11.381 1.00 34.59 ? 94  PHE A C   1 
ATOM   552 O O   . PHE A 1 94  ? 3.319   -5.733  -10.928 1.00 36.37 ? 94  PHE A O   1 
ATOM   553 C CB  . PHE A 1 94  ? 0.592   -4.886  -9.522  1.00 33.63 ? 94  PHE A CB  1 
ATOM   554 C CG  . PHE A 1 94  ? -0.762  -5.166  -8.951  1.00 33.34 ? 94  PHE A CG  1 
ATOM   555 C CD1 . PHE A 1 94  ? -1.906  -4.811  -9.660  1.00 34.81 ? 94  PHE A CD1 1 
ATOM   556 C CD2 . PHE A 1 94  ? -0.899  -5.832  -7.746  1.00 31.62 ? 94  PHE A CD2 1 
ATOM   557 C CE1 . PHE A 1 94  ? -3.159  -5.068  -9.150  1.00 34.88 ? 94  PHE A CE1 1 
ATOM   558 C CE2 . PHE A 1 94  ? -2.144  -6.101  -7.228  1.00 32.24 ? 94  PHE A CE2 1 
ATOM   559 C CZ  . PHE A 1 94  ? -3.281  -5.713  -7.932  1.00 35.53 ? 94  PHE A CZ  1 
ATOM   560 N N   . SER A 1 95  ? 2.139   -4.565  -12.454 1.00 30.89 ? 95  SER A N   1 
ATOM   561 C CA  . SER A 1 95  ? 3.314   -4.145  -13.203 1.00 34.16 ? 95  SER A CA  1 
ATOM   562 C C   . SER A 1 95  ? 4.371   -3.435  -12.337 1.00 37.15 ? 95  SER A C   1 
ATOM   563 O O   . SER A 1 95  ? 4.067   -2.492  -11.614 1.00 34.28 ? 95  SER A O   1 
ATOM   564 C CB  . SER A 1 95  ? 2.906   -3.243  -14.356 1.00 35.81 ? 95  SER A CB  1 
ATOM   565 O OG  . SER A 1 95  ? 4.025   -2.989  -15.168 1.00 43.49 ? 95  SER A OG  1 
ATOM   566 N N   . ARG A 1 96  ? 5.600   -3.931  -12.425 1.00 40.09 ? 96  ARG A N   1 
ATOM   567 C CA  . ARG A 1 96  ? 6.779   -3.364  -11.797 1.00 41.79 ? 96  ARG A CA  1 
ATOM   568 C C   . ARG A 1 96  ? 6.909   -1.893  -12.199 1.00 43.66 ? 96  ARG A C   1 
ATOM   569 O O   . ARG A 1 96  ? 7.237   -1.032  -11.380 1.00 42.79 ? 96  ARG A O   1 
ATOM   570 C CB  . ARG A 1 96  ? 7.997   -4.168  -12.277 1.00 45.22 ? 96  ARG A CB  1 
ATOM   571 C CG  . ARG A 1 96  ? 9.357   -3.851  -11.641 1.00 53.94 ? 96  ARG A CG  1 
ATOM   572 C CD  . ARG A 1 96  ? 10.417  -4.937  -12.041 1.00 58.85 ? 96  ARG A CD  1 
ATOM   573 N NE  . ARG A 1 96  ? 10.073  -6.267  -11.506 1.00 59.63 ? 96  ARG A NE  1 
ATOM   574 C CZ  . ARG A 1 96  ? 10.817  -7.373  -11.612 1.00 65.51 ? 96  ARG A CZ  1 
ATOM   575 N NH1 . ARG A 1 96  ? 11.987  -7.348  -12.246 1.00 67.59 ? 96  ARG A NH1 1 
ATOM   576 N NH2 . ARG A 1 96  ? 10.391  -8.517  -11.073 1.00 61.12 ? 96  ARG A NH2 1 
ATOM   577 N N   . ASP A 1 97  ? 6.609   -1.605  -13.457 1.00 43.56 ? 97  ASP A N   1 
ATOM   578 C CA  . ASP A 1 97  ? 6.749   -0.251  -13.973 1.00 47.14 ? 97  ASP A CA  1 
ATOM   579 C C   . ASP A 1 97  ? 5.595   0.668   -13.604 1.00 44.37 ? 97  ASP A C   1 
ATOM   580 O O   . ASP A 1 97  ? 5.661   1.858   -13.863 1.00 45.77 ? 97  ASP A O   1 
ATOM   581 C CB  . ASP A 1 97  ? 6.938   -0.278  -15.486 1.00 51.11 ? 97  ASP A CB  1 
ATOM   582 C CG  . ASP A 1 97  ? 8.186   -1.039  -15.895 1.00 59.06 ? 97  ASP A CG  1 
ATOM   583 O OD1 . ASP A 1 97  ? 9.210   -0.917  -15.181 1.00 61.42 ? 97  ASP A OD1 1 
ATOM   584 O OD2 . ASP A 1 97  ? 8.140   -1.768  -16.916 1.00 62.55 ? 97  ASP A OD2 1 
ATOM   585 N N   . SER A 1 98  ? 4.546   0.129   -12.989 1.00 37.83 ? 98  SER A N   1 
ATOM   586 C CA  . SER A 1 98  ? 3.415   0.961   -12.599 1.00 36.21 ? 98  SER A CA  1 
ATOM   587 C C   . SER A 1 98  ? 3.570   1.436   -11.162 1.00 32.73 ? 98  SER A C   1 
ATOM   588 O O   . SER A 1 98  ? 2.764   2.215   -10.668 1.00 33.04 ? 98  SER A O   1 
ATOM   589 C CB  . SER A 1 98  ? 2.091   0.211   -12.764 1.00 35.38 ? 98  SER A CB  1 
ATOM   590 O OG  . SER A 1 98  ? 1.842   -0.632  -11.648 1.00 33.29 ? 98  SER A OG  1 
ATOM   591 N N   . ILE A 1 99  ? 4.615   0.976   -10.490 1.00 32.66 ? 99  ILE A N   1 
ATOM   592 C CA  . ILE A 1 99  ? 4.762   1.226   -9.067  1.00 31.20 ? 99  ILE A CA  1 
ATOM   593 C C   . ILE A 1 99  ? 5.903   2.190   -8.811  1.00 34.77 ? 99  ILE A C   1 
ATOM   594 O O   . ILE A 1 99  ? 6.996   1.999   -9.342  1.00 34.84 ? 99  ILE A O   1 
ATOM   595 C CB  . ILE A 1 99  ? 5.055   -0.080  -8.322  1.00 30.74 ? 99  ILE A CB  1 
ATOM   596 C CG1 . ILE A 1 99  ? 3.838   -1.009  -8.405  1.00 29.58 ? 99  ILE A CG1 1 
ATOM   597 C CG2 . ILE A 1 99  ? 5.411   0.214   -6.864  1.00 30.25 ? 99  ILE A CG2 1 
ATOM   598 C CD1 . ILE A 1 99  ? 4.132   -2.497  -8.082  1.00 31.14 ? 99  ILE A CD1 1 
ATOM   599 N N   . GLU A 1 100 ? 5.659   3.227   -8.010  1.00 35.19 ? 100 GLU A N   1 
ATOM   600 C CA  . GLU A 1 100 ? 6.739   4.130   -7.590  1.00 36.38 ? 100 GLU A CA  1 
ATOM   601 C C   . GLU A 1 100 ? 6.826   4.222   -6.073  1.00 34.22 ? 100 GLU A C   1 
ATOM   602 O O   . GLU A 1 100 ? 5.842   4.498   -5.388  1.00 34.41 ? 100 GLU A O   1 
ATOM   603 C CB  . GLU A 1 100 ? 6.571   5.542   -8.169  1.00 38.79 ? 100 GLU A CB  1 
ATOM   604 C CG  . GLU A 1 100 ? 7.732   6.481   -7.819  1.00 42.39 ? 100 GLU A CG  1 
ATOM   605 C CD  . GLU A 1 100 ? 7.445   7.963   -8.130  1.00 49.09 ? 100 GLU A CD  1 
ATOM   606 O OE1 . GLU A 1 100 ? 6.370   8.261   -8.707  1.00 48.55 ? 100 GLU A OE1 1 
ATOM   607 O OE2 . GLU A 1 100 ? 8.297   8.830   -7.791  1.00 51.44 ? 100 GLU A OE2 1 
ATOM   608 N N   . ILE A 1 101 ? 8.010   3.980   -5.538  1.00 30.97 ? 101 ILE A N   1 
ATOM   609 C CA  . ILE A 1 101 ? 8.223   4.232   -4.127  1.00 34.18 ? 101 ILE A CA  1 
ATOM   610 C C   . ILE A 1 101 ? 8.778   5.648   -4.003  1.00 37.53 ? 101 ILE A C   1 
ATOM   611 O O   . ILE A 1 101 ? 9.699   6.009   -4.731  1.00 39.03 ? 101 ILE A O   1 
ATOM   612 C CB  . ILE A 1 101 ? 9.203   3.222   -3.516  1.00 34.68 ? 101 ILE A CB  1 
ATOM   613 C CG1 . ILE A 1 101 ? 8.585   1.823   -3.491  1.00 32.30 ? 101 ILE A CG1 1 
ATOM   614 C CG2 . ILE A 1 101 ? 9.598   3.631   -2.096  1.00 38.02 ? 101 ILE A CG2 1 
ATOM   615 C CD1 . ILE A 1 101 ? 9.572   0.757   -3.076  1.00 32.65 ? 101 ILE A CD1 1 
ATOM   616 N N   . ARG A 1 102 ? 8.192   6.457   -3.127  1.00 52.12 ? 102 ARG A N   1 
ATOM   617 C CA  . ARG A 1 102 ? 8.741   7.784   -2.837  1.00 55.96 ? 102 ARG A CA  1 
ATOM   618 C C   . ARG A 1 102 ? 9.363   7.811   -1.440  1.00 59.07 ? 102 ARG A C   1 
ATOM   619 O O   . ARG A 1 102 ? 10.443  8.367   -1.224  1.00 67.75 ? 102 ARG A O   1 
ATOM   620 C CB  . ARG A 1 102 ? 7.671   8.873   -2.977  1.00 53.64 ? 102 ARG A CB  1 
ATOM   621 C CG  . ARG A 1 102 ? 7.174   9.051   -4.402  1.00 55.93 ? 102 ARG A CG  1 
ATOM   622 C CD  . ARG A 1 102 ? 6.473   10.402  -4.628  1.00 60.08 ? 102 ARG A CD  1 
ATOM   623 N NE  . ARG A 1 102 ? 5.024   10.252  -4.798  1.00 58.03 ? 102 ARG A NE  1 
ATOM   624 C CZ  . ARG A 1 102 ? 4.122   10.624  -3.896  1.00 57.10 ? 102 ARG A CZ  1 
ATOM   625 N NH1 . ARG A 1 102 ? 4.514   11.196  -2.759  1.00 60.38 ? 102 ARG A NH1 1 
ATOM   626 N NH2 . ARG A 1 102 ? 2.826   10.441  -4.139  1.00 59.02 ? 102 ARG A NH2 1 
ATOM   627 O OXT . ARG A 1 102 ? 8.813   7.262   -0.486  1.00 58.08 ? 102 ARG A OXT 1 
HETATM 628 O O   . HOH B 2 .   ? -3.905  -10.136 7.472   1.00 55.90 ? 201 HOH A O   1 
HETATM 629 O O   . HOH B 2 .   ? 3.541   5.319   -10.424 1.00 45.64 ? 202 HOH A O   1 
HETATM 630 O O   . HOH B 2 .   ? -5.921  6.124   -4.698  1.00 48.35 ? 203 HOH A O   1 
HETATM 631 O O   . HOH B 2 .   ? 0.256   7.087   14.205  1.00 61.39 ? 204 HOH A O   1 
HETATM 632 O O   . HOH B 2 .   ? 1.042   8.981   10.893  1.00 46.91 ? 205 HOH A O   1 
HETATM 633 O O   . HOH B 2 .   ? 6.039   -5.466  -16.047 0.50 54.33 ? 206 HOH A O   1 
HETATM 634 O O   . HOH B 2 .   ? 6.232   -6.518  -13.498 1.00 54.06 ? 207 HOH A O   1 
HETATM 635 O O   . HOH B 2 .   ? 2.219   -15.489 6.985   1.00 83.07 ? 208 HOH A O   1 
HETATM 636 O O   . HOH B 2 .   ? -0.571  -1.712  -11.423 1.00 33.05 ? 209 HOH A O   1 
HETATM 637 O O   . HOH B 2 .   ? 7.441   -8.533  0.188   1.00 43.97 ? 210 HOH A O   1 
HETATM 638 O O   . HOH B 2 .   ? 8.586   -9.211  -6.148  1.00 44.28 ? 211 HOH A O   1 
HETATM 639 O O   . HOH B 2 .   ? 10.173  8.055   -6.466  1.00 54.27 ? 212 HOH A O   1 
HETATM 640 O O   . HOH B 2 .   ? -8.930  -0.184  -14.542 1.00 52.00 ? 213 HOH A O   1 
HETATM 641 O O   . HOH B 2 .   ? -7.433  5.180   -5.954  1.00 59.70 ? 214 HOH A O   1 
HETATM 642 O O   . HOH B 2 .   ? -4.361  9.576   -2.262  1.00 62.04 ? 215 HOH A O   1 
HETATM 643 O O   . HOH B 2 .   ? -4.391  7.646   3.403   1.00 47.76 ? 216 HOH A O   1 
HETATM 644 O O   . HOH B 2 .   ? 10.017  -2.833  3.480   1.00 42.40 ? 217 HOH A O   1 
HETATM 645 O O   . HOH B 2 .   ? 4.979   3.067   13.062  1.00 57.11 ? 218 HOH A O   1 
HETATM 646 O O   . HOH B 2 .   ? -5.495  2.825   -3.873  1.00 55.94 ? 219 HOH A O   1 
HETATM 647 O O   . HOH B 2 .   ? 4.246   4.757   -12.805 1.00 59.15 ? 220 HOH A O   1 
HETATM 648 O O   . HOH B 2 .   ? 8.176   8.756   1.230   1.00 45.22 ? 221 HOH A O   1 
HETATM 649 O O   . HOH B 2 .   ? -4.736  -12.854 7.130   1.00 60.93 ? 222 HOH A O   1 
HETATM 650 O O   . HOH B 2 .   ? -2.021  7.780   -8.899  1.00 53.83 ? 223 HOH A O   1 
HETATM 651 O O   . HOH B 2 .   ? 4.553   -13.505 -0.147  1.00 72.53 ? 224 HOH A O   1 
HETATM 652 O O   . HOH B 2 .   ? 9.643   0.061   -11.631 1.00 47.09 ? 225 HOH A O   1 
HETATM 653 O O   . HOH B 2 .   ? 4.348   -8.666  -11.495 1.00 56.30 ? 226 HOH A O   1 
HETATM 654 O O   . HOH B 2 .   ? -2.189  8.811   -6.519  1.00 55.38 ? 227 HOH A O   1 
HETATM 655 O O   . HOH B 2 .   ? 12.688  8.118   1.709   1.00 56.44 ? 228 HOH A O   1 
HETATM 656 O O   . HOH B 2 .   ? -3.913  5.240   -11.234 1.00 54.65 ? 229 HOH A O   1 
HETATM 657 O O   . HOH B 2 .   ? 3.296   -0.293  -16.653 1.00 58.81 ? 230 HOH A O   1 
HETATM 658 O O   . HOH B 2 .   ? 12.190  4.748   -4.914  1.00 47.95 ? 231 HOH A O   1 
HETATM 659 O O   . HOH B 2 .   ? -2.406  -8.523  -10.083 1.00 50.00 ? 232 HOH A O   1 
HETATM 660 O O   . HOH B 2 .   ? -1.833  9.872   6.565   1.00 64.19 ? 233 HOH A O   1 
HETATM 661 O O   . HOH B 2 .   ? 11.373  -1.652  -13.261 1.00 72.86 ? 234 HOH A O   1 
HETATM 662 O O   . HOH B 2 .   ? -1.713  9.365   12.609  1.00 64.01 ? 235 HOH A O   1 
HETATM 663 O O   . HOH B 2 .   ? -12.188 -2.000  -2.971  1.00 48.92 ? 236 HOH A O   1 
HETATM 664 O O   . HOH B 2 .   ? -2.519  7.360   -15.268 1.00 76.66 ? 237 HOH A O   1 
HETATM 665 O O   . HOH B 2 .   ? 0.807   3.726   14.984  1.00 64.81 ? 238 HOH A O   1 
# 
loop_
_atom_site_anisotrop.id 
_atom_site_anisotrop.type_symbol 
_atom_site_anisotrop.pdbx_label_atom_id 
_atom_site_anisotrop.pdbx_label_alt_id 
_atom_site_anisotrop.pdbx_label_comp_id 
_atom_site_anisotrop.pdbx_label_asym_id 
_atom_site_anisotrop.pdbx_label_seq_id 
_atom_site_anisotrop.pdbx_PDB_ins_code 
_atom_site_anisotrop.U[1][1] 
_atom_site_anisotrop.U[2][2] 
_atom_site_anisotrop.U[3][3] 
_atom_site_anisotrop.U[1][2] 
_atom_site_anisotrop.U[1][3] 
_atom_site_anisotrop.U[2][3] 
_atom_site_anisotrop.pdbx_auth_seq_id 
_atom_site_anisotrop.pdbx_auth_comp_id 
_atom_site_anisotrop.pdbx_auth_asym_id 
_atom_site_anisotrop.pdbx_auth_atom_id 
1   N N   . GLU A 24  ? 1.4753 1.0604 0.9920 0.0337  -0.0399 -0.0542 24  GLU A N   
2   C CA  . GLU A 24  ? 1.3989 1.0045 0.9331 0.0076  -0.0099 -0.0427 24  GLU A CA  
3   C C   . GLU A 24  ? 1.2910 0.9421 0.8881 0.0030  -0.0101 -0.0462 24  GLU A C   
4   O O   . GLU A 24  ? 1.3251 0.9583 0.9138 0.0066  -0.0176 -0.0457 24  GLU A O   
5   C CB  . GLU A 24  ? 1.4167 0.9641 0.8830 -0.0046 0.0027  -0.0298 24  GLU A CB  
6   N N   . GLN A 25  ? 1.0692 0.7735 0.7232 -0.0040 -0.0023 -0.0501 25  GLN A N   
7   C CA  . GLN A 25  ? 0.9724 0.7162 0.6781 -0.0126 0.0028  -0.0513 25  GLN A CA  
8   C C   . GLN A 25  ? 0.9109 0.6591 0.6141 -0.0336 0.0259  -0.0398 25  GLN A C   
9   O O   . GLN A 25  ? 0.9299 0.6847 0.6269 -0.0436 0.0415  -0.0355 25  GLN A O   
10  C CB  . GLN A 25  ? 0.8857 0.6732 0.6419 -0.0128 0.0012  -0.0594 25  GLN A CB  
11  C CG  . GLN A 25  ? 0.8083 0.6313 0.6102 -0.0231 0.0081  -0.0600 25  GLN A CG  
12  C CD  . GLN A 25  ? 0.8320 0.6853 0.6731 -0.0240 0.0038  -0.0692 25  GLN A CD  
13  O OE1 . GLN A 25  ? 0.8522 0.7184 0.7148 -0.0176 -0.0084 -0.0816 25  GLN A OE1 
14  N NE2 . GLN A 25  ? 0.7521 0.6161 0.6023 -0.0322 0.0136  -0.0649 25  GLN A NE2 
15  N N   . LYS A 26  ? 0.7377 0.4840 0.4468 -0.0397 0.0274  -0.0373 26  LYS A N   
16  C CA  . LYS A 26  ? 0.7005 0.4525 0.4096 -0.0607 0.0465  -0.0290 26  LYS A CA  
17  C C   . LYS A 26  ? 0.6218 0.4097 0.3759 -0.0665 0.0483  -0.0309 26  LYS A C   
18  O O   . LYS A 26  ? 0.6284 0.4084 0.3846 -0.0620 0.0402  -0.0337 26  LYS A O   
19  C CB  . LYS A 26  ? 0.7833 0.4845 0.4413 -0.0676 0.0485  -0.0224 26  LYS A CB  
20  C CG  . LYS A 26  ? 0.9030 0.5561 0.5004 -0.0687 0.0523  -0.0172 26  LYS A CG  
21  C CD  . LYS A 26  ? 1.0079 0.6100 0.5540 -0.0864 0.0617  -0.0084 26  LYS A CD  
22  C CE  . LYS A 26  ? 1.1253 0.6510 0.5916 -0.0777 0.0526  -0.0037 26  LYS A CE  
23  N NZ  . LYS A 26  ? 1.2038 0.6700 0.6148 -0.0964 0.0603  0.0051  26  LYS A NZ  
24  N N   . ILE A 27  ? 0.5549 0.3791 0.3402 -0.0747 0.0582  -0.0304 27  ILE A N   
25  C CA  . ILE A 27  ? 0.4915 0.3451 0.3123 -0.0794 0.0591  -0.0318 27  ILE A CA  
26  C C   . ILE A 27  ? 0.4845 0.3421 0.3045 -0.0957 0.0692  -0.0276 27  ILE A C   
27  O O   . ILE A 27  ? 0.4869 0.3541 0.3051 -0.1059 0.0803  -0.0260 27  ILE A O   
28  C CB  . ILE A 27  ? 0.4350 0.3169 0.2823 -0.0769 0.0602  -0.0340 27  ILE A CB  
29  C CG1 . ILE A 27  ? 0.4654 0.3420 0.3124 -0.0643 0.0504  -0.0395 27  ILE A CG1 
30  C CG2 . ILE A 27  ? 0.4067 0.3078 0.2789 -0.0810 0.0596  -0.0344 27  ILE A CG2 
31  C CD1 . ILE A 27  ? 0.4766 0.3515 0.3334 -0.0582 0.0400  -0.0458 27  ILE A CD1 
32  N N   . LYS A 28  ? 0.5059 0.3591 0.3293 -0.0984 0.0655  -0.0280 28  LYS A N   
33  C CA  . LYS A 28  ? 0.5094 0.3651 0.3327 -0.1142 0.0722  -0.0259 28  LYS A CA  
34  C C   . LYS A 28  ? 0.4587 0.3424 0.3108 -0.1147 0.0699  -0.0282 28  LYS A C   
35  O O   . LYS A 28  ? 0.4755 0.3607 0.3355 -0.1062 0.0641  -0.0307 28  LYS A O   
36  C CB  . LYS A 28  ? 0.5819 0.3993 0.3752 -0.1165 0.0684  -0.0249 28  LYS A CB  
37  C CG  . LYS A 28  ? 0.6440 0.4188 0.3950 -0.1136 0.0675  -0.0218 28  LYS A CG  
38  C CD  . LYS A 28  ? 0.6648 0.4392 0.4022 -0.1313 0.0830  -0.0173 28  LYS A CD  
39  C CE  . LYS A 28  ? 0.7445 0.4639 0.4257 -0.1308 0.0834  -0.0125 28  LYS A CE  
40  N NZ  . LYS A 28  ? 0.7477 0.4681 0.4127 -0.1495 0.1028  -0.0094 28  LYS A NZ  
41  N N   . ILE A 29  ? 0.4688 0.3750 0.3353 -0.1251 0.0745  -0.0287 29  ILE A N   
42  C CA  . ILE A 29  ? 0.4727 0.3985 0.3579 -0.1241 0.0693  -0.0307 29  ILE A CA  
43  C C   . ILE A 29  ? 0.5072 0.4378 0.3934 -0.1389 0.0704  -0.0328 29  ILE A C   
44  O O   . ILE A 29  ? 0.4983 0.4426 0.3906 -0.1510 0.0772  -0.0354 29  ILE A O   
45  C CB  . ILE A 29  ? 0.4551 0.4060 0.3594 -0.1163 0.0672  -0.0326 29  ILE A CB  
46  C CG1 . ILE A 29  ? 0.4122 0.3545 0.3134 -0.1043 0.0656  -0.0314 29  ILE A CG1 
47  C CG2 . ILE A 29  ? 0.4640 0.4240 0.3763 -0.1135 0.0588  -0.0340 29  ILE A CG2 
48  C CD1 . ILE A 29  ? 0.4485 0.4065 0.3615 -0.0955 0.0629  -0.0337 29  ILE A CD1 
49  N N   . TYR A 30  ? 0.5517 0.4715 0.4317 -0.1396 0.0649  -0.0335 30  TYR A N   
50  C CA  . TYR A 30  ? 0.5678 0.4878 0.4459 -0.1540 0.0636  -0.0368 30  TYR A CA  
51  C C   . TYR A 30  ? 0.5949 0.5122 0.4701 -0.1502 0.0552  -0.0390 30  TYR A C   
52  O O   . TYR A 30  ? 0.5776 0.4895 0.4488 -0.1387 0.0534  -0.0373 30  TYR A O   
53  C CB  . TYR A 30  ? 0.5784 0.4646 0.4304 -0.1649 0.0685  -0.0354 30  TYR A CB  
54  C CG  . TYR A 30  ? 0.5845 0.4377 0.4143 -0.1523 0.0646  -0.0341 30  TYR A CG  
55  C CD1 . TYR A 30  ? 0.5926 0.4329 0.4134 -0.1401 0.0651  -0.0317 30  TYR A CD1 
56  C CD2 . TYR A 30  ? 0.6249 0.4620 0.4433 -0.1510 0.0593  -0.0376 30  TYR A CD2 
57  C CE1 . TYR A 30  ? 0.6294 0.4466 0.4360 -0.1259 0.0591  -0.0347 30  TYR A CE1 
58  C CE2 . TYR A 30  ? 0.6336 0.4469 0.4363 -0.1368 0.0558  -0.0405 30  TYR A CE2 
59  C CZ  . TYR A 30  ? 0.6702 0.4764 0.4699 -0.1238 0.0552  -0.0397 30  TYR A CZ  
60  O OH  . TYR A 30  ? 0.7205 0.5106 0.5111 -0.1068 0.0494  -0.0464 30  TYR A OH  
61  N N   . VAL A 31  ? 0.5557 0.4757 0.4308 -0.1618 0.0508  -0.0436 31  VAL A N   
62  C CA  . VAL A 31  ? 0.5554 0.4714 0.4229 -0.1583 0.0415  -0.0465 31  VAL A CA  
63  C C   . VAL A 31  ? 0.5953 0.4806 0.4392 -0.1657 0.0417  -0.0488 31  VAL A C   
64  O O   . VAL A 31  ? 0.6111 0.4831 0.4482 -0.1791 0.0454  -0.0497 31  VAL A O   
65  C CB  . VAL A 31  ? 0.5849 0.5307 0.4718 -0.1614 0.0311  -0.0531 31  VAL A CB  
66  C CG1 . VAL A 31  ? 0.6640 0.6058 0.5459 -0.1755 0.0242  -0.0607 31  VAL A CG1 
67  C CG2 . VAL A 31  ? 0.5532 0.5020 0.4367 -0.1450 0.0217  -0.0515 31  VAL A CG2 
68  N N   . THR A 32  ? 0.7455 0.6156 0.5727 -0.1574 0.0389  -0.0500 32  THR A N   
69  C CA  . THR A 32  ? 0.7681 0.6077 0.5709 -0.1597 0.0383  -0.0544 32  THR A CA  
70  C C   . THR A 32  ? 0.7969 0.6310 0.5842 -0.1567 0.0321  -0.0589 32  THR A C   
71  O O   . THR A 32  ? 0.7897 0.6348 0.5778 -0.1496 0.0312  -0.0567 32  THR A O   
72  C CB  . THR A 32  ? 0.7785 0.6001 0.5719 -0.1474 0.0453  -0.0539 32  THR A CB  
73  O OG1 . THR A 32  ? 0.8793 0.6685 0.6524 -0.1521 0.0437  -0.0562 32  THR A OG1 
74  C CG2 . THR A 32  ? 0.8449 0.6635 0.6290 -0.1357 0.0482  -0.0589 32  THR A CG2 
75  N N   . LYS A 33  ? 0.7603 0.5711 0.5272 -0.1629 0.0273  -0.0653 33  LYS A N   
76  C CA  . LYS A 33  ? 0.7733 0.5717 0.5170 -0.1588 0.0224  -0.0707 33  LYS A CA  
77  C C   . LYS A 33  ? 0.7854 0.5513 0.5041 -0.1551 0.0254  -0.0776 33  LYS A C   
78  O O   . LYS A 33  ? 0.8239 0.5680 0.5316 -0.1649 0.0194  -0.0817 33  LYS A O   
79  C CB  . LYS A 33  ? 0.7924 0.5981 0.5358 -0.1689 0.0070  -0.0754 33  LYS A CB  
80  C CG  . LYS A 33  ? 0.8270 0.6125 0.5372 -0.1638 0.0001  -0.0812 33  LYS A CG  
81  C CD  . LYS A 33  ? 0.8915 0.6805 0.5992 -0.1732 -0.0197 -0.0893 33  LYS A CD  
82  C CE  . LYS A 33  ? 0.9598 0.7160 0.6245 -0.1697 -0.0260 -0.0969 33  LYS A CE  
83  N NZ  . LYS A 33  ? 0.9885 0.7463 0.6452 -0.1749 -0.0492 -0.1063 33  LYS A NZ  
84  N N   . ARG A 34  ? 0.9131 0.6755 0.6231 -0.1412 0.0351  -0.0805 34  ARG A N   
85  C CA  . ARG A 34  ? 0.9464 0.6817 0.6348 -0.1325 0.0372  -0.0906 34  ARG A CA  
86  C C   . ARG A 34  ? 0.9725 0.6851 0.6302 -0.1367 0.0296  -0.0985 34  ARG A C   
87  O O   . ARG A 34  ? 0.9547 0.6750 0.6068 -0.1436 0.0237  -0.0964 34  ARG A O   
88  C CB  . ARG A 34  ? 0.9497 0.6980 0.6446 -0.1165 0.0509  -0.0961 34  ARG A CB  
89  C CG  . ARG A 34  ? 0.9938 0.7642 0.7186 -0.1113 0.0560  -0.0906 34  ARG A CG  
90  C CD  . ARG A 34  ? 1.0148 0.8023 0.7510 -0.0965 0.0681  -0.1015 34  ARG A CD  
91  N NE  . ARG A 34  ? 1.0253 0.8429 0.7905 -0.0968 0.0751  -0.0961 34  ARG A NE  
92  C CZ  . ARG A 34  ? 1.0176 0.8574 0.7913 -0.1005 0.0889  -0.0977 34  ARG A CZ  
93  N NH1 . ARG A 34  ? 1.0541 0.8902 0.8072 -0.1039 0.0991  -0.1039 34  ARG A NH1 
94  N NH2 . ARG A 34  ? 0.9548 0.8170 0.7534 -0.1023 0.0934  -0.0933 34  ARG A NH2 
95  N N   . ARG A 35  ? 0.8366 0.5171 0.4711 -0.1308 0.0272  -0.1086 35  ARG A N   
96  C CA  . ARG A 35  ? 0.8843 0.5374 0.4850 -0.1325 0.0199  -0.1185 35  ARG A CA  
97  C C   . ARG A 35  ? 0.8516 0.5177 0.4392 -0.1257 0.0291  -0.1216 35  ARG A C   
98  O O   . ARG A 35  ? 0.8386 0.5188 0.4316 -0.1134 0.0451  -0.1256 35  ARG A O   
99  C CB  . ARG A 35  ? 0.9152 0.5342 0.4961 -0.1190 0.0185  -0.1291 35  ARG A CB  
100 C CG  . ARG A 35  ? 0.9674 0.5596 0.5230 -0.1188 0.0079  -0.1353 35  ARG A CG  
101 C CD  . ARG A 35  ? 1.0258 0.5928 0.5657 -0.0965 0.0088  -0.1472 35  ARG A CD  
102 N NE  . ARG A 35  ? 1.0937 0.6351 0.6072 -0.0940 0.0002  -0.1551 35  ARG A NE  
103 C CZ  . ARG A 35  ? 1.1462 0.6552 0.6465 -0.1042 -0.0138 -0.1526 35  ARG A CZ  
104 N NH1 . ARG A 35  ? 1.1492 0.6490 0.6595 -0.1186 -0.0182 -0.1419 35  ARG A NH1 
105 N NH2 . ARG A 35  ? 1.1663 0.6521 0.6423 -0.1017 -0.0217 -0.1609 35  ARG A NH2 
106 N N   . PHE A 36  ? 0.7562 0.4172 0.3256 -0.1349 0.0188  -0.1206 36  PHE A N   
107 C CA  . PHE A 36  ? 0.7596 0.4210 0.3026 -0.1310 0.0256  -0.1214 36  PHE A CA  
108 C C   . PHE A 36  ? 0.7096 0.3984 0.2713 -0.1310 0.0369  -0.1098 36  PHE A C   
109 O O   . PHE A 36  ? 0.7232 0.4081 0.2599 -0.1291 0.0488  -0.1093 36  PHE A O   
110 C CB  . PHE A 36  ? 0.7808 0.4317 0.3038 -0.1170 0.0395  -0.1319 36  PHE A CB  
111 C CG  . PHE A 36  ? 0.8212 0.4465 0.3310 -0.1119 0.0277  -0.1411 36  PHE A CG  
112 C CD1 . PHE A 36  ? 0.8454 0.4544 0.3418 -0.1212 0.0073  -0.1401 36  PHE A CD1 
113 C CD2 . PHE A 36  ? 0.8085 0.4265 0.3200 -0.0969 0.0352  -0.1524 36  PHE A CD2 
114 C CE1 . PHE A 36  ? 0.8883 0.4716 0.3716 -0.1185 -0.0031 -0.1484 36  PHE A CE1 
115 C CE2 . PHE A 36  ? 0.8758 0.4647 0.3710 -0.0913 0.0230  -0.1605 36  PHE A CE2 
116 C CZ  . PHE A 36  ? 0.9014 0.4716 0.3817 -0.1036 0.0049  -0.1577 36  PHE A CZ  
117 N N   . GLY A 37  ? 0.8183 0.5303 0.4185 -0.1347 0.0336  -0.1004 37  GLY A N   
118 C CA  . GLY A 37  ? 0.7638 0.4980 0.3811 -0.1344 0.0425  -0.0902 37  GLY A CA  
119 C C   . GLY A 37  ? 0.7894 0.5309 0.4121 -0.1394 0.0255  -0.0816 37  GLY A C   
120 O O   . GLY A 37  ? 0.7977 0.5322 0.4125 -0.1436 0.0070  -0.0855 37  GLY A O   
121 N N   . LYS A 38  ? 0.7671 0.5235 0.4036 -0.1379 0.0305  -0.0723 38  LYS A N   
122 C CA  . LYS A 38  ? 0.7682 0.5370 0.4180 -0.1378 0.0136  -0.0661 38  LYS A CA  
123 C C   . LYS A 38  ? 0.7242 0.5220 0.4198 -0.1391 0.0168  -0.0619 38  LYS A C   
124 O O   . LYS A 38  ? 0.6970 0.5005 0.4075 -0.1386 0.0315  -0.0615 38  LYS A O   
125 C CB  . LYS A 38  ? 0.8551 0.6075 0.4743 -0.1333 0.0136  -0.0589 38  LYS A CB  
126 C CG  . LYS A 38  ? 0.9548 0.6770 0.5259 -0.1302 -0.0032 -0.0618 38  LYS A CG  
127 C CD  . LYS A 38  ? 0.9909 0.6960 0.5366 -0.1223 -0.0163 -0.0538 38  LYS A CD  
128 C CE  . LYS A 38  ? 1.0740 0.7524 0.5772 -0.1150 -0.0430 -0.0589 38  LYS A CE  
129 N NZ  . LYS A 38  ? 1.0656 0.7328 0.5542 -0.1014 -0.0659 -0.0541 38  LYS A NZ  
130 N N   . LEU A 39  ? 0.7395 0.5567 0.4564 -0.1390 0.0023  -0.0604 39  LEU A N   
131 C CA  . LEU A 39  ? 0.7198 0.5644 0.4762 -0.1405 0.0061  -0.0571 39  LEU A CA  
132 C C   . LEU A 39  ? 0.6831 0.5286 0.4436 -0.1345 0.0201  -0.0493 39  LEU A C   
133 O O   . LEU A 39  ? 0.7000 0.5340 0.4416 -0.1291 0.0188  -0.0448 39  LEU A O   
134 C CB  . LEU A 39  ? 0.7066 0.5755 0.4836 -0.1387 -0.0117 -0.0602 39  LEU A CB  
135 C CG  . LEU A 39  ? 0.6820 0.5840 0.5008 -0.1446 -0.0082 -0.0616 39  LEU A CG  
136 C CD1 . LEU A 39  ? 0.7072 0.6115 0.5348 -0.1613 -0.0067 -0.0683 39  LEU A CD1 
137 C CD2 . LEU A 39  ? 0.7207 0.6514 0.5608 -0.1361 -0.0240 -0.0664 39  LEU A CD2 
138 N N   . MET A 40  ? 0.7308 0.5851 0.5118 -0.1360 0.0320  -0.0483 40  MET A N   
139 C CA  . MET A 40  ? 0.6571 0.5171 0.4483 -0.1313 0.0433  -0.0435 40  MET A CA  
140 C C   . MET A 40  ? 0.6667 0.5472 0.4871 -0.1306 0.0416  -0.0408 40  MET A C   
141 O O   . MET A 40  ? 0.6444 0.5325 0.4762 -0.1364 0.0386  -0.0432 40  MET A O   
142 C CB  . MET A 40  ? 0.6649 0.5200 0.4562 -0.1301 0.0566  -0.0480 40  MET A CB  
143 C CG  . MET A 40  ? 0.7612 0.6008 0.5271 -0.1304 0.0637  -0.0542 40  MET A CG  
144 S SD  . MET A 40  ? 0.8587 0.6912 0.6046 -0.1335 0.0763  -0.0513 40  MET A SD  
145 C CE  . MET A 40  ? 0.8745 0.6815 0.5809 -0.1351 0.0616  -0.0468 40  MET A CE  
146 N N   . THR A 41  ? 0.5810 0.4676 0.4097 -0.1254 0.0450  -0.0364 41  THR A N   
147 C CA  . THR A 41  ? 0.5049 0.4079 0.3571 -0.1234 0.0465  -0.0349 41  THR A CA  
148 C C   . THR A 41  ? 0.5045 0.4037 0.3609 -0.1212 0.0564  -0.0355 41  THR A C   
149 O O   . THR A 41  ? 0.5013 0.3961 0.3533 -0.1196 0.0624  -0.0360 41  THR A O   
150 C CB  . THR A 41  ? 0.5405 0.4529 0.4001 -0.1164 0.0402  -0.0323 41  THR A CB  
151 O OG1 . THR A 41  ? 0.5338 0.4555 0.3946 -0.1145 0.0270  -0.0355 41  THR A OG1 
152 C CG2 . THR A 41  ? 0.4942 0.4228 0.3749 -0.1140 0.0440  -0.0321 41  THR A CG2 
153 N N   . ILE A 42  ? 0.4974 0.3968 0.3599 -0.1217 0.0578  -0.0366 42  ILE A N   
154 C CA  . ILE A 42  ? 0.4921 0.3864 0.3571 -0.1153 0.0619  -0.0394 42  ILE A CA  
155 C C   . ILE A 42  ? 0.4878 0.3889 0.3629 -0.1112 0.0617  -0.0366 42  ILE A C   
156 O O   . ILE A 42  ? 0.4965 0.4004 0.3722 -0.1152 0.0612  -0.0337 42  ILE A O   
157 C CB  . ILE A 42  ? 0.5344 0.4101 0.3861 -0.1150 0.0604  -0.0430 42  ILE A CB  
158 C CG1 . ILE A 42  ? 0.6018 0.4674 0.4398 -0.1199 0.0593  -0.0464 42  ILE A CG1 
159 C CG2 . ILE A 42  ? 0.5505 0.4214 0.4041 -0.1025 0.0602  -0.0496 42  ILE A CG2 
160 C CD1 . ILE A 42  ? 0.5966 0.4658 0.4329 -0.1151 0.0644  -0.0522 42  ILE A CD1 
161 N N   . ILE A 43  ? 0.4683 0.3734 0.3514 -0.1045 0.0630  -0.0395 43  ILE A N   
162 C CA  . ILE A 43  ? 0.4519 0.3602 0.3412 -0.0989 0.0612  -0.0386 43  ILE A CA  
163 C C   . ILE A 43  ? 0.4621 0.3645 0.3517 -0.0895 0.0578  -0.0457 43  ILE A C   
164 O O   . ILE A 43  ? 0.4884 0.4005 0.3900 -0.0866 0.0588  -0.0536 43  ILE A O   
165 C CB  . ILE A 43  ? 0.4468 0.3643 0.3454 -0.0989 0.0618  -0.0374 43  ILE A CB  
166 C CG1 . ILE A 43  ? 0.4614 0.3807 0.3559 -0.1030 0.0605  -0.0324 43  ILE A CG1 
167 C CG2 . ILE A 43  ? 0.4375 0.3561 0.3397 -0.0926 0.0591  -0.0374 43  ILE A CG2 
168 C CD1 . ILE A 43  ? 0.4616 0.3733 0.3479 -0.1071 0.0623  -0.0319 43  ILE A CD1 
169 N N   . GLU A 44  ? 0.4894 0.3756 0.3645 -0.0845 0.0536  -0.0442 44  GLU A N   
170 C CA  . GLU A 44  ? 0.5504 0.4254 0.4202 -0.0707 0.0449  -0.0521 44  GLU A CA  
171 C C   . GLU A 44  ? 0.5389 0.4006 0.3946 -0.0643 0.0398  -0.0497 44  GLU A C   
172 O O   . GLU A 44  ? 0.5521 0.4112 0.3990 -0.0723 0.0459  -0.0417 44  GLU A O   
173 C CB  . GLU A 44  ? 0.5934 0.4429 0.4416 -0.0665 0.0407  -0.0545 44  GLU A CB  
174 C CG  . GLU A 44  ? 0.6277 0.4553 0.4516 -0.0799 0.0456  -0.0444 44  GLU A CG  
175 C CD  . GLU A 44  ? 0.7271 0.5171 0.5204 -0.0769 0.0400  -0.0462 44  GLU A CD  
176 O OE1 . GLU A 44  ? 0.7635 0.5557 0.5610 -0.0767 0.0399  -0.0514 44  GLU A OE1 
177 O OE2 . GLU A 44  ? 0.7532 0.5057 0.5119 -0.0751 0.0357  -0.0422 44  GLU A OE2 
178 N N   . GLY A 45  ? 0.5001 0.3553 0.3539 -0.0489 0.0280  -0.0588 45  GLY A N   
179 C CA  . GLY A 45  ? 0.5349 0.3671 0.3638 -0.0401 0.0202  -0.0572 45  GLY A CA  
180 C C   . GLY A 45  ? 0.5376 0.3890 0.3866 -0.0330 0.0136  -0.0648 45  GLY A C   
181 O O   . GLY A 45  ? 0.5725 0.4048 0.3997 -0.0237 0.0049  -0.0655 45  GLY A O   
182 N N   . PHE A 46  ? 0.5656 0.4505 0.4512 -0.0390 0.0180  -0.0709 46  PHE A N   
183 C CA  . PHE A 46  ? 0.5373 0.4393 0.4433 -0.0362 0.0120  -0.0798 46  PHE A CA  
184 C C   . PHE A 46  ? 0.6162 0.5245 0.5329 -0.0192 -0.0053 -0.0972 46  PHE A C   
185 O O   . PHE A 46  ? 0.6292 0.5415 0.5518 -0.0108 -0.0097 -0.1056 46  PHE A O   
186 C CB  . PHE A 46  ? 0.5154 0.4437 0.4509 -0.0514 0.0232  -0.0814 46  PHE A CB  
187 C CG  . PHE A 46  ? 0.4957 0.4175 0.4214 -0.0624 0.0334  -0.0679 46  PHE A CG  
188 C CD1 . PHE A 46  ? 0.5197 0.4333 0.4365 -0.0601 0.0309  -0.0650 46  PHE A CD1 
189 C CD2 . PHE A 46  ? 0.4922 0.4156 0.4165 -0.0722 0.0433  -0.0603 46  PHE A CD2 
190 C CE1 . PHE A 46  ? 0.4939 0.4043 0.4040 -0.0656 0.0380  -0.0559 46  PHE A CE1 
191 C CE2 . PHE A 46  ? 0.4648 0.3844 0.3819 -0.0779 0.0485  -0.0509 46  PHE A CE2 
192 C CZ  . PHE A 46  ? 0.4802 0.3949 0.3919 -0.0736 0.0456  -0.0494 46  PHE A CZ  
193 N N   . ASP A 47  ? 0.6047 0.5147 0.5243 -0.0122 -0.0168 -0.1049 47  ASP A N   
194 C CA  . ASP A 47  ? 0.6230 0.5472 0.5608 0.0049  -0.0367 -0.1256 47  ASP A CA  
195 C C   . ASP A 47  ? 0.6127 0.5849 0.6035 -0.0076 -0.0298 -0.1412 47  ASP A C   
196 O O   . ASP A 47  ? 0.6054 0.5907 0.6130 -0.0215 -0.0251 -0.1432 47  ASP A O   
197 C CB  . ASP A 47  ? 0.6731 0.5786 0.5904 0.0162  -0.0531 -0.1288 47  ASP A CB  
198 C CG  . ASP A 47  ? 0.7041 0.6236 0.6385 0.0377  -0.0795 -0.1528 47  ASP A CG  
199 O OD1 . ASP A 47  ? 0.7073 0.6662 0.6852 0.0395  -0.0817 -0.1705 47  ASP A OD1 
200 O OD2 . ASP A 47  ? 0.7484 0.6411 0.6527 0.0536  -0.0985 -0.1558 47  ASP A OD2 
201 N N   . THR A 48  ? 0.6200 0.6157 0.6343 -0.0029 -0.0290 -0.1536 48  THR A N   
202 C CA  . THR A 48  ? 0.6168 0.6585 0.6779 -0.0192 -0.0150 -0.1677 48  THR A CA  
203 C C   . THR A 48  ? 0.5916 0.6718 0.6949 -0.0192 -0.0257 -0.1924 48  THR A C   
204 O O   . THR A 48  ? 0.5904 0.7065 0.7305 -0.0413 -0.0103 -0.2031 48  THR A O   
205 C CB  . THR A 48  ? 0.6538 0.7101 0.7253 -0.0107 -0.0109 -0.1768 48  THR A CB  
206 O OG1 . THR A 48  ? 0.6672 0.7530 0.7645 -0.0344 0.0135  -0.1796 48  THR A OG1 
207 C CG2 . THR A 48  ? 0.6827 0.7643 0.7800 0.0162  -0.0332 -0.2047 48  THR A CG2 
208 N N   . SER A 49  ? 0.5047 0.5751 0.5998 0.0039  -0.0520 -0.2020 49  SER A N   
209 C CA  . SER A 49  ? 0.5091 0.6162 0.6446 0.0048  -0.0665 -0.2273 49  SER A CA  
210 C C   . SER A 49  ? 0.4858 0.5808 0.6150 -0.0166 -0.0605 -0.2185 49  SER A C   
211 O O   . SER A 49  ? 0.4633 0.5912 0.6306 -0.0285 -0.0641 -0.2381 49  SER A O   
212 C CB  . SER A 49  ? 0.5227 0.6211 0.6483 0.0409  -0.1019 -0.2436 49  SER A CB  
213 O OG  . SER A 49  ? 0.6093 0.6529 0.6792 0.0512  -0.1147 -0.2263 49  SER A OG  
214 N N   . VAL A 50  ? 0.5692 0.6182 0.6515 -0.0214 -0.0517 -0.1912 50  VAL A N   
215 C CA  . VAL A 50  ? 0.5501 0.5812 0.6202 -0.0369 -0.0472 -0.1828 50  VAL A CA  
216 C C   . VAL A 50  ? 0.5135 0.5370 0.5789 -0.0632 -0.0208 -0.1659 50  VAL A C   
217 O O   . VAL A 50  ? 0.5489 0.5708 0.6211 -0.0829 -0.0140 -0.1671 50  VAL A O   
218 C CB  . VAL A 50  ? 0.5752 0.5600 0.5938 -0.0196 -0.0591 -0.1682 50  VAL A CB  
219 C CG1 . VAL A 50  ? 0.5796 0.5458 0.5851 -0.0329 -0.0544 -0.1614 50  VAL A CG1 
220 C CG2 . VAL A 50  ? 0.5873 0.5678 0.5982 0.0073  -0.0881 -0.1841 50  VAL A CG2 
221 N N   . ILE A 51  ? 0.5416 0.5557 0.5913 -0.0626 -0.0081 -0.1510 51  ILE A N   
222 C CA  . ILE A 51  ? 0.4948 0.4954 0.5314 -0.0819 0.0127  -0.1340 51  ILE A CA  
223 C C   . ILE A 51  ? 0.5219 0.5494 0.5835 -0.0986 0.0296  -0.1409 51  ILE A C   
224 O O   . ILE A 51  ? 0.5053 0.5499 0.5775 -0.0886 0.0297  -0.1472 51  ILE A O   
225 C CB  . ILE A 51  ? 0.4922 0.4648 0.4931 -0.0715 0.0153  -0.1138 51  ILE A CB  
226 C CG1 . ILE A 51  ? 0.5561 0.5025 0.5292 -0.0597 0.0050  -0.1067 51  ILE A CG1 
227 C CG2 . ILE A 51  ? 0.4694 0.4323 0.4596 -0.0873 0.0325  -0.0996 51  ILE A CG2 
228 C CD1 . ILE A 51  ? 0.5602 0.4885 0.5058 -0.0429 -0.0009 -0.0995 51  ILE A CD1 
229 N N   . ASP A 52  ? 0.5884 0.6148 0.6540 -0.1240 0.0446  -0.1401 52  ASP A N   
230 C CA  . ASP A 52  ? 0.6100 0.6564 0.6904 -0.1430 0.0649  -0.1454 52  ASP A CA  
231 C C   . ASP A 52  ? 0.5717 0.5908 0.6179 -0.1448 0.0761  -0.1248 52  ASP A C   
232 O O   . ASP A 52  ? 0.5582 0.5432 0.5740 -0.1551 0.0814  -0.1093 52  ASP A O   
233 C CB  . ASP A 52  ? 0.6506 0.7016 0.7430 -0.1740 0.0787  -0.1538 52  ASP A CB  
234 C CG  . ASP A 52  ? 0.6677 0.7385 0.7708 -0.1968 0.1038  -0.1604 52  ASP A CG  
235 O OD1 . ASP A 52  ? 0.6740 0.7115 0.7394 -0.2066 0.1171  -0.1424 52  ASP A OD1 
236 O OD2 . ASP A 52  ? 0.7250 0.8460 0.8735 -0.2034 0.1097  -0.1852 52  ASP A OD2 
237 N N   . LEU A 53  ? 0.4987 0.5312 0.5488 -0.1332 0.0778  -0.1265 53  LEU A N   
238 C CA  . LEU A 53  ? 0.4763 0.4848 0.4953 -0.1329 0.0850  -0.1093 53  LEU A CA  
239 C C   . LEU A 53  ? 0.4794 0.4776 0.4837 -0.1572 0.1052  -0.1048 53  LEU A C   
240 O O   . LEU A 53  ? 0.4900 0.4571 0.4603 -0.1593 0.1074  -0.0882 53  LEU A O   
241 C CB  . LEU A 53  ? 0.4745 0.4948 0.4981 -0.1159 0.0810  -0.1141 53  LEU A CB  
242 C CG  . LEU A 53  ? 0.4667 0.4769 0.4833 -0.0923 0.0616  -0.1120 53  LEU A CG  
243 C CD1 . LEU A 53  ? 0.4994 0.5100 0.5113 -0.0783 0.0587  -0.1159 53  LEU A CD1 
244 C CD2 . LEU A 53  ? 0.4227 0.4014 0.4094 -0.0910 0.0572  -0.0924 53  LEU A CD2 
245 N N   . LYS A 54  ? 0.5372 0.5611 0.5656 -0.1759 0.1196  -0.1211 54  LYS A N   
246 C CA  . LYS A 54  ? 0.5969 0.6036 0.6025 -0.2036 0.1419  -0.1167 54  LYS A CA  
247 C C   . LYS A 54  ? 0.5735 0.5285 0.5376 -0.2136 0.1388  -0.0982 54  LYS A C   
248 O O   . LYS A 54  ? 0.5984 0.5151 0.5197 -0.2179 0.1431  -0.0826 54  LYS A O   
249 C CB  . LYS A 54  ? 0.6548 0.7019 0.6972 -0.2267 0.1606  -0.1402 54  LYS A CB  
250 C CG  . LYS A 54  ? 0.6837 0.7895 0.7767 -0.2102 0.1580  -0.1646 54  LYS A CG  
251 C CD  . LYS A 54  ? 0.7563 0.9112 0.8931 -0.2312 0.1751  -0.1917 54  LYS A CD  
252 C CE  . LYS A 54  ? 0.8017 1.0204 0.9912 -0.2148 0.1754  -0.2205 54  LYS A CE  
253 N NZ  . LYS A 54  ? 0.8350 1.0948 1.0548 -0.2297 0.1917  -0.2446 54  LYS A NZ  
254 N N   . GLU A 55  ? 0.6129 0.5641 0.5873 -0.2146 0.1285  -0.1015 55  GLU A N   
255 C CA  . GLU A 55  ? 0.6333 0.5328 0.5676 -0.2198 0.1227  -0.0866 55  GLU A CA  
256 C C   . GLU A 55  ? 0.5999 0.4745 0.5083 -0.1939 0.1057  -0.0696 55  GLU A C   
257 O O   . GLU A 55  ? 0.6263 0.4572 0.4931 -0.1947 0.1036  -0.0558 55  GLU A O   
258 C CB  . GLU A 55  ? 0.6290 0.5310 0.5812 -0.2262 0.1149  -0.0967 55  GLU A CB  
259 C CG  . GLU A 55  ? 0.7344 0.5792 0.6418 -0.2307 0.1089  -0.0832 55  GLU A CG  
260 C CD  . GLU A 55  ? 0.8417 0.6568 0.7125 -0.2491 0.1239  -0.0756 55  GLU A CD  
261 O OE1 . GLU A 55  ? 0.8274 0.6733 0.7173 -0.2647 0.1410  -0.0864 55  GLU A OE1 
262 O OE2 . GLU A 55  ? 0.8884 0.6469 0.7087 -0.2472 0.1179  -0.0606 55  GLU A OE2 
263 N N   . LEU A 56  ? 0.5930 0.4944 0.5244 -0.1710 0.0936  -0.0722 56  LEU A N   
264 C CA  . LEU A 56  ? 0.5659 0.4532 0.4792 -0.1505 0.0817  -0.0593 56  LEU A CA  
265 C C   . LEU A 56  ? 0.5632 0.4357 0.4517 -0.1528 0.0876  -0.0494 56  LEU A C   
266 O O   . LEU A 56  ? 0.5942 0.4386 0.4544 -0.1464 0.0805  -0.0385 56  LEU A O   
267 C CB  . LEU A 56  ? 0.5230 0.4373 0.4591 -0.1316 0.0724  -0.0640 56  LEU A CB  
268 C CG  . LEU A 56  ? 0.5255 0.4295 0.4469 -0.1150 0.0631  -0.0534 56  LEU A CG  
269 C CD1 . LEU A 56  ? 0.5191 0.3995 0.4234 -0.1112 0.0563  -0.0485 56  LEU A CD1 
270 C CD2 . LEU A 56  ? 0.4957 0.4156 0.4296 -0.1011 0.0560  -0.0578 56  LEU A CD2 
271 N N   . ALA A 57  ? 0.4914 0.3831 0.3900 -0.1603 0.0992  -0.0555 57  ALA A N   
272 C CA  . ALA A 57  ? 0.5199 0.3970 0.3926 -0.1633 0.1051  -0.0481 57  ALA A CA  
273 C C   . ALA A 57  ? 0.5811 0.4143 0.4106 -0.1776 0.1102  -0.0389 57  ALA A C   
274 O O   . ALA A 57  ? 0.6214 0.4276 0.4187 -0.1704 0.1025  -0.0284 57  ALA A O   
275 C CB  . ALA A 57  ? 0.5130 0.4177 0.4031 -0.1700 0.1191  -0.0596 57  ALA A CB  
276 N N   . LYS A 58  ? 0.6530 0.4765 0.4790 -0.1985 0.1226  -0.0439 58  LYS A N   
277 C CA  . LYS A 58  ? 0.7282 0.4975 0.5025 -0.2135 0.1272  -0.0341 58  LYS A CA  
278 C C   . LYS A 58  ? 0.7354 0.4656 0.4810 -0.1958 0.1056  -0.0223 58  LYS A C   
279 O O   . LYS A 58  ? 0.7945 0.4799 0.4921 -0.1919 0.0989  -0.0116 58  LYS A O   
280 C CB  . LYS A 58  ? 0.7759 0.5497 0.5569 -0.2318 0.1393  -0.0434 58  LYS A CB  
281 C CG  . LYS A 58  ? 0.8758 0.5905 0.5988 -0.2422 0.1401  -0.0339 58  LYS A CG  
282 C CD  . LYS A 58  ? 0.9664 0.6907 0.6936 -0.2662 0.1593  -0.0450 58  LYS A CD  
283 C CE  . LYS A 58  ? 1.0138 0.6993 0.7164 -0.2762 0.1550  -0.0418 58  LYS A CE  
284 N NZ  . LYS A 58  ? 1.0936 0.7849 0.7946 -0.3037 0.1762  -0.0526 58  LYS A NZ  
285 N N   . LYS A 59  ? 0.6893 0.4377 0.4637 -0.1816 0.0931  -0.0263 59  LYS A N   
286 C CA  . LYS A 59  ? 0.6911 0.4130 0.4464 -0.1608 0.0732  -0.0194 59  LYS A CA  
287 C C   . LYS A 59  ? 0.7190 0.4516 0.4728 -0.1393 0.0611  -0.0144 59  LYS A C   
288 O O   . LYS A 59  ? 0.7632 0.4633 0.4847 -0.1262 0.0471  -0.0082 59  LYS A O   
289 C CB  . LYS A 59  ? 0.6830 0.4274 0.4706 -0.1509 0.0655  -0.0269 59  LYS A CB  
290 C CG  . LYS A 59  ? 0.7612 0.4817 0.5412 -0.1692 0.0699  -0.0319 59  LYS A CG  
291 C CD  . LYS A 59  ? 0.7337 0.4812 0.5475 -0.1591 0.0617  -0.0416 59  LYS A CD  
292 C CE  . LYS A 59  ? 0.8482 0.5558 0.6410 -0.1674 0.0564  -0.0442 59  LYS A CE  
293 N NZ  . LYS A 59  ? 0.9040 0.5768 0.6707 -0.2001 0.0710  -0.0436 59  LYS A NZ  
294 N N   . LEU A 60  ? 0.6309 0.4079 0.4190 -0.1352 0.0651  -0.0188 60  LEU A N   
295 C CA  . LEU A 60  ? 0.6563 0.4468 0.4469 -0.1196 0.0551  -0.0161 60  LEU A CA  
296 C C   . LEU A 60  ? 0.6941 0.4550 0.4461 -0.1235 0.0540  -0.0100 60  LEU A C   
297 O O   . LEU A 60  ? 0.7161 0.4685 0.4543 -0.1083 0.0383  -0.0073 60  LEU A O   
298 C CB  . LEU A 60  ? 0.5561 0.3895 0.3832 -0.1179 0.0603  -0.0216 60  LEU A CB  
299 C CG  . LEU A 60  ? 0.5159 0.3727 0.3719 -0.1096 0.0574  -0.0266 60  LEU A CG  
300 C CD1 . LEU A 60  ? 0.4795 0.3649 0.3578 -0.1070 0.0603  -0.0303 60  LEU A CD1 
301 C CD2 . LEU A 60  ? 0.5217 0.3742 0.3742 -0.0938 0.0451  -0.0250 60  LEU A CD2 
302 N N   . LYS A 61  ? 0.6777 0.4247 0.4123 -0.1435 0.0705  -0.0097 61  LYS A N   
303 C CA  . LYS A 61  ? 0.7590 0.4709 0.4474 -0.1495 0.0721  -0.0037 61  LYS A CA  
304 C C   . LYS A 61  ? 0.8561 0.5091 0.4908 -0.1428 0.0573  0.0049  61  LYS A C   
305 O O   . LYS A 61  ? 0.9112 0.5344 0.5065 -0.1350 0.0460  0.0098  61  LYS A O   
306 C CB  . LYS A 61  ? 0.7651 0.4738 0.4438 -0.1751 0.0975  -0.0071 61  LYS A CB  
307 C CG  . LYS A 61  ? 0.7461 0.5027 0.4630 -0.1753 0.1073  -0.0163 61  LYS A CG  
308 C CD  . LYS A 61  ? 0.8122 0.5614 0.5079 -0.1955 0.1300  -0.0203 61  LYS A CD  
309 C CE  . LYS A 61  ? 0.8107 0.5812 0.5325 -0.2124 0.1482  -0.0315 61  LYS A CE  
310 N NZ  . LYS A 61  ? 0.8748 0.6478 0.5843 -0.2250 0.1664  -0.0402 61  LYS A NZ  
311 N N   . ASP A 62  ? 0.9216 0.5539 0.5512 -0.1442 0.0550  0.0058  62  ASP A N   
312 C CA  . ASP A 62  ? 1.0151 0.5850 0.5906 -0.1339 0.0377  0.0130  62  ASP A CA  
313 C C   . ASP A 62  ? 1.0283 0.6143 0.6185 -0.1000 0.0104  0.0102  62  ASP A C   
314 O O   . ASP A 62  ? 1.1131 0.6580 0.6601 -0.0830 -0.0100 0.0136  62  ASP A O   
315 C CB  . ASP A 62  ? 1.0561 0.5956 0.6201 -0.1467 0.0435  0.0132  62  ASP A CB  
316 C CG  . ASP A 62  ? 1.1953 0.6510 0.6858 -0.1420 0.0289  0.0219  62  ASP A CG  
317 O OD1 . ASP A 62  ? 1.3090 0.7112 0.7394 -0.1570 0.0355  0.0302  62  ASP A OD1 
318 O OD2 . ASP A 62  ? 1.2192 0.6576 0.7064 -0.1225 0.0105  0.0202  62  ASP A OD2 
319 N N   . ILE A 63  ? 0.9188 0.5645 0.5687 -0.0901 0.0099  0.0023  63  ILE A N   
320 C CA  . ILE A 63  ? 0.9081 0.5825 0.5820 -0.0622 -0.0104 -0.0040 63  ILE A CA  
321 C C   . ILE A 63  ? 0.9209 0.6105 0.5939 -0.0541 -0.0206 -0.0054 63  ILE A C   
322 O O   . ILE A 63  ? 0.9324 0.6173 0.5964 -0.0309 -0.0436 -0.0096 63  ILE A O   
323 C CB  . ILE A 63  ? 0.8546 0.5873 0.5871 -0.0591 -0.0032 -0.0118 63  ILE A CB  
324 C CG1 . ILE A 63  ? 0.8672 0.5856 0.5987 -0.0493 -0.0087 -0.0148 63  ILE A CG1 
325 C CG2 . ILE A 63  ? 0.7754 0.5549 0.5417 -0.0435 -0.0126 -0.0191 63  ILE A CG2 
326 C CD1 . ILE A 63  ? 0.8795 0.5672 0.5946 -0.0702 0.0042  -0.0112 63  ILE A CD1 
327 N N   . CYS A 64  ? 0.8545 0.5623 0.5370 -0.0718 -0.0050 -0.0040 64  CYS A N   
328 C CA  . CYS A 64  ? 0.8617 0.5851 0.5451 -0.0670 -0.0136 -0.0065 64  CYS A CA  
329 C C   . CYS A 64  ? 0.9630 0.6307 0.5836 -0.0710 -0.0186 0.0003  64  CYS A C   
330 O O   . CYS A 64  ? 0.9879 0.6557 0.5965 -0.0612 -0.0340 -0.0025 64  CYS A O   
331 C CB  . CYS A 64  ? 0.7808 0.5483 0.5031 -0.0815 0.0038  -0.0099 64  CYS A CB  
332 S SG  . CYS A 64  ? 0.8413 0.5894 0.5424 -0.1073 0.0299  -0.0056 64  CYS A SG  
333 N N   . ALA A 65  ? 0.9523 0.5712 0.5303 -0.0866 -0.0053 0.0084  65  ALA A N   
334 C CA  . ALA A 65  ? 1.0217 0.5793 0.5296 -0.0966 -0.0033 0.0164  65  ALA A CA  
335 C C   . ALA A 65  ? 0.9977 0.5761 0.5091 -0.1065 0.0068  0.0139  65  ALA A C   
336 O O   . ALA A 65  ? 1.0443 0.5935 0.5135 -0.0987 -0.0073 0.0155  65  ALA A O   
337 C CB  . ALA A 65  ? 1.0849 0.5890 0.5389 -0.0724 -0.0345 0.0194  65  ALA A CB  
338 N N   . CYS A 66  ? 0.9955 0.6223 0.5554 -0.1211 0.0289  0.0087  66  CYS A N   
339 C CA  . CYS A 66  ? 0.9207 0.5679 0.4867 -0.1298 0.0402  0.0043  66  CYS A CA  
340 C C   . CYS A 66  ? 0.8855 0.5480 0.4669 -0.1526 0.0713  0.0012  66  CYS A C   
341 O O   . CYS A 66  ? 0.8759 0.5438 0.4750 -0.1612 0.0819  0.0010  66  CYS A O   
342 C CB  . CYS A 66  ? 0.8900 0.5920 0.5112 -0.1175 0.0293  -0.0036 66  CYS A CB  
343 S SG  . CYS A 66  ? 0.8226 0.5754 0.5108 -0.1183 0.0392  -0.0081 66  CYS A SG  
344 N N   . GLY A 67  ? 0.9459 0.6183 0.5231 -0.1610 0.0848  -0.0039 67  GLY A N   
345 C CA  . GLY A 67  ? 0.9124 0.6112 0.5136 -0.1785 0.1129  -0.0122 67  GLY A CA  
346 C C   . GLY A 67  ? 0.8220 0.5760 0.4903 -0.1699 0.1111  -0.0206 67  GLY A C   
347 O O   . GLY A 67  ? 0.8026 0.5725 0.4927 -0.1541 0.0919  -0.0195 67  GLY A O   
348 N N   . GLY A 68  ? 0.8071 0.5900 0.5064 -0.1804 0.1307  -0.0302 68  GLY A N   
349 C CA  . GLY A 68  ? 0.7288 0.5561 0.4829 -0.1705 0.1273  -0.0388 68  GLY A CA  
350 C C   . GLY A 68  ? 0.7389 0.5974 0.5237 -0.1808 0.1474  -0.0531 68  GLY A C   
351 O O   . GLY A 68  ? 0.8094 0.6592 0.5789 -0.2000 0.1666  -0.0562 68  GLY A O   
352 N N   . THR A 69  ? 0.7084 0.6021 0.5348 -0.1683 0.1426  -0.0633 69  THR A N   
353 C CA  . THR A 69  ? 0.7029 0.6340 0.5669 -0.1722 0.1560  -0.0810 69  THR A CA  
354 C C   . THR A 69  ? 0.6370 0.5919 0.5388 -0.1546 0.1402  -0.0863 69  THR A C   
355 O O   . THR A 69  ? 0.6549 0.5983 0.5517 -0.1411 0.1234  -0.0775 69  THR A O   
356 C CB  . THR A 69  ? 0.7534 0.7024 0.6205 -0.1708 0.1696  -0.0961 69  THR A CB  
357 O OG1 . THR A 69  ? 0.7222 0.6585 0.5765 -0.1542 0.1548  -0.0919 69  THR A OG1 
358 C CG2 . THR A 69  ? 0.8499 0.7815 0.6814 -0.1923 0.1926  -0.0961 69  THR A CG2 
359 N N   . VAL A 70  ? 0.5712 0.5593 0.5095 -0.1562 0.1460  -0.1023 70  VAL A N   
360 C CA  . VAL A 70  ? 0.5468 0.5561 0.5163 -0.1363 0.1302  -0.1115 70  VAL A CA  
361 C C   . VAL A 70  ? 0.5801 0.6046 0.5580 -0.1216 0.1302  -0.1257 70  VAL A C   
362 O O   . VAL A 70  ? 0.5978 0.6493 0.5918 -0.1271 0.1462  -0.1430 70  VAL A O   
363 C CB  . VAL A 70  ? 0.5247 0.5655 0.5315 -0.1411 0.1322  -0.1263 70  VAL A CB  
364 C CG1 . VAL A 70  ? 0.5692 0.6294 0.6030 -0.1166 0.1133  -0.1387 70  VAL A CG1 
365 C CG2 . VAL A 70  ? 0.5634 0.5821 0.5575 -0.1541 0.1300  -0.1128 70  VAL A CG2 
366 N N   . LYS A 71  ? 0.7046 0.7096 0.6693 -0.1041 0.1136  -0.1194 71  LYS A N   
367 C CA  . LYS A 71  ? 0.7181 0.7258 0.6828 -0.0874 0.1096  -0.1320 71  LYS A CA  
368 C C   . LYS A 71  ? 0.7332 0.7435 0.7126 -0.0649 0.0897  -0.1400 71  LYS A C   
369 O O   . LYS A 71  ? 0.7440 0.7255 0.7040 -0.0594 0.0756  -0.1259 71  LYS A O   
370 C CB  . LYS A 71  ? 0.7360 0.7080 0.6625 -0.0884 0.1064  -0.1184 71  LYS A CB  
371 C CG  . LYS A 71  ? 0.8428 0.8158 0.7579 -0.0870 0.1170  -0.1299 71  LYS A CG  
372 C CD  . LYS A 71  ? 0.8851 0.8496 0.7987 -0.0635 0.1035  -0.1422 71  LYS A CD  
373 C CE  . LYS A 71  ? 0.9580 0.8957 0.8383 -0.0632 0.1050  -0.1418 71  LYS A CE  
374 N NZ  . LYS A 71  ? 0.9412 0.8385 0.7961 -0.0536 0.0855  -0.1335 71  LYS A NZ  
375 N N   . ASP A 72  ? 0.8474 0.8932 0.8606 -0.0521 0.0887  -0.1641 72  ASP A N   
376 C CA  . ASP A 72  ? 0.8989 0.9489 0.9267 -0.0282 0.0668  -0.1751 72  ASP A CA  
377 C C   . ASP A 72  ? 0.8806 0.9222 0.9081 -0.0345 0.0585  -0.1623 72  ASP A C   
378 O O   . ASP A 72  ? 0.8684 0.9347 0.9185 -0.0515 0.0690  -0.1642 72  ASP A O   
379 C CB  . ASP A 72  ? 0.9427 0.9523 0.9377 -0.0054 0.0489  -0.1730 72  ASP A CB  
380 C CG  . ASP A 72  ? 1.0509 1.0709 1.0495 0.0075  0.0532  -0.1921 72  ASP A CG  
381 O OD1 . ASP A 72  ? 1.1071 1.1651 1.1406 0.0264  0.0483  -0.2192 72  ASP A OD1 
382 O OD2 . ASP A 72  ? 1.0298 1.0228 0.9980 -0.0001 0.0607  -0.1823 72  ASP A OD2 
383 N N   . ASN A 73  ? 0.6916 0.6951 0.6900 -0.0223 0.0410  -0.1497 73  ASN A N   
384 C CA  . ASN A 73  ? 0.6798 0.6736 0.6736 -0.0274 0.0346  -0.1381 73  ASN A CA  
385 C C   . ASN A 73  ? 0.6419 0.6064 0.6058 -0.0441 0.0422  -0.1131 73  ASN A C   
386 O O   . ASN A 73  ? 0.6362 0.5794 0.5821 -0.0425 0.0348  -0.1019 73  ASN A O   
387 C CB  . ASN A 73  ? 0.7234 0.6974 0.7046 -0.0031 0.0109  -0.1434 73  ASN A CB  
388 C CG  . ASN A 73  ? 0.7823 0.7956 0.8035 0.0121  -0.0008 -0.1694 73  ASN A CG  
389 O OD1 . ASN A 73  ? 0.7803 0.8359 0.8405 -0.0026 0.0105  -0.1797 73  ASN A OD1 
390 N ND2 . ASN A 73  ? 0.8354 0.8326 0.8450 0.0414  -0.0247 -0.1815 73  ASN A ND2 
391 N N   . THR A 74  ? 0.5091 0.4743 0.4674 -0.0589 0.0568  -0.1067 74  THR A N   
392 C CA  . THR A 74  ? 0.4836 0.4276 0.4187 -0.0722 0.0616  -0.0873 74  THR A CA  
393 C C   . THR A 74  ? 0.4756 0.4308 0.4155 -0.0899 0.0759  -0.0837 74  THR A C   
394 O O   . THR A 74  ? 0.4868 0.4627 0.4429 -0.0955 0.0861  -0.0952 74  THR A O   
395 C CB  . THR A 74  ? 0.5191 0.4384 0.4284 -0.0710 0.0599  -0.0816 74  THR A CB  
396 O OG1 . THR A 74  ? 0.5847 0.5125 0.4953 -0.0757 0.0696  -0.0882 74  THR A OG1 
397 C CG2 . THR A 74  ? 0.5361 0.4336 0.4310 -0.0535 0.0464  -0.0875 74  THR A CG2 
398 N N   . ILE A 75  ? 0.4520 0.3921 0.3751 -0.0984 0.0766  -0.0688 75  ILE A N   
399 C CA  . ILE A 75  ? 0.4979 0.4343 0.4114 -0.1123 0.0861  -0.0633 75  ILE A CA  
400 C C   . ILE A 75  ? 0.5109 0.4312 0.4021 -0.1140 0.0840  -0.0553 75  ILE A C   
401 O O   . ILE A 75  ? 0.5026 0.4159 0.3889 -0.1098 0.0755  -0.0494 75  ILE A O   
402 C CB  . ILE A 75  ? 0.4698 0.3997 0.3817 -0.1165 0.0833  -0.0553 75  ILE A CB  
403 C CG1 . ILE A 75  ? 0.4791 0.4238 0.4129 -0.1168 0.0840  -0.0646 75  ILE A CG1 
404 C CG2 . ILE A 75  ? 0.4844 0.3971 0.3743 -0.1277 0.0890  -0.0478 75  ILE A CG2 
405 C CD1 . ILE A 75  ? 0.5039 0.4377 0.4338 -0.1169 0.0780  -0.0580 75  ILE A CD1 
406 N N   . GLU A 76  ? 0.5496 0.4641 0.4258 -0.1218 0.0924  -0.0565 76  GLU A N   
407 C CA  . GLU A 76  ? 0.5781 0.4768 0.4316 -0.1232 0.0879  -0.0509 76  GLU A CA  
408 C C   . GLU A 76  ? 0.5894 0.4715 0.4192 -0.1310 0.0888  -0.0430 76  GLU A C   
409 O O   . GLU A 76  ? 0.6691 0.5452 0.4879 -0.1399 0.1008  -0.0448 76  GLU A O   
410 C CB  . GLU A 76  ? 0.6014 0.4986 0.4467 -0.1223 0.0941  -0.0602 76  GLU A CB  
411 C CG  . GLU A 76  ? 0.6452 0.5501 0.5062 -0.1107 0.0900  -0.0695 76  GLU A CG  
412 C CD  . GLU A 76  ? 0.7296 0.6257 0.5770 -0.1061 0.0918  -0.0789 76  GLU A CD  
413 O OE1 . GLU A 76  ? 0.7350 0.6260 0.5648 -0.1130 0.1004  -0.0807 76  GLU A OE1 
414 O OE2 . GLU A 76  ? 0.7161 0.6050 0.5649 -0.0947 0.0837  -0.0847 76  GLU A OE2 
415 N N   . LEU A 77  ? 0.5483 0.4219 0.3689 -0.1278 0.0760  -0.0356 77  LEU A N   
416 C CA  . LEU A 77  ? 0.6016 0.4538 0.3950 -0.1293 0.0706  -0.0288 77  LEU A CA  
417 C C   . LEU A 77  ? 0.6879 0.5297 0.4606 -0.1278 0.0607  -0.0288 77  LEU A C   
418 O O   . LEU A 77  ? 0.6303 0.4862 0.4186 -0.1254 0.0538  -0.0321 77  LEU A O   
419 C CB  . LEU A 77  ? 0.5791 0.4347 0.3830 -0.1217 0.0593  -0.0242 77  LEU A CB  
420 C CG  . LEU A 77  ? 0.5882 0.4509 0.4100 -0.1220 0.0653  -0.0245 77  LEU A CG  
421 C CD1 . LEU A 77  ? 0.5799 0.4441 0.4078 -0.1116 0.0530  -0.0214 77  LEU A CD1 
422 C CD2 . LEU A 77  ? 0.6020 0.4454 0.4056 -0.1334 0.0774  -0.0241 77  LEU A CD2 
423 N N   . GLN A 78  ? 0.7418 0.5551 0.4757 -0.1306 0.0596  -0.0257 78  GLN A N   
424 C CA  . GLN A 78  ? 0.7832 0.5831 0.4925 -0.1279 0.0474  -0.0268 78  GLN A CA  
425 C C   . GLN A 78  ? 0.7750 0.5793 0.4893 -0.1168 0.0239  -0.0257 78  GLN A C   
426 O O   . GLN A 78  ? 0.7991 0.5921 0.5052 -0.1096 0.0162  -0.0211 78  GLN A O   
427 C CB  . GLN A 78  ? 0.8719 0.6342 0.5292 -0.1347 0.0556  -0.0246 78  GLN A CB  
428 C CG  . GLN A 78  ? 0.8801 0.6472 0.5407 -0.1470 0.0826  -0.0287 78  GLN A CG  
429 C CD  . GLN A 78  ? 1.0081 0.7478 0.6221 -0.1564 0.0966  -0.0310 78  GLN A CD  
430 O OE1 . GLN A 78  ? 1.0546 0.7591 0.6250 -0.1656 0.1047  -0.0249 78  GLN A OE1 
431 N NE2 . GLN A 78  ? 1.0522 0.8031 0.6703 -0.1549 0.1008  -0.0405 78  GLN A NE2 
432 N N   . GLY A 79  ? 0.6678 0.4899 0.3971 -0.1152 0.0122  -0.0320 79  GLY A N   
433 C CA  . GLY A 79  ? 0.7010 0.5422 0.4484 -0.1057 -0.0090 -0.0362 79  GLY A CA  
434 C C   . GLY A 79  ? 0.6180 0.4983 0.4140 -0.1069 -0.0053 -0.0393 79  GLY A C   
435 O O   . GLY A 79  ? 0.5940 0.4801 0.4042 -0.1135 0.0111  -0.0369 79  GLY A O   
436 N N   . ASP A 80  ? 0.6305 0.5380 0.4507 -0.0997 -0.0207 -0.0465 80  ASP A N   
437 C CA  . ASP A 80  ? 0.5929 0.5382 0.4557 -0.1024 -0.0147 -0.0508 80  ASP A CA  
438 C C   . ASP A 80  ? 0.6109 0.5613 0.4813 -0.0878 -0.0178 -0.0492 80  ASP A C   
439 O O   . ASP A 80  ? 0.6198 0.5797 0.4941 -0.0725 -0.0361 -0.0558 80  ASP A O   
440 C CB  . ASP A 80  ? 0.5979 0.5794 0.4900 -0.1078 -0.0255 -0.0639 80  ASP A CB  
441 C CG  . ASP A 80  ? 0.6076 0.6301 0.5413 -0.1134 -0.0161 -0.0700 80  ASP A CG  
442 O OD1 . ASP A 80  ? 0.5642 0.5830 0.5002 -0.1113 -0.0029 -0.0632 80  ASP A OD1 
443 O OD2 . ASP A 80  ? 0.6194 0.6786 0.5831 -0.1214 -0.0212 -0.0829 80  ASP A OD2 
444 N N   . HIS A 81  ? 0.5982 0.5418 0.4707 -0.0904 -0.0022 -0.0422 81  HIS A N   
445 C CA  . HIS A 81  ? 0.6029 0.5461 0.4792 -0.0776 -0.0043 -0.0411 81  HIS A CA  
446 C C   . HIS A 81  ? 0.5647 0.5313 0.4682 -0.0819 0.0095  -0.0423 81  HIS A C   
447 O O   . HIS A 81  ? 0.5623 0.5186 0.4622 -0.0766 0.0142  -0.0387 81  HIS A O   
448 C CB  . HIS A 81  ? 0.6305 0.5308 0.4710 -0.0763 -0.0009 -0.0316 81  HIS A CB  
449 C CG  . HIS A 81  ? 0.6659 0.5319 0.4665 -0.0766 -0.0092 -0.0281 81  HIS A CG  
450 N ND1 . HIS A 81  ? 0.7240 0.5707 0.5006 -0.0610 -0.0303 -0.0298 81  HIS A ND1 
451 C CD2 . HIS A 81  ? 0.6855 0.5312 0.4627 -0.0889 0.0006  -0.0243 81  HIS A CD2 
452 C CE1 . HIS A 81  ? 0.7580 0.5687 0.4920 -0.0654 -0.0330 -0.0253 81  HIS A CE1 
453 N NE2 . HIS A 81  ? 0.7560 0.5677 0.4911 -0.0832 -0.0127 -0.0223 81  HIS A NE2 
454 N N   . ARG A 82  ? 0.5118 0.5060 0.4381 -0.0928 0.0158  -0.0477 82  ARG A N   
455 C CA  . ARG A 82  ? 0.4882 0.4965 0.4296 -0.0990 0.0302  -0.0480 82  ARG A CA  
456 C C   . ARG A 82  ? 0.4883 0.5144 0.4442 -0.0855 0.0292  -0.0528 82  ARG A C   
457 O O   . ARG A 82  ? 0.4424 0.4568 0.3921 -0.0834 0.0374  -0.0484 82  ARG A O   
458 C CB  . ARG A 82  ? 0.4853 0.5147 0.4421 -0.1162 0.0378  -0.0535 82  ARG A CB  
459 C CG  . ARG A 82  ? 0.4975 0.5007 0.4345 -0.1291 0.0410  -0.0485 82  ARG A CG  
460 C CD  . ARG A 82  ? 0.5631 0.5811 0.5089 -0.1397 0.0337  -0.0565 82  ARG A CD  
461 N NE  . ARG A 82  ? 0.5565 0.5897 0.5150 -0.1591 0.0447  -0.0615 82  ARG A NE  
462 C CZ  . ARG A 82  ? 0.6282 0.6883 0.6065 -0.1728 0.0409  -0.0728 82  ARG A CZ  
463 N NH1 . ARG A 82  ? 0.6049 0.6819 0.5941 -0.1644 0.0226  -0.0811 82  ARG A NH1 
464 N NH2 . ARG A 82  ? 0.6122 0.6807 0.5973 -0.1960 0.0552  -0.0767 82  ARG A NH2 
465 N N   . LYS A 83  ? 0.4718 0.5271 0.4477 -0.0749 0.0179  -0.0638 83  LYS A N   
466 C CA  . LYS A 83  ? 0.4859 0.5619 0.4776 -0.0589 0.0167  -0.0719 83  LYS A CA  
467 C C   . LYS A 83  ? 0.5111 0.5497 0.4769 -0.0420 0.0079  -0.0651 83  LYS A C   
468 O O   . LYS A 83  ? 0.5307 0.5660 0.4958 -0.0360 0.0143  -0.0652 83  LYS A O   
469 C CB  . LYS A 83  ? 0.5430 0.6654 0.5675 -0.0481 0.0046  -0.0897 83  LYS A CB  
470 C CG  . LYS A 83  ? 0.5908 0.7565 0.6466 -0.0700 0.0166  -0.0996 83  LYS A CG  
471 C CD  . LYS A 83  ? 0.6802 0.9062 0.7801 -0.0592 0.0069  -0.1227 83  LYS A CD  
472 C CE  . LYS A 83  ? 0.7215 0.9862 0.8504 -0.0848 0.0136  -0.1335 83  LYS A CE  
473 N NZ  . LYS A 83  ? 0.7607 1.0977 0.9436 -0.0773 0.0074  -0.1607 83  LYS A NZ  
474 N N   . LYS A 84  ? 0.5526 0.5593 0.4925 -0.0363 -0.0062 -0.0597 84  LYS A N   
475 C CA  . LYS A 84  ? 0.5983 0.5581 0.5039 -0.0270 -0.0128 -0.0516 84  LYS A CA  
476 C C   . LYS A 84  ? 0.5458 0.4872 0.4433 -0.0390 0.0035  -0.0431 84  LYS A C   
477 O O   . LYS A 84  ? 0.5494 0.4745 0.4385 -0.0309 0.0027  -0.0429 84  LYS A O   
478 C CB  . LYS A 84  ? 0.6201 0.5435 0.4916 -0.0302 -0.0222 -0.0443 84  LYS A CB  
479 C CG  . LYS A 84  ? 0.7381 0.6303 0.5796 -0.0092 -0.0455 -0.0462 84  LYS A CG  
480 C CD  . LYS A 84  ? 0.7454 0.5931 0.5424 -0.0169 -0.0501 -0.0369 84  LYS A CD  
481 C CE  . LYS A 84  ? 0.7803 0.6445 0.5805 -0.0092 -0.0680 -0.0448 84  LYS A CE  
482 N NZ  . LYS A 84  ? 0.6939 0.6079 0.5359 -0.0245 -0.0569 -0.0508 84  LYS A NZ  
483 N N   . VAL A 85  ? 0.5450 0.4878 0.4443 -0.0568 0.0160  -0.0380 85  VAL A N   
484 C CA  . VAL A 85  ? 0.5095 0.4398 0.4049 -0.0664 0.0284  -0.0331 85  VAL A CA  
485 C C   . VAL A 85  ? 0.4982 0.4460 0.4090 -0.0624 0.0346  -0.0372 85  VAL A C   
486 O O   . VAL A 85  ? 0.4894 0.4226 0.3935 -0.0589 0.0355  -0.0367 85  VAL A O   
487 C CB  . VAL A 85  ? 0.4995 0.4295 0.3941 -0.0814 0.0374  -0.0299 85  VAL A CB  
488 C CG1 . VAL A 85  ? 0.4526 0.3774 0.3494 -0.0866 0.0467  -0.0291 85  VAL A CG1 
489 C CG2 . VAL A 85  ? 0.5176 0.4250 0.3901 -0.0858 0.0341  -0.0263 85  VAL A CG2 
490 N N   . ALA A 86  ? 0.4216 0.3987 0.3503 -0.0650 0.0398  -0.0421 86  ALA A N   
491 C CA  . ALA A 86  ? 0.4262 0.4175 0.3627 -0.0630 0.0486  -0.0463 86  ALA A CA  
492 C C   . ALA A 86  ? 0.4530 0.4431 0.3892 -0.0454 0.0422  -0.0518 86  ALA A C   
493 O O   . ALA A 86  ? 0.4463 0.4243 0.3737 -0.0420 0.0458  -0.0517 86  ALA A O   
494 C CB  . ALA A 86  ? 0.4084 0.4324 0.3627 -0.0714 0.0570  -0.0526 86  ALA A CB  
495 N N   . GLU A 87  ? 0.4604 0.4607 0.4036 -0.0322 0.0304  -0.0580 87  GLU A N   
496 C CA  . GLU A 87  ? 0.5213 0.5156 0.4607 -0.0113 0.0210  -0.0650 87  GLU A CA  
497 C C   . GLU A 87  ? 0.5222 0.4688 0.4325 -0.0097 0.0152  -0.0573 87  GLU A C   
498 O O   . GLU A 87  ? 0.5489 0.4843 0.4520 0.0003  0.0140  -0.0612 87  GLU A O   
499 C CB  . GLU A 87  ? 0.5556 0.5645 0.5042 0.0068  0.0041  -0.0746 87  GLU A CB  
500 C CG  . GLU A 87  ? 0.5949 0.6617 0.5815 0.0063  0.0091  -0.0885 87  GLU A CG  
501 C CD  . GLU A 87  ? 0.6197 0.7200 0.6258 0.0113  0.0230  -0.1004 87  GLU A CD  
502 O OE1 . GLU A 87  ? 0.6345 0.7107 0.6229 0.0210  0.0241  -0.0990 87  GLU A OE1 
503 O OE2 . GLU A 87  ? 0.6086 0.7594 0.6467 0.0040  0.0341  -0.1124 87  GLU A OE2 
504 N N   . GLU A 88  ? 0.5499 0.4692 0.4432 -0.0212 0.0130  -0.0478 88  GLU A N   
505 C CA  . GLU A 88  ? 0.5627 0.4401 0.4311 -0.0259 0.0111  -0.0422 88  GLU A CA  
506 C C   . GLU A 88  ? 0.5464 0.4269 0.4217 -0.0352 0.0214  -0.0423 88  GLU A C   
507 O O   . GLU A 88  ? 0.5448 0.4029 0.4084 -0.0328 0.0183  -0.0443 88  GLU A O   
508 C CB  . GLU A 88  ? 0.6063 0.4578 0.4551 -0.0395 0.0110  -0.0338 88  GLU A CB  
509 C CG  . GLU A 88  ? 0.6402 0.4496 0.4633 -0.0497 0.0122  -0.0297 88  GLU A CG  
510 C CD  . GLU A 88  ? 0.7435 0.5138 0.5380 -0.0345 -0.0023 -0.0311 88  GLU A CD  
511 O OE1 . GLU A 88  ? 0.7839 0.5551 0.5732 -0.0145 -0.0160 -0.0344 88  GLU A OE1 
512 O OE2 . GLU A 88  ? 0.7624 0.5004 0.5395 -0.0419 -0.0014 -0.0307 88  GLU A OE2 
513 N N   . LEU A 89  ? 0.4977 0.4017 0.3882 -0.0449 0.0315  -0.0413 89  LEU A N   
514 C CA  . LEU A 89  ? 0.4869 0.3917 0.3799 -0.0497 0.0374  -0.0427 89  LEU A CA  
515 C C   . LEU A 89  ? 0.5017 0.4088 0.3920 -0.0373 0.0366  -0.0489 89  LEU A C   
516 O O   . LEU A 89  ? 0.5022 0.3955 0.3855 -0.0365 0.0345  -0.0515 89  LEU A O   
517 C CB  . LEU A 89  ? 0.4436 0.3643 0.3444 -0.0586 0.0454  -0.0405 89  LEU A CB  
518 C CG  . LEU A 89  ? 0.4260 0.3435 0.3282 -0.0701 0.0473  -0.0367 89  LEU A CG  
519 C CD1 . LEU A 89  ? 0.4219 0.3485 0.3264 -0.0749 0.0530  -0.0358 89  LEU A CD1 
520 C CD2 . LEU A 89  ? 0.4256 0.3299 0.3268 -0.0758 0.0465  -0.0386 89  LEU A CD2 
521 N N   . VAL A 90  ? 0.4298 0.3573 0.3274 -0.0272 0.0381  -0.0535 90  VAL A N   
522 C CA  . VAL A 90  ? 0.4560 0.3886 0.3504 -0.0141 0.0397  -0.0618 90  VAL A CA  
523 C C   . VAL A 90  ? 0.4990 0.4023 0.3789 -0.0017 0.0272  -0.0651 90  VAL A C   
524 O O   . VAL A 90  ? 0.5163 0.4049 0.3844 0.0037  0.0256  -0.0695 90  VAL A O   
525 C CB  . VAL A 90  ? 0.4661 0.4361 0.3779 -0.0070 0.0465  -0.0699 90  VAL A CB  
526 C CG1 . VAL A 90  ? 0.4994 0.4763 0.4074 0.0091  0.0494  -0.0812 90  VAL A CG1 
527 C CG2 . VAL A 90  ? 0.4303 0.4218 0.3500 -0.0242 0.0613  -0.0667 90  VAL A CG2 
528 N N   . LYS A 91  ? 0.6466 0.5354 0.5216 0.0022  0.0169  -0.0630 91  LYS A N   
529 C CA  . LYS A 91  ? 0.7046 0.5524 0.5562 0.0111  0.0039  -0.0643 91  LYS A CA  
530 C C   . LYS A 91  ? 0.7145 0.5344 0.5540 -0.0040 0.0052  -0.0612 91  LYS A C   
531 O O   . LYS A 91  ? 0.7489 0.5417 0.5722 0.0022  -0.0018 -0.0662 91  LYS A O   
532 C CB  . LYS A 91  ? 0.7592 0.5855 0.5970 0.0128  -0.0065 -0.0592 91  LYS A CB  
533 C CG  . LYS A 91  ? 0.8884 0.6627 0.6920 0.0252  -0.0222 -0.0605 91  LYS A CG  
534 C CD  . LYS A 91  ? 0.9256 0.6731 0.7066 0.0292  -0.0341 -0.0549 91  LYS A CD  
535 C CE  . LYS A 91  ? 0.9496 0.7418 0.7559 0.0476  -0.0399 -0.0624 91  LYS A CE  
536 N NZ  . LYS A 91  ? 1.0544 0.8198 0.8361 0.0544  -0.0556 -0.0584 91  LYS A NZ  
537 N N   . MET A 92  ? 0.6605 0.4905 0.5107 -0.0232 0.0132  -0.0553 92  MET A N   
538 C CA  . MET A 92  ? 0.6533 0.4684 0.5018 -0.0387 0.0141  -0.0561 92  MET A CA  
539 C C   . MET A 92  ? 0.6615 0.4874 0.5160 -0.0350 0.0143  -0.0629 92  MET A C   
540 O O   . MET A 92  ? 0.6949 0.5158 0.5538 -0.0457 0.0123  -0.0668 92  MET A O   
541 C CB  . MET A 92  ? 0.6298 0.4571 0.4906 -0.0570 0.0221  -0.0510 92  MET A CB  
542 C CG  . MET A 92  ? 0.6727 0.4833 0.5207 -0.0642 0.0229  -0.0439 92  MET A CG  
543 S SD  . MET A 92  ? 0.6496 0.4775 0.5119 -0.0848 0.0348  -0.0413 92  MET A SD  
544 C CE  . MET A 92  ? 0.7147 0.5053 0.5455 -0.0953 0.0357  -0.0337 92  MET A CE  
545 N N   . GLY A 93  ? 0.5811 0.4230 0.4353 -0.0207 0.0170  -0.0658 93  GLY A N   
546 C CA  . GLY A 93  ? 0.5727 0.4154 0.4206 -0.0156 0.0165  -0.0719 93  GLY A CA  
547 C C   . GLY A 93  ? 0.5759 0.4370 0.4273 -0.0196 0.0240  -0.0691 93  GLY A C   
548 O O   . GLY A 93  ? 0.5481 0.4026 0.3861 -0.0148 0.0219  -0.0732 93  GLY A O   
549 N N   . PHE A 94  ? 0.5472 0.4248 0.4107 -0.0276 0.0313  -0.0621 94  PHE A N   
550 C CA  . PHE A 94  ? 0.5102 0.3960 0.3699 -0.0317 0.0379  -0.0588 94  PHE A CA  
551 C C   . PHE A 94  ? 0.5222 0.4194 0.3728 -0.0279 0.0498  -0.0588 94  PHE A C   
552 O O   . PHE A 94  ? 0.5349 0.4499 0.3972 -0.0251 0.0545  -0.0604 94  PHE A O   
553 C CB  . PHE A 94  ? 0.5032 0.3977 0.3768 -0.0430 0.0403  -0.0531 94  PHE A CB  
554 C CG  . PHE A 94  ? 0.4976 0.3871 0.3821 -0.0491 0.0331  -0.0559 94  PHE A CG  
555 C CD1 . PHE A 94  ? 0.5177 0.4030 0.4017 -0.0468 0.0257  -0.0625 94  PHE A CD1 
556 C CD2 . PHE A 94  ? 0.4732 0.3616 0.3666 -0.0570 0.0338  -0.0539 94  PHE A CD2 
557 C CE1 . PHE A 94  ? 0.5109 0.4017 0.4129 -0.0538 0.0208  -0.0692 94  PHE A CE1 
558 C CE2 . PHE A 94  ? 0.4781 0.3651 0.3819 -0.0671 0.0320  -0.0582 94  PHE A CE2 
559 C CZ  . PHE A 94  ? 0.5145 0.4078 0.4275 -0.0662 0.0262  -0.0672 94  PHE A CZ  
560 N N   . SER A 95  ? 0.4864 0.3729 0.3142 -0.0279 0.0543  -0.0586 95  SER A N   
561 C CA  . SER A 95  ? 0.5297 0.4246 0.3435 -0.0292 0.0702  -0.0596 95  SER A CA  
562 C C   . SER A 95  ? 0.5519 0.4741 0.3855 -0.0411 0.0826  -0.0568 95  SER A C   
563 O O   . SER A 95  ? 0.5155 0.4346 0.3525 -0.0517 0.0820  -0.0503 95  SER A O   
564 C CB  . SER A 95  ? 0.5731 0.4396 0.3479 -0.0309 0.0729  -0.0572 95  SER A CB  
565 O OG  . SER A 95  ? 0.6748 0.5466 0.4309 -0.0352 0.0921  -0.0592 95  SER A OG  
566 N N   . ARG A 96  ? 0.5750 0.5254 0.4228 -0.0377 0.0923  -0.0642 96  ARG A N   
567 C CA  . ARG A 96  ? 0.5772 0.5623 0.4483 -0.0483 0.1042  -0.0666 96  ARG A CA  
568 C C   . ARG A 96  ? 0.6113 0.5861 0.4615 -0.0688 0.1195  -0.0606 96  ARG A C   
569 O O   . ARG A 96  ? 0.5927 0.5779 0.4553 -0.0832 0.1228  -0.0574 96  ARG A O   
570 C CB  . ARG A 96  ? 0.6039 0.6232 0.4910 -0.0377 0.1132  -0.0808 96  ARG A CB  
571 C CG  . ARG A 96  ? 0.6857 0.7550 0.6089 -0.0447 0.1229  -0.0902 96  ARG A CG  
572 C CD  . ARG A 96  ? 0.7277 0.8349 0.6732 -0.0251 0.1257  -0.1089 96  ARG A CD  
573 N NE  . ARG A 96  ? 0.7413 0.8339 0.6906 0.0002  0.1019  -0.1111 96  ARG A NE  
574 C CZ  . ARG A 96  ? 0.8036 0.9171 0.7683 0.0243  0.0954  -0.1269 96  ARG A CZ  
575 N NH1 . ARG A 96  ? 0.8068 0.9684 0.7929 0.0280  0.1121  -0.1450 96  ARG A NH1 
576 N NH2 . ARG A 96  ? 0.7604 0.8449 0.7171 0.0447  0.0722  -0.1260 96  ARG A NH2 
577 N N   . ASP A 97  ? 0.6324 0.5788 0.4438 -0.0699 0.1269  -0.0588 97  ASP A N   
578 C CA  . ASP A 97  ? 0.6970 0.6197 0.4742 -0.0894 0.1416  -0.0523 97  ASP A CA  
579 C C   . ASP A 97  ? 0.6828 0.5649 0.4381 -0.0918 0.1275  -0.0415 97  ASP A C   
580 O O   . ASP A 97  ? 0.7210 0.5745 0.4437 -0.1069 0.1359  -0.0352 97  ASP A O   
581 C CB  . ASP A 97  ? 0.7697 0.6696 0.5027 -0.0894 0.1557  -0.0546 97  ASP A CB  
582 C CG  . ASP A 97  ? 0.8479 0.7931 0.6032 -0.0883 0.1743  -0.0684 97  ASP A CG  
583 O OD1 . ASP A 97  ? 0.8484 0.8408 0.6445 -0.0988 0.1849  -0.0755 97  ASP A OD1 
584 O OD2 . ASP A 97  ? 0.9026 0.8382 0.6358 -0.0752 0.1770  -0.0744 97  ASP A OD2 
585 N N   . SER A 98  ? 0.5956 0.4743 0.3676 -0.0773 0.1066  -0.0408 98  SER A N   
586 C CA  . SER A 98  ? 0.5893 0.4385 0.3481 -0.0764 0.0930  -0.0349 98  SER A CA  
587 C C   . SER A 98  ? 0.5291 0.3973 0.3174 -0.0857 0.0920  -0.0326 98  SER A C   
588 O O   . SER A 98  ? 0.5419 0.3907 0.3229 -0.0856 0.0830  -0.0294 98  SER A O   
589 C CB  . SER A 98  ? 0.5810 0.4199 0.3433 -0.0584 0.0730  -0.0385 98  SER A CB  
590 O OG  . SER A 98  ? 0.5317 0.3982 0.3349 -0.0557 0.0661  -0.0414 98  SER A OG  
591 N N   . ILE A 99  ? 0.5049 0.4108 0.3251 -0.0916 0.0998  -0.0361 99  ILE A N   
592 C CA  . ILE A 99  ? 0.4717 0.3954 0.3186 -0.0975 0.0956  -0.0351 99  ILE A CA  
593 C C   . ILE A 99  ? 0.5118 0.4481 0.3612 -0.1173 0.1092  -0.0356 99  ILE A C   
594 O O   . ILE A 99  ? 0.5018 0.4627 0.3593 -0.1243 0.1230  -0.0415 99  ILE A O   
595 C CB  . ILE A 99  ? 0.4453 0.3981 0.3244 -0.0871 0.0884  -0.0401 99  ILE A CB  
596 C CG1 . ILE A 99  ? 0.4370 0.3736 0.3133 -0.0733 0.0756  -0.0398 99  ILE A CG1 
597 C CG2 . ILE A 99  ? 0.4271 0.3956 0.3267 -0.0936 0.0844  -0.0397 99  ILE A CG2 
598 C CD1 . ILE A 99  ? 0.4469 0.3966 0.3396 -0.0618 0.0690  -0.0445 99  ILE A CD1 
599 N N   . GLU A 100 ? 0.5238 0.4455 0.3677 -0.1274 0.1063  -0.0315 100 GLU A N   
600 C CA  . GLU A 100 ? 0.5326 0.4673 0.3825 -0.1492 0.1173  -0.0334 100 GLU A CA  
601 C C   . GLU A 100 ? 0.4909 0.4428 0.3665 -0.1501 0.1069  -0.0353 100 GLU A C   
602 O O   . GLU A 100 ? 0.5034 0.4334 0.3706 -0.1433 0.0959  -0.0311 100 GLU A O   
603 C CB  . GLU A 100 ? 0.5936 0.4817 0.3987 -0.1656 0.1252  -0.0271 100 GLU A CB  
604 C CG  . GLU A 100 ? 0.6341 0.5330 0.4435 -0.1941 0.1391  -0.0302 100 GLU A CG  
605 C CD  . GLU A 100 ? 0.7565 0.5951 0.5135 -0.2112 0.1434  -0.0225 100 GLU A CD  
606 O OE1 . GLU A 100 ? 0.7802 0.5686 0.4957 -0.1972 0.1343  -0.0153 100 GLU A OE1 
607 O OE2 . GLU A 100 ? 0.7834 0.6264 0.5447 -0.2298 0.1478  -0.0268 100 GLU A OE2 
608 N N   . ILE A 101 ? 0.4254 0.4187 0.3327 -0.1572 0.1099  -0.0436 101 ILE A N   
609 C CA  . ILE A 101 ? 0.4567 0.4614 0.3808 -0.1600 0.0993  -0.0460 101 ILE A CA  
610 C C   . ILE A 101 ? 0.5057 0.5008 0.4196 -0.1860 0.1081  -0.0471 101 ILE A C   
611 O O   . ILE A 101 ? 0.5183 0.5290 0.4358 -0.2043 0.1239  -0.0523 101 ILE A O   
612 C CB  . ILE A 101 ? 0.4344 0.4865 0.3968 -0.1507 0.0919  -0.0566 101 ILE A CB  
613 C CG1 . ILE A 101 ? 0.4052 0.4533 0.3686 -0.1260 0.0810  -0.0544 101 ILE A CG1 
614 C CG2 . ILE A 101 ? 0.4691 0.5313 0.4440 -0.1557 0.0800  -0.0607 101 ILE A CG2 
615 C CD1 . ILE A 101 ? 0.3875 0.4732 0.3799 -0.1119 0.0713  -0.0655 101 ILE A CD1 
616 N N   . ARG A 102 ? 0.7052 0.6718 0.6031 -0.1891 0.0997  -0.0429 102 ARG A N   
617 C CA  . ARG A 102 ? 0.7626 0.7150 0.6485 -0.2141 0.1051  -0.0449 102 ARG A CA  
618 C C   . ARG A 102 ? 0.7836 0.7641 0.6967 -0.2173 0.0935  -0.0534 102 ARG A C   
619 O O   . ARG A 102 ? 0.8805 0.8837 0.8100 -0.2390 0.0980  -0.0626 102 ARG A O   
620 C CB  . ARG A 102 ? 0.7692 0.6599 0.6087 -0.2149 0.1030  -0.0361 102 ARG A CB  
621 C CG  . ARG A 102 ? 0.8222 0.6771 0.6260 -0.2132 0.1117  -0.0288 102 ARG A CG  
622 C CD  . ARG A 102 ? 0.9149 0.7024 0.6657 -0.2182 0.1091  -0.0225 102 ARG A CD  
623 N NE  . ARG A 102 ? 0.9043 0.6636 0.6371 -0.1902 0.0953  -0.0189 102 ARG A NE  
624 C CZ  . ARG A 102 ? 0.8979 0.6430 0.6285 -0.1762 0.0818  -0.0211 102 ARG A CZ  
625 N NH1 . ARG A 102 ? 0.9362 0.6843 0.6738 -0.1870 0.0795  -0.0248 102 ARG A NH1 
626 N NH2 . ARG A 102 ? 0.9302 0.6599 0.6522 -0.1513 0.0707  -0.0217 102 ARG A NH2 
627 O OXT . ARG A 102 ? 0.7695 0.7503 0.6868 -0.1993 0.0792  -0.0522 102 ARG A OXT 
628 O O   . HOH B .   ? 0.9757 0.5773 0.5711 -0.2172 0.1146  -0.0016 201 HOH A O   
629 O O   . HOH B .   ? 0.7413 0.5309 0.4621 -0.1201 0.0986  -0.0179 202 HOH A O   
630 O O   . HOH B .   ? 0.7000 0.5639 0.5730 -0.0216 0.0113  -0.0871 203 HOH A O   
631 O O   . HOH B .   ? 0.9792 0.7413 0.6121 -0.1363 0.0673  -0.0695 204 HOH A O   
632 O O   . HOH B .   ? 0.7536 0.5532 0.4755 -0.1333 0.0510  -0.0703 205 HOH A O   
633 O O   . HOH B .   ? 0.6698 0.7062 0.6881 -0.0428 0.0214  -0.0763 206 HOH A O   
634 O O   . HOH B .   ? 0.7499 0.7063 0.5978 -0.0021 0.0845  -0.0843 207 HOH A O   
635 O O   . HOH B .   ? 1.5030 0.7967 0.8564 -0.0770 -0.0424 0.0314  208 HOH A O   
636 O O   . HOH B .   ? 0.5233 0.3843 0.3483 -0.0398 0.0372  -0.0514 209 HOH A O   
637 O O   . HOH B .   ? 0.6469 0.5252 0.4985 0.0096  -0.0316 -0.0500 210 HOH A O   
638 O O   . HOH B .   ? 0.5896 0.5738 0.5189 0.0392  0.0092  -0.0884 211 HOH A O   
639 O O   . HOH B .   ? 0.7531 0.7034 0.6058 -0.2437 0.1525  -0.0464 212 HOH A O   
640 O O   . HOH B .   ? 0.7623 0.6062 0.6072 0.0495  -0.0963 -0.1383 213 HOH A O   
641 O O   . HOH B .   ? 0.8250 0.7158 0.7275 -0.0020 -0.0069 -0.1067 214 HOH A O   
642 O O   . HOH B .   ? 0.9225 0.7096 0.7251 -0.0358 0.0198  -0.0761 215 HOH A O   
643 O O   . HOH B .   ? 0.6879 0.5741 0.5527 -0.0782 0.0686  -0.0853 216 HOH A O   
644 O O   . HOH B .   ? 0.5537 0.5689 0.4884 -0.0379 -0.0338 -0.0676 217 HOH A O   
645 O O   . HOH B .   ? 0.9090 0.6907 0.5703 -0.1166 -0.0105 -0.0423 218 HOH A O   
646 O O   . HOH B .   ? 0.7563 0.6834 0.6857 -0.0558 0.0366  -0.0798 219 HOH A O   
647 O O   . HOH B .   ? 0.9374 0.7043 0.6059 -0.1219 0.1176  -0.0175 220 HOH A O   
648 O O   . HOH B .   ? 0.6322 0.5673 0.5186 -0.2069 0.0658  -0.0519 221 HOH A O   
649 O O   . HOH B .   ? 1.0827 0.6091 0.6233 -0.2384 0.1152  -0.0003 222 HOH A O   
650 O O   . HOH B .   ? 0.8834 0.5844 0.5778 -0.0459 0.0188  -0.0368 223 HOH A O   
651 O O   . HOH B .   ? 1.1383 0.7851 0.8324 0.0076  -0.0479 -0.0304 224 HOH A O   
652 O O   . HOH B .   ? 0.6182 0.6653 0.5057 -0.1164 0.1608  -0.0712 225 HOH A O   
653 O O   . HOH B .   ? 0.7921 0.6976 0.6495 0.0085  0.0414  -0.0778 226 HOH A O   
654 O O   . HOH B .   ? 0.8868 0.6057 0.6116 -0.0530 0.0215  -0.0424 227 HOH A O   
655 O O   . HOH B .   ? 0.6784 0.7776 0.6885 -0.2439 0.0611  -0.0965 228 HOH A O   
656 O O   . HOH B .   ? 0.8748 0.6075 0.5941 -0.0061 -0.0107 -0.0563 229 HOH A O   
657 O O   . HOH B .   ? 0.9312 0.7173 0.5860 -0.0510 0.0985  -0.0440 230 HOH A O   
658 O O   . HOH B .   ? 0.5632 0.6931 0.5656 -0.2081 0.1352  -0.0823 231 HOH A O   
659 O O   . HOH B .   ? 0.7239 0.5741 0.6019 -0.0477 0.0110  -0.0751 232 HOH A O   
660 O O   . HOH B .   ? 0.9428 0.7647 0.7315 -0.1026 0.0637  -0.0780 233 HOH A O   
661 O O   . HOH B .   ? 0.9124 1.0297 0.8264 -0.0966 0.1862  -0.1019 234 HOH A O   
662 O O   . HOH B .   ? 0.9852 0.7748 0.6722 -0.1210 0.0844  -0.0921 235 HOH A O   
663 O O   . HOH B .   ? 0.5360 0.6544 0.6684 -0.1117 0.0631  -0.1772 236 HOH A O   
664 O O   . HOH B .   ? 1.2983 0.8296 0.7848 -0.0027 -0.0135 -0.0293 237 HOH A O   
665 O O   . HOH B .   ? 1.0542 0.7781 0.6303 -0.1417 0.0635  -0.0452 238 HOH A O   
# 
